data_7GAR
# 
_entry.id   7GAR 
# 
_audit_conform.dict_name       mmcif_pdbx.dic 
_audit_conform.dict_version    5.396 
_audit_conform.dict_location   http://mmcif.pdb.org/dictionaries/ascii/mmcif_pdbx.dic 
# 
loop_
_database_2.database_id 
_database_2.database_code 
_database_2.pdbx_database_accession 
_database_2.pdbx_DOI 
PDB   7GAR         pdb_00007gar 10.2210/pdb7gar/pdb 
WWPDB D_1001405948 ?            ?                   
# 
_pdbx_audit_revision_history.ordinal             1 
_pdbx_audit_revision_history.data_content_type   'Structure model' 
_pdbx_audit_revision_history.major_revision      1 
_pdbx_audit_revision_history.minor_revision      0 
_pdbx_audit_revision_history.revision_date       2024-09-04 
# 
_pdbx_audit_revision_details.ordinal             1 
_pdbx_audit_revision_details.revision_ordinal    1 
_pdbx_audit_revision_details.data_content_type   'Structure model' 
_pdbx_audit_revision_details.provider            repository 
_pdbx_audit_revision_details.type                'Initial release' 
_pdbx_audit_revision_details.description         ? 
_pdbx_audit_revision_details.details             ? 
# 
_pdbx_database_status.entry_id                        7GAR 
_pdbx_database_status.status_code                     REL 
_pdbx_database_status.status_code_sf                  REL 
_pdbx_database_status.status_code_mr                  ? 
_pdbx_database_status.status_code_cs                  ? 
_pdbx_database_status.recvd_initial_deposition_date   2023-08-10 
_pdbx_database_status.status_code_nmr_data            ? 
_pdbx_database_status.deposit_site                    RCSB 
_pdbx_database_status.process_site                    RCSB 
_pdbx_database_status.SG_entry                        ? 
_pdbx_database_status.pdb_format_compatible           Y 
_pdbx_database_status.methods_development_category    ? 
# 
_pdbx_contact_author.id                 1 
_pdbx_contact_author.email              knapp@pharmchem.uni-frankfurt.de 
_pdbx_contact_author.name_first         Stefan 
_pdbx_contact_author.name_last          Knapp 
_pdbx_contact_author.role               'principal investigator/group leader' 
_pdbx_contact_author.identifier_ORCID   0000-0001-5995-6494 
_pdbx_contact_author.name_mi            ? 
# 
loop_
_audit_author.name 
_audit_author.pdbx_ordinal 
_audit_author.identifier_ORCID 
'Kumar, A.'                            1 ? 
'Marples, P.G.'                        2 ? 
'Tomlinson, C.W.E.'                    3 ? 
'Fearon, D.'                           4 ? 
'von-Delft, F.'                        5 ? 
'Knapp, S.'                            6 ? 
'Structural Genomics Consortium (SGC)' 7 ? 
# 
_citation.id                        primary 
_citation.title                     'PanDDA analysis group deposition' 
_citation.journal_abbrev            'To Be Published' 
_citation.journal_volume            ? 
_citation.page_first                ? 
_citation.page_last                 ? 
_citation.year                      ? 
_citation.journal_id_ASTM           ? 
_citation.country                   ? 
_citation.journal_id_ISSN           ? 
_citation.journal_id_CSD            0353 
_citation.book_publisher            ? 
_citation.pdbx_database_id_PubMed   ? 
_citation.pdbx_database_id_DOI      ? 
# 
loop_
_citation_author.citation_id 
_citation_author.name 
_citation_author.identifier_ORCID 
_citation_author.ordinal 
primary 'Kumar, A.'                            ? 1 
primary 'Knapp, S.'                            ? 2 
primary 'Structural Genomics Consortium (SGC)' ? 3 
# 
loop_
_entity.id 
_entity.type 
_entity.src_method 
_entity.pdbx_description 
_entity.formula_weight 
_entity.pdbx_number_of_molecules 
_entity.pdbx_ec 
_entity.pdbx_mutation 
_entity.pdbx_fragment 
_entity.details 
1 polymer     man 'Microtubule-associated proteins 1A/1B light chain 3B'               14237.361 1  ? TruncationafterGly120 ? ? 
2 non-polymer syn '2-(4-bromanylpyrazol-1-yl)-~{N}-cyclopropyl-~{N}-methyl-ethanamide' 258.115   1  ? ?                     ? ? 
3 non-polymer syn 1,2-ETHANEDIOL                                                       62.068    8  ? ?                     ? ? 
4 non-polymer syn 'CHLORIDE ION'                                                       35.453    1  ? ?                     ? ? 
5 water       nat water                                                                18.015    90 ? ?                     ? ? 
# 
_entity_name_com.entity_id   1 
_entity_name_com.name        
;Autophagy-related protein LC3 B,Autophagy-related ubiquitin-like modifier LC3 B,MAP1 light chain 3-like protein 2,MAP1A/MAP1B light chain 3 B,MAP1A/MAP1B LC3 B,Microtubule-associated protein 1 light chain 3 beta
;
# 
_entity_poly.entity_id                      1 
_entity_poly.type                           'polypeptide(L)' 
_entity_poly.nstd_linkage                   no 
_entity_poly.nstd_monomer                   no 
_entity_poly.pdbx_seq_one_letter_code       
;SMPSEKTFKQRRTFEQRVEDVRLIREQHPTKIPVIIERYKGEKQLPVLDKTKFLVPDHVNMSELIKIIRRRLQLNANQAF
FLLVNGHSMVSVSTPISEVYESEKDEDGFLYMVYASQETFG
;
_entity_poly.pdbx_seq_one_letter_code_can   
;SMPSEKTFKQRRTFEQRVEDVRLIREQHPTKIPVIIERYKGEKQLPVLDKTKFLVPDHVNMSELIKIIRRRLQLNANQAF
FLLVNGHSMVSVSTPISEVYESEKDEDGFLYMVYASQETFG
;
_entity_poly.pdbx_strand_id                 A 
_entity_poly.pdbx_target_identifier         ? 
# 
loop_
_pdbx_entity_nonpoly.entity_id 
_pdbx_entity_nonpoly.name 
_pdbx_entity_nonpoly.comp_id 
2 '2-(4-bromanylpyrazol-1-yl)-~{N}-cyclopropyl-~{N}-methyl-ethanamide' 2NU 
3 1,2-ETHANEDIOL                                                       EDO 
4 'CHLORIDE ION'                                                       CL  
5 water                                                                HOH 
# 
loop_
_entity_poly_seq.entity_id 
_entity_poly_seq.num 
_entity_poly_seq.mon_id 
_entity_poly_seq.hetero 
1 1   SER n 
1 2   MET n 
1 3   PRO n 
1 4   SER n 
1 5   GLU n 
1 6   LYS n 
1 7   THR n 
1 8   PHE n 
1 9   LYS n 
1 10  GLN n 
1 11  ARG n 
1 12  ARG n 
1 13  THR n 
1 14  PHE n 
1 15  GLU n 
1 16  GLN n 
1 17  ARG n 
1 18  VAL n 
1 19  GLU n 
1 20  ASP n 
1 21  VAL n 
1 22  ARG n 
1 23  LEU n 
1 24  ILE n 
1 25  ARG n 
1 26  GLU n 
1 27  GLN n 
1 28  HIS n 
1 29  PRO n 
1 30  THR n 
1 31  LYS n 
1 32  ILE n 
1 33  PRO n 
1 34  VAL n 
1 35  ILE n 
1 36  ILE n 
1 37  GLU n 
1 38  ARG n 
1 39  TYR n 
1 40  LYS n 
1 41  GLY n 
1 42  GLU n 
1 43  LYS n 
1 44  GLN n 
1 45  LEU n 
1 46  PRO n 
1 47  VAL n 
1 48  LEU n 
1 49  ASP n 
1 50  LYS n 
1 51  THR n 
1 52  LYS n 
1 53  PHE n 
1 54  LEU n 
1 55  VAL n 
1 56  PRO n 
1 57  ASP n 
1 58  HIS n 
1 59  VAL n 
1 60  ASN n 
1 61  MET n 
1 62  SER n 
1 63  GLU n 
1 64  LEU n 
1 65  ILE n 
1 66  LYS n 
1 67  ILE n 
1 68  ILE n 
1 69  ARG n 
1 70  ARG n 
1 71  ARG n 
1 72  LEU n 
1 73  GLN n 
1 74  LEU n 
1 75  ASN n 
1 76  ALA n 
1 77  ASN n 
1 78  GLN n 
1 79  ALA n 
1 80  PHE n 
1 81  PHE n 
1 82  LEU n 
1 83  LEU n 
1 84  VAL n 
1 85  ASN n 
1 86  GLY n 
1 87  HIS n 
1 88  SER n 
1 89  MET n 
1 90  VAL n 
1 91  SER n 
1 92  VAL n 
1 93  SER n 
1 94  THR n 
1 95  PRO n 
1 96  ILE n 
1 97  SER n 
1 98  GLU n 
1 99  VAL n 
1 100 TYR n 
1 101 GLU n 
1 102 SER n 
1 103 GLU n 
1 104 LYS n 
1 105 ASP n 
1 106 GLU n 
1 107 ASP n 
1 108 GLY n 
1 109 PHE n 
1 110 LEU n 
1 111 TYR n 
1 112 MET n 
1 113 VAL n 
1 114 TYR n 
1 115 ALA n 
1 116 SER n 
1 117 GLN n 
1 118 GLU n 
1 119 THR n 
1 120 PHE n 
1 121 GLY n 
# 
_entity_src_gen.entity_id                          1 
_entity_src_gen.pdbx_src_id                        1 
_entity_src_gen.pdbx_alt_source_flag               sample 
_entity_src_gen.pdbx_seq_type                      'Biological sequence' 
_entity_src_gen.pdbx_beg_seq_num                   1 
_entity_src_gen.pdbx_end_seq_num                   121 
_entity_src_gen.gene_src_common_name               human 
_entity_src_gen.gene_src_genus                     ? 
_entity_src_gen.pdbx_gene_src_gene                 'MAP1LC3B, MAP1ALC3' 
_entity_src_gen.gene_src_species                   ? 
_entity_src_gen.gene_src_strain                    ? 
_entity_src_gen.gene_src_tissue                    ? 
_entity_src_gen.gene_src_tissue_fraction           ? 
_entity_src_gen.gene_src_details                   ? 
_entity_src_gen.pdbx_gene_src_fragment             ? 
_entity_src_gen.pdbx_gene_src_scientific_name      'Homo sapiens' 
_entity_src_gen.pdbx_gene_src_ncbi_taxonomy_id     9606 
_entity_src_gen.pdbx_gene_src_variant              ? 
_entity_src_gen.pdbx_gene_src_cell_line            ? 
_entity_src_gen.pdbx_gene_src_atcc                 ? 
_entity_src_gen.pdbx_gene_src_organ                ? 
_entity_src_gen.pdbx_gene_src_organelle            ? 
_entity_src_gen.pdbx_gene_src_cell                 ? 
_entity_src_gen.pdbx_gene_src_cellular_location    ? 
_entity_src_gen.host_org_common_name               ? 
_entity_src_gen.pdbx_host_org_scientific_name      'Escherichia coli' 
_entity_src_gen.pdbx_host_org_ncbi_taxonomy_id     562 
_entity_src_gen.host_org_genus                     ? 
_entity_src_gen.pdbx_host_org_gene                 ? 
_entity_src_gen.pdbx_host_org_organ                ? 
_entity_src_gen.host_org_species                   ? 
_entity_src_gen.pdbx_host_org_tissue               ? 
_entity_src_gen.pdbx_host_org_tissue_fraction      ? 
_entity_src_gen.pdbx_host_org_strain               ? 
_entity_src_gen.pdbx_host_org_variant              ? 
_entity_src_gen.pdbx_host_org_cell_line            ? 
_entity_src_gen.pdbx_host_org_atcc                 ? 
_entity_src_gen.pdbx_host_org_culture_collection   ? 
_entity_src_gen.pdbx_host_org_cell                 ? 
_entity_src_gen.pdbx_host_org_organelle            ? 
_entity_src_gen.pdbx_host_org_cellular_location    ? 
_entity_src_gen.pdbx_host_org_vector_type          ? 
_entity_src_gen.pdbx_host_org_vector               ? 
_entity_src_gen.host_org_details                   ? 
_entity_src_gen.expression_system_id               ? 
_entity_src_gen.plasmid_name                       ? 
_entity_src_gen.plasmid_details                    ? 
_entity_src_gen.pdbx_description                   ? 
# 
loop_
_chem_comp.id 
_chem_comp.type 
_chem_comp.mon_nstd_flag 
_chem_comp.name 
_chem_comp.pdbx_synonyms 
_chem_comp.formula 
_chem_comp.formula_weight 
2NU non-polymer         . '2-(4-bromanylpyrazol-1-yl)-~{N}-cyclopropyl-~{N}-methyl-ethanamide' ?                 'C9 H12 Br N3 O' 
258.115 
ALA 'L-peptide linking' y ALANINE                                                              ?                 'C3 H7 N O2'     
89.093  
ARG 'L-peptide linking' y ARGININE                                                             ?                 'C6 H15 N4 O2 1' 
175.209 
ASN 'L-peptide linking' y ASPARAGINE                                                           ?                 'C4 H8 N2 O3'    
132.118 
ASP 'L-peptide linking' y 'ASPARTIC ACID'                                                      ?                 'C4 H7 N O4'     
133.103 
CL  non-polymer         . 'CHLORIDE ION'                                                       ?                 'Cl -1'          
35.453  
EDO non-polymer         . 1,2-ETHANEDIOL                                                       'ETHYLENE GLYCOL' 'C2 H6 O2'       
62.068  
GLN 'L-peptide linking' y GLUTAMINE                                                            ?                 'C5 H10 N2 O3'   
146.144 
GLU 'L-peptide linking' y 'GLUTAMIC ACID'                                                      ?                 'C5 H9 N O4'     
147.129 
GLY 'peptide linking'   y GLYCINE                                                              ?                 'C2 H5 N O2'     
75.067  
HIS 'L-peptide linking' y HISTIDINE                                                            ?                 'C6 H10 N3 O2 1' 
156.162 
HOH non-polymer         . WATER                                                                ?                 'H2 O'           
18.015  
ILE 'L-peptide linking' y ISOLEUCINE                                                           ?                 'C6 H13 N O2'    
131.173 
LEU 'L-peptide linking' y LEUCINE                                                              ?                 'C6 H13 N O2'    
131.173 
LYS 'L-peptide linking' y LYSINE                                                               ?                 'C6 H15 N2 O2 1' 
147.195 
MET 'L-peptide linking' y METHIONINE                                                           ?                 'C5 H11 N O2 S'  
149.211 
PHE 'L-peptide linking' y PHENYLALANINE                                                        ?                 'C9 H11 N O2'    
165.189 
PRO 'L-peptide linking' y PROLINE                                                              ?                 'C5 H9 N O2'     
115.130 
SER 'L-peptide linking' y SERINE                                                               ?                 'C3 H7 N O3'     
105.093 
THR 'L-peptide linking' y THREONINE                                                            ?                 'C4 H9 N O3'     
119.119 
TYR 'L-peptide linking' y TYROSINE                                                             ?                 'C9 H11 N O3'    
181.189 
VAL 'L-peptide linking' y VALINE                                                               ?                 'C5 H11 N O2'    
117.146 
# 
loop_
_pdbx_poly_seq_scheme.asym_id 
_pdbx_poly_seq_scheme.entity_id 
_pdbx_poly_seq_scheme.seq_id 
_pdbx_poly_seq_scheme.mon_id 
_pdbx_poly_seq_scheme.ndb_seq_num 
_pdbx_poly_seq_scheme.pdb_seq_num 
_pdbx_poly_seq_scheme.auth_seq_num 
_pdbx_poly_seq_scheme.pdb_mon_id 
_pdbx_poly_seq_scheme.auth_mon_id 
_pdbx_poly_seq_scheme.pdb_strand_id 
_pdbx_poly_seq_scheme.pdb_ins_code 
_pdbx_poly_seq_scheme.hetero 
A 1 1   SER 1   0   ?   ?   ?   A . n 
A 1 2   MET 2   1   ?   ?   ?   A . n 
A 1 3   PRO 3   2   ?   ?   ?   A . n 
A 1 4   SER 4   3   ?   ?   ?   A . n 
A 1 5   GLU 5   4   ?   ?   ?   A . n 
A 1 6   LYS 6   5   5   LYS LYS A . n 
A 1 7   THR 7   6   6   THR THR A . n 
A 1 8   PHE 8   7   7   PHE PHE A . n 
A 1 9   LYS 9   8   8   LYS LYS A . n 
A 1 10  GLN 10  9   9   GLN GLN A . n 
A 1 11  ARG 11  10  10  ARG ARG A . n 
A 1 12  ARG 12  11  11  ARG ARG A . n 
A 1 13  THR 13  12  12  THR THR A . n 
A 1 14  PHE 14  13  13  PHE PHE A . n 
A 1 15  GLU 15  14  14  GLU GLU A . n 
A 1 16  GLN 16  15  15  GLN GLN A . n 
A 1 17  ARG 17  16  16  ARG ARG A . n 
A 1 18  VAL 18  17  17  VAL VAL A . n 
A 1 19  GLU 19  18  18  GLU GLU A . n 
A 1 20  ASP 20  19  19  ASP ASP A . n 
A 1 21  VAL 21  20  20  VAL VAL A . n 
A 1 22  ARG 22  21  21  ARG ARG A . n 
A 1 23  LEU 23  22  22  LEU LEU A . n 
A 1 24  ILE 24  23  23  ILE ILE A . n 
A 1 25  ARG 25  24  24  ARG ARG A . n 
A 1 26  GLU 26  25  25  GLU GLU A . n 
A 1 27  GLN 27  26  26  GLN GLN A . n 
A 1 28  HIS 28  27  27  HIS HIS A . n 
A 1 29  PRO 29  28  28  PRO PRO A . n 
A 1 30  THR 30  29  29  THR THR A . n 
A 1 31  LYS 31  30  30  LYS LYS A . n 
A 1 32  ILE 32  31  31  ILE ILE A . n 
A 1 33  PRO 33  32  32  PRO PRO A . n 
A 1 34  VAL 34  33  33  VAL VAL A . n 
A 1 35  ILE 35  34  34  ILE ILE A . n 
A 1 36  ILE 36  35  35  ILE ILE A . n 
A 1 37  GLU 37  36  36  GLU GLU A . n 
A 1 38  ARG 38  37  37  ARG ARG A . n 
A 1 39  TYR 39  38  38  TYR TYR A . n 
A 1 40  LYS 40  39  39  LYS LYS A . n 
A 1 41  GLY 41  40  40  GLY GLY A . n 
A 1 42  GLU 42  41  41  GLU GLU A . n 
A 1 43  LYS 43  42  42  LYS LYS A . n 
A 1 44  GLN 44  43  43  GLN GLN A . n 
A 1 45  LEU 45  44  44  LEU LEU A . n 
A 1 46  PRO 46  45  45  PRO PRO A . n 
A 1 47  VAL 47  46  46  VAL VAL A . n 
A 1 48  LEU 48  47  47  LEU LEU A . n 
A 1 49  ASP 49  48  48  ASP ASP A . n 
A 1 50  LYS 50  49  49  LYS LYS A . n 
A 1 51  THR 51  50  50  THR THR A . n 
A 1 52  LYS 52  51  51  LYS LYS A . n 
A 1 53  PHE 53  52  52  PHE PHE A . n 
A 1 54  LEU 54  53  53  LEU LEU A . n 
A 1 55  VAL 55  54  54  VAL VAL A . n 
A 1 56  PRO 56  55  55  PRO PRO A . n 
A 1 57  ASP 57  56  56  ASP ASP A . n 
A 1 58  HIS 58  57  57  HIS HIS A . n 
A 1 59  VAL 59  58  58  VAL VAL A . n 
A 1 60  ASN 60  59  59  ASN ASN A . n 
A 1 61  MET 61  60  60  MET MET A . n 
A 1 62  SER 62  61  61  SER SER A . n 
A 1 63  GLU 63  62  62  GLU GLU A . n 
A 1 64  LEU 64  63  63  LEU LEU A . n 
A 1 65  ILE 65  64  64  ILE ILE A . n 
A 1 66  LYS 66  65  65  LYS LYS A . n 
A 1 67  ILE 67  66  66  ILE ILE A . n 
A 1 68  ILE 68  67  67  ILE ILE A . n 
A 1 69  ARG 69  68  68  ARG ARG A . n 
A 1 70  ARG 70  69  69  ARG ARG A . n 
A 1 71  ARG 71  70  70  ARG ARG A . n 
A 1 72  LEU 72  71  71  LEU LEU A . n 
A 1 73  GLN 73  72  72  GLN GLN A . n 
A 1 74  LEU 74  73  73  LEU LEU A . n 
A 1 75  ASN 75  74  74  ASN ASN A . n 
A 1 76  ALA 76  75  75  ALA ALA A . n 
A 1 77  ASN 77  76  76  ASN ASN A . n 
A 1 78  GLN 78  77  77  GLN GLN A . n 
A 1 79  ALA 79  78  78  ALA ALA A . n 
A 1 80  PHE 80  79  79  PHE PHE A . n 
A 1 81  PHE 81  80  80  PHE PHE A . n 
A 1 82  LEU 82  81  81  LEU LEU A . n 
A 1 83  LEU 83  82  82  LEU LEU A . n 
A 1 84  VAL 84  83  83  VAL VAL A . n 
A 1 85  ASN 85  84  84  ASN ASN A . n 
A 1 86  GLY 86  85  85  GLY GLY A . n 
A 1 87  HIS 87  86  86  HIS HIS A . n 
A 1 88  SER 88  87  87  SER SER A . n 
A 1 89  MET 89  88  88  MET MET A . n 
A 1 90  VAL 90  89  89  VAL VAL A . n 
A 1 91  SER 91  90  90  SER SER A . n 
A 1 92  VAL 92  91  91  VAL VAL A . n 
A 1 93  SER 93  92  92  SER SER A . n 
A 1 94  THR 94  93  93  THR THR A . n 
A 1 95  PRO 95  94  94  PRO PRO A . n 
A 1 96  ILE 96  95  95  ILE ILE A . n 
A 1 97  SER 97  96  96  SER SER A . n 
A 1 98  GLU 98  97  97  GLU GLU A . n 
A 1 99  VAL 99  98  98  VAL VAL A . n 
A 1 100 TYR 100 99  99  TYR TYR A . n 
A 1 101 GLU 101 100 100 GLU GLU A . n 
A 1 102 SER 102 101 101 SER SER A . n 
A 1 103 GLU 103 102 102 GLU GLU A . n 
A 1 104 LYS 104 103 103 LYS LYS A . n 
A 1 105 ASP 105 104 104 ASP ASP A . n 
A 1 106 GLU 106 105 105 GLU GLU A . n 
A 1 107 ASP 107 106 106 ASP ASP A . n 
A 1 108 GLY 108 107 107 GLY GLY A . n 
A 1 109 PHE 109 108 108 PHE PHE A . n 
A 1 110 LEU 110 109 109 LEU LEU A . n 
A 1 111 TYR 111 110 110 TYR TYR A . n 
A 1 112 MET 112 111 111 MET MET A . n 
A 1 113 VAL 113 112 112 VAL VAL A . n 
A 1 114 TYR 114 113 113 TYR TYR A . n 
A 1 115 ALA 115 114 114 ALA ALA A . n 
A 1 116 SER 116 115 115 SER SER A . n 
A 1 117 GLN 117 116 116 GLN GLN A . n 
A 1 118 GLU 118 117 117 GLU GLU A . n 
A 1 119 THR 119 118 118 THR THR A . n 
A 1 120 PHE 120 119 119 PHE PHE A . n 
A 1 121 GLY 121 120 ?   ?   ?   A . n 
# 
_pdbx_entity_instance_feature.ordinal        1 
_pdbx_entity_instance_feature.comp_id        2NU 
_pdbx_entity_instance_feature.asym_id        ? 
_pdbx_entity_instance_feature.seq_num        ? 
_pdbx_entity_instance_feature.auth_comp_id   2NU 
_pdbx_entity_instance_feature.auth_asym_id   ? 
_pdbx_entity_instance_feature.auth_seq_num   ? 
_pdbx_entity_instance_feature.feature_type   'SUBJECT OF INVESTIGATION' 
_pdbx_entity_instance_feature.details        ? 
# 
loop_
_pdbx_nonpoly_scheme.asym_id 
_pdbx_nonpoly_scheme.entity_id 
_pdbx_nonpoly_scheme.mon_id 
_pdbx_nonpoly_scheme.ndb_seq_num 
_pdbx_nonpoly_scheme.pdb_seq_num 
_pdbx_nonpoly_scheme.auth_seq_num 
_pdbx_nonpoly_scheme.pdb_mon_id 
_pdbx_nonpoly_scheme.auth_mon_id 
_pdbx_nonpoly_scheme.pdb_strand_id 
_pdbx_nonpoly_scheme.pdb_ins_code 
B 2 2NU 1  201 201 2NU LIG A . 
C 3 EDO 1  202 105 EDO EDO A . 
D 3 EDO 1  203 107 EDO EDO A . 
E 3 EDO 1  204 108 EDO EDO A . 
F 3 EDO 1  205 109 EDO EDO A . 
G 3 EDO 1  206 110 EDO EDO A . 
H 3 EDO 1  207 111 EDO EDO A . 
I 3 EDO 1  208 112 EDO EDO A . 
J 3 EDO 1  209 113 EDO EDO A . 
K 4 CL  1  210 114 CL  CL  A . 
L 5 HOH 1  301 56  HOH HOH A . 
L 5 HOH 2  302 91  HOH HOH A . 
L 5 HOH 3  303 21  HOH HOH A . 
L 5 HOH 4  304 10  HOH HOH A . 
L 5 HOH 5  305 86  HOH HOH A . 
L 5 HOH 6  306 27  HOH HOH A . 
L 5 HOH 7  307 75  HOH HOH A . 
L 5 HOH 8  308 33  HOH HOH A . 
L 5 HOH 9  309 19  HOH HOH A . 
L 5 HOH 10 310 34  HOH HOH A . 
L 5 HOH 11 311 40  HOH HOH A . 
L 5 HOH 12 312 82  HOH HOH A . 
L 5 HOH 13 313 17  HOH HOH A . 
L 5 HOH 14 314 84  HOH HOH A . 
L 5 HOH 15 315 47  HOH HOH A . 
L 5 HOH 16 316 62  HOH HOH A . 
L 5 HOH 17 317 32  HOH HOH A . 
L 5 HOH 18 318 41  HOH HOH A . 
L 5 HOH 19 319 42  HOH HOH A . 
L 5 HOH 20 320 51  HOH HOH A . 
L 5 HOH 21 321 18  HOH HOH A . 
L 5 HOH 22 322 92  HOH HOH A . 
L 5 HOH 23 323 48  HOH HOH A . 
L 5 HOH 24 324 66  HOH HOH A . 
L 5 HOH 25 325 64  HOH HOH A . 
L 5 HOH 26 326 12  HOH HOH A . 
L 5 HOH 27 327 8   HOH HOH A . 
L 5 HOH 28 328 16  HOH HOH A . 
L 5 HOH 29 329 45  HOH HOH A . 
L 5 HOH 30 330 13  HOH HOH A . 
L 5 HOH 31 331 9   HOH HOH A . 
L 5 HOH 32 332 59  HOH HOH A . 
L 5 HOH 33 333 25  HOH HOH A . 
L 5 HOH 34 334 7   HOH HOH A . 
L 5 HOH 35 335 1   HOH HOH A . 
L 5 HOH 36 336 52  HOH HOH A . 
L 5 HOH 37 337 89  HOH HOH A . 
L 5 HOH 38 338 55  HOH HOH A . 
L 5 HOH 39 339 2   HOH HOH A . 
L 5 HOH 40 340 20  HOH HOH A . 
L 5 HOH 41 341 23  HOH HOH A . 
L 5 HOH 42 342 49  HOH HOH A . 
L 5 HOH 43 343 43  HOH HOH A . 
L 5 HOH 44 344 77  HOH HOH A . 
L 5 HOH 45 345 6   HOH HOH A . 
L 5 HOH 46 346 4   HOH HOH A . 
L 5 HOH 47 347 3   HOH HOH A . 
L 5 HOH 48 348 54  HOH HOH A . 
L 5 HOH 49 349 53  HOH HOH A . 
L 5 HOH 50 350 72  HOH HOH A . 
L 5 HOH 51 351 73  HOH HOH A . 
L 5 HOH 52 352 71  HOH HOH A . 
L 5 HOH 53 353 83  HOH HOH A . 
L 5 HOH 54 354 69  HOH HOH A . 
L 5 HOH 55 355 15  HOH HOH A . 
L 5 HOH 56 356 24  HOH HOH A . 
L 5 HOH 57 357 14  HOH HOH A . 
L 5 HOH 58 358 80  HOH HOH A . 
L 5 HOH 59 359 44  HOH HOH A . 
L 5 HOH 60 360 35  HOH HOH A . 
L 5 HOH 61 361 68  HOH HOH A . 
L 5 HOH 62 362 60  HOH HOH A . 
L 5 HOH 63 363 36  HOH HOH A . 
L 5 HOH 64 364 74  HOH HOH A . 
L 5 HOH 65 365 11  HOH HOH A . 
L 5 HOH 66 366 31  HOH HOH A . 
L 5 HOH 67 367 79  HOH HOH A . 
L 5 HOH 68 368 63  HOH HOH A . 
L 5 HOH 69 369 67  HOH HOH A . 
L 5 HOH 70 370 5   HOH HOH A . 
L 5 HOH 71 371 87  HOH HOH A . 
L 5 HOH 72 372 81  HOH HOH A . 
L 5 HOH 73 373 28  HOH HOH A . 
L 5 HOH 74 374 90  HOH HOH A . 
L 5 HOH 75 375 46  HOH HOH A . 
L 5 HOH 76 376 78  HOH HOH A . 
L 5 HOH 77 377 50  HOH HOH A . 
L 5 HOH 78 378 57  HOH HOH A . 
L 5 HOH 79 379 37  HOH HOH A . 
L 5 HOH 80 380 85  HOH HOH A . 
L 5 HOH 81 381 93  HOH HOH A . 
L 5 HOH 82 382 30  HOH HOH A . 
L 5 HOH 83 383 76  HOH HOH A . 
L 5 HOH 84 384 26  HOH HOH A . 
L 5 HOH 85 385 61  HOH HOH A . 
L 5 HOH 86 386 29  HOH HOH A . 
L 5 HOH 87 387 39  HOH HOH A . 
L 5 HOH 88 388 65  HOH HOH A . 
L 5 HOH 89 389 88  HOH HOH A . 
L 5 HOH 90 390 94  HOH HOH A . 
# 
loop_
_pdbx_unobs_or_zero_occ_atoms.id 
_pdbx_unobs_or_zero_occ_atoms.PDB_model_num 
_pdbx_unobs_or_zero_occ_atoms.polymer_flag 
_pdbx_unobs_or_zero_occ_atoms.occupancy_flag 
_pdbx_unobs_or_zero_occ_atoms.auth_asym_id 
_pdbx_unobs_or_zero_occ_atoms.auth_comp_id 
_pdbx_unobs_or_zero_occ_atoms.auth_seq_id 
_pdbx_unobs_or_zero_occ_atoms.PDB_ins_code 
_pdbx_unobs_or_zero_occ_atoms.auth_atom_id 
_pdbx_unobs_or_zero_occ_atoms.label_alt_id 
_pdbx_unobs_or_zero_occ_atoms.label_asym_id 
_pdbx_unobs_or_zero_occ_atoms.label_comp_id 
_pdbx_unobs_or_zero_occ_atoms.label_seq_id 
_pdbx_unobs_or_zero_occ_atoms.label_atom_id 
1 1 Y 1 A GLN 116 ? CG  ? A GLN 117 CG  
2 1 Y 1 A GLN 116 ? CD  ? A GLN 117 CD  
3 1 Y 1 A GLN 116 ? OE1 ? A GLN 117 OE1 
4 1 Y 1 A GLN 116 ? NE2 ? A GLN 117 NE2 
5 1 Y 1 A THR 118 ? OG1 ? A THR 119 OG1 
6 1 Y 1 A THR 118 ? CG2 ? A THR 119 CG2 
# 
loop_
_software.pdbx_ordinal 
_software.name 
_software.version 
_software.date 
_software.type 
_software.contact_author 
_software.contact_author_email 
_software.classification 
_software.location 
_software.language 
_software.citation_id 
1 REFMAC      5.8.0267 ?               program 'Garib N. Murshudov' garib@ysbl.york.ac.uk    refinement        
http://www.ccp4.ac.uk/dist/html/refmac5.html        Fortran_77 ? 
2 Aimless     0.7.7    23/04/21        program 'Phil Evans'         ?                        'data scaling'    
http://www.mrc-lmb.cam.ac.uk/harry/pre/aimless.html ?          ? 
3 PDB_EXTRACT 3.23     'SEP. 23, 2016' package PDB                  deposit@deposit.rcsb.org 'data extraction' 
http://sw-tools.pdb.org/apps/PDB_EXTRACT/           C++        ? 
4 XDS         .        ?               program ?                    ?                        'data reduction'  ? ?          ? 
5 REFMAC      .        ?               program ?                    ?                        phasing           ? ?          ? 
# 
_cell.entry_id           7GAR 
_cell.length_a           61.026 
_cell.length_b           61.026 
_cell.length_c           35.286 
_cell.angle_alpha        90.000 
_cell.angle_beta         90.000 
_cell.angle_gamma        90.000 
_cell.Z_PDB              4 
_cell.pdbx_unique_axis   ? 
# 
_symmetry.entry_id                         7GAR 
_symmetry.space_group_name_H-M             'P 43' 
_symmetry.pdbx_full_space_group_name_H-M   ? 
_symmetry.cell_setting                     ? 
_symmetry.Int_Tables_number                78 
# 
_exptl.crystals_number   1 
_exptl.entry_id          7GAR 
_exptl.method            'X-RAY DIFFRACTION' 
# 
_exptl_crystal.id                    1 
_exptl_crystal.pdbx_mosaicity        0.000 
_exptl_crystal.pdbx_mosaicity_esd    ? 
_exptl_crystal.density_Matthews      2.22 
_exptl_crystal.density_diffrn        ? 
_exptl_crystal.density_meas          ? 
_exptl_crystal.density_meas_temp     ? 
_exptl_crystal.density_percent_sol   44.60 
_exptl_crystal.size_max              ? 
_exptl_crystal.size_mid              ? 
_exptl_crystal.size_min              ? 
_exptl_crystal.size_rad              ? 
_exptl_crystal.description           ? 
# 
_exptl_crystal_grow.crystal_id      1 
_exptl_crystal_grow.method          'VAPOR DIFFUSION, SITTING DROP' 
_exptl_crystal_grow.pH              4.7 
_exptl_crystal_grow.temp            293 
_exptl_crystal_grow.pdbx_details    '36% PEG 8000, 0.1M acetate pH 4.7' 
_exptl_crystal_grow.temp_details    ? 
_exptl_crystal_grow.pdbx_pH_range   ? 
# 
_diffrn.id                     1 
_diffrn.ambient_temp           100 
_diffrn.crystal_id             1 
_diffrn.ambient_temp_details   ? 
# 
_diffrn_detector.detector               PIXEL 
_diffrn_detector.type                   'DECTRIS PILATUS 6M' 
_diffrn_detector.pdbx_collection_date   2023-02-10 
_diffrn_detector.diffrn_id              1 
_diffrn_detector.details                ? 
# 
_diffrn_radiation.diffrn_id                        1 
_diffrn_radiation.wavelength_id                    1 
_diffrn_radiation.pdbx_diffrn_protocol             'SINGLE WAVELENGTH' 
_diffrn_radiation.pdbx_monochromatic_or_laue_m_l   ? 
_diffrn_radiation.monochromator                    ? 
_diffrn_radiation.pdbx_scattering_type             x-ray 
# 
_diffrn_radiation_wavelength.id           1 
_diffrn_radiation_wavelength.wavelength   0.92124 
_diffrn_radiation_wavelength.wt           1.0 
# 
_diffrn_source.diffrn_id                   1 
_diffrn_source.source                      SYNCHROTRON 
_diffrn_source.type                        'DIAMOND BEAMLINE I04-1' 
_diffrn_source.pdbx_wavelength_list        0.92124 
_diffrn_source.pdbx_synchrotron_site       Diamond 
_diffrn_source.pdbx_synchrotron_beamline   I04-1 
_diffrn_source.pdbx_wavelength             ? 
# 
_reflns.entry_id                     7GAR 
_reflns.pdbx_diffrn_id               1 
_reflns.pdbx_ordinal                 1 
_reflns.observed_criterion_sigma_I   ? 
_reflns.observed_criterion_sigma_F   ? 
_reflns.d_resolution_low             30.580 
_reflns.d_resolution_high            2.070 
_reflns.number_obs                   8083 
_reflns.number_all                   ? 
_reflns.percent_possible_obs         99.800 
_reflns.pdbx_Rmerge_I_obs            0.173 
_reflns.pdbx_Rsym_value              ? 
_reflns.pdbx_netI_over_sigmaI        8.600 
_reflns.B_iso_Wilson_estimate        ? 
_reflns.pdbx_redundancy              13.500 
_reflns.pdbx_Rrim_I_all              0.181 
_reflns.pdbx_Rpim_I_all              0.050 
_reflns.pdbx_CC_half                 0.948 
_reflns.pdbx_netI_over_av_sigmaI     ? 
_reflns.pdbx_number_measured_all     109090 
_reflns.pdbx_scaling_rejects         0 
_reflns.pdbx_chi_squared             ? 
_reflns.Rmerge_F_all                 ? 
_reflns.Rmerge_F_obs                 ? 
_reflns.observed_criterion_F_max     ? 
_reflns.observed_criterion_F_min     ? 
_reflns.observed_criterion_I_max     ? 
_reflns.observed_criterion_I_min     ? 
_reflns.pdbx_d_res_high_opt          ? 
_reflns.pdbx_d_res_low_opt           ? 
_reflns.details                      ? 
_reflns.pdbx_CC_star                 ? 
# 
loop_
_reflns_shell.pdbx_diffrn_id 
_reflns_shell.pdbx_ordinal 
_reflns_shell.d_res_high 
_reflns_shell.d_res_low 
_reflns_shell.number_measured_obs 
_reflns_shell.number_measured_all 
_reflns_shell.number_unique_obs 
_reflns_shell.pdbx_rejects 
_reflns_shell.Rmerge_I_obs 
_reflns_shell.meanI_over_sigI_obs 
_reflns_shell.pdbx_Rsym_value 
_reflns_shell.pdbx_chi_squared 
_reflns_shell.pdbx_redundancy 
_reflns_shell.percent_possible_obs 
_reflns_shell.pdbx_netI_over_sigmaI_obs 
_reflns_shell.number_possible 
_reflns_shell.number_unique_all 
_reflns_shell.Rmerge_F_all 
_reflns_shell.Rmerge_F_obs 
_reflns_shell.Rmerge_I_all 
_reflns_shell.meanI_over_sigI_all 
_reflns_shell.percent_possible_all 
_reflns_shell.pdbx_Rrim_I_all 
_reflns_shell.pdbx_Rpim_I_all 
_reflns_shell.pdbx_CC_half 
_reflns_shell.pdbx_CC_star 
1 1 2.070 2.130  ? 8464 600 ? 7.250 ? ? ? 14.100 ? 0.300  ? ? ? ? ? ? 98.800 7.521 1.991 0.455 ? 
1 2 9.030 30.580 ? 1178 110 ? 0.098 ? ? ? 10.700 ? 40.300 ? ? ? ? ? ? 98.600 0.103 0.031 0.987 ? 
# 
_refine.entry_id                                 7GAR 
_refine.pdbx_refine_id                           'X-RAY DIFFRACTION' 
_refine.ls_d_res_high                            2.0700 
_refine.ls_d_res_low                             30.5700 
_refine.pdbx_ls_sigma_F                          0.000 
_refine.pdbx_data_cutoff_high_absF               ? 
_refine.pdbx_data_cutoff_low_absF                ? 
_refine.ls_percent_reflns_obs                    98.6400 
_refine.ls_number_reflns_obs                     7677 
_refine.ls_number_reflns_all                     ? 
_refine.pdbx_ls_cross_valid_method               THROUGHOUT 
_refine.ls_matrix_type                           ? 
_refine.pdbx_R_Free_selection_details            RANDOM 
_refine.details                                  
'HYDROGENS HAVE BEEN ADDED IN THE RIDING POSITIONS U VALUES      : REFINED INDIVIDUALLY' 
_refine.ls_R_factor_all                          ? 
_refine.ls_R_factor_obs                          0.1938 
_refine.ls_R_factor_R_work                       0.1909 
_refine.ls_wR_factor_R_work                      ? 
_refine.ls_R_factor_R_free                       0.2638 
_refine.ls_wR_factor_R_free                      ? 
_refine.ls_percent_reflns_R_free                 3.8000 
_refine.ls_number_reflns_R_free                  304 
_refine.ls_number_reflns_R_work                  ? 
_refine.ls_R_factor_R_free_error                 ? 
_refine.B_iso_mean                               62.7640 
_refine.solvent_model_param_bsol                 ? 
_refine.solvent_model_param_ksol                 ? 
_refine.pdbx_isotropic_thermal_model             ? 
_refine.aniso_B[1][1]                            -0.4300 
_refine.aniso_B[2][2]                            -0.4300 
_refine.aniso_B[3][3]                            0.8700 
_refine.aniso_B[1][2]                            0.0000 
_refine.aniso_B[1][3]                            0.0000 
_refine.aniso_B[2][3]                            0.0000 
_refine.correlation_coeff_Fo_to_Fc               0.9650 
_refine.correlation_coeff_Fo_to_Fc_free          0.9340 
_refine.overall_SU_R_Cruickshank_DPI             ? 
_refine.pdbx_overall_SU_R_free_Cruickshank_DPI   ? 
_refine.pdbx_overall_SU_R_Blow_DPI               ? 
_refine.pdbx_overall_SU_R_free_Blow_DPI          ? 
_refine.overall_SU_R_free                        ? 
_refine.pdbx_overall_ESU_R                       0.2890 
_refine.pdbx_overall_ESU_R_Free                  0.2280 
_refine.overall_SU_ML                            0.3110 
_refine.overall_SU_B                             14.0110 
_refine.solvent_model_details                    MASK 
_refine.pdbx_solvent_vdw_probe_radii             1.2000 
_refine.pdbx_solvent_ion_probe_radii             0.8000 
_refine.pdbx_solvent_shrinkage_radii             0.8000 
_refine.ls_number_parameters                     ? 
_refine.ls_number_restraints                     ? 
_refine.pdbx_starting_model                      8Q53 
_refine.pdbx_method_to_determine_struct          'FOURIER SYNTHESIS' 
_refine.pdbx_stereochemistry_target_values       'MAXIMUM LIKELIHOOD' 
_refine.pdbx_stereochem_target_val_spec_case     ? 
_refine.overall_FOM_work_R_set                   ? 
_refine.B_iso_max                                170.050 
_refine.B_iso_min                                37.010 
_refine.pdbx_overall_phase_error                 ? 
_refine.occupancy_max                            ? 
_refine.occupancy_min                            ? 
_refine.pdbx_diffrn_id                           1 
_refine.pdbx_TLS_residual_ADP_flag               ? 
_refine.pdbx_ls_sigma_I                          ? 
_refine.pdbx_data_cutoff_high_rms_absF           ? 
_refine.ls_R_factor_R_free_error_details         ? 
# 
_refine_hist.cycle_id                         final 
_refine_hist.pdbx_refine_id                   'X-RAY DIFFRACTION' 
_refine_hist.d_res_high                       2.0700 
_refine_hist.d_res_low                        30.5700 
_refine_hist.pdbx_number_atoms_ligand         47 
_refine_hist.number_atoms_solvent             90 
_refine_hist.number_atoms_total               1091 
_refine_hist.pdbx_number_residues_total       113 
_refine_hist.pdbx_B_iso_mean_ligand           94.15 
_refine_hist.pdbx_B_iso_mean_solvent          72.32 
_refine_hist.pdbx_number_atoms_protein        954 
_refine_hist.pdbx_number_atoms_nucleic_acid   0 
# 
loop_
_refine_ls_restr.pdbx_refine_id 
_refine_ls_restr.type 
_refine_ls_restr.number 
_refine_ls_restr.dev_ideal 
_refine_ls_restr.dev_ideal_target 
_refine_ls_restr.weight 
_refine_ls_restr.pdbx_restraint_function 
'X-RAY DIFFRACTION' r_bond_refined_d       1357 0.007  0.014  ? ? 
'X-RAY DIFFRACTION' r_bond_other_d         1219 0.001  0.014  ? ? 
'X-RAY DIFFRACTION' r_angle_refined_deg    1658 1.507  1.675  ? ? 
'X-RAY DIFFRACTION' r_angle_other_deg      2784 1.146  1.582  ? ? 
'X-RAY DIFFRACTION' r_dihedral_angle_1_deg 156  6.627  5.000  ? ? 
'X-RAY DIFFRACTION' r_dihedral_angle_2_deg 72   27.742 19.167 ? ? 
'X-RAY DIFFRACTION' r_dihedral_angle_3_deg 224  16.394 15.000 ? ? 
'X-RAY DIFFRACTION' r_dihedral_angle_4_deg 15   20.517 15.000 ? ? 
'X-RAY DIFFRACTION' r_chiral_restr         154  0.061  0.200  ? ? 
'X-RAY DIFFRACTION' r_gen_planes_refined   1425 0.006  0.020  ? ? 
'X-RAY DIFFRACTION' r_gen_planes_other     307  0.001  0.020  ? ? 
'X-RAY DIFFRACTION' r_mcbond_it            626  4.040  6.074  ? ? 
'X-RAY DIFFRACTION' r_mcbond_other         619  4.061  6.075  ? ? 
'X-RAY DIFFRACTION' r_mcangle_it           740  6.325  9.136  ? ? 
# 
_refine_ls_shell.d_res_high                       2.0700 
_refine_ls_shell.d_res_low                        2.1240 
_refine_ls_shell.pdbx_total_number_of_bins_used   20 
_refine_ls_shell.percent_reflns_obs               83.7900 
_refine_ls_shell.number_reflns_R_work             479 
_refine_ls_shell.R_factor_all                     ? 
_refine_ls_shell.R_factor_R_work                  0.3920 
_refine_ls_shell.R_factor_R_free                  0.3550 
_refine_ls_shell.percent_reflns_R_free            ? 
_refine_ls_shell.number_reflns_R_free             12 
_refine_ls_shell.R_factor_R_free_error            ? 
_refine_ls_shell.number_reflns_all                491 
_refine_ls_shell.number_reflns_obs                ? 
_refine_ls_shell.pdbx_refine_id                   'X-RAY DIFFRACTION' 
_refine_ls_shell.R_factor_obs                     ? 
# 
_struct.entry_id                  7GAR 
_struct.title                     'PanDDA analysis group deposition -- Crystal Structure of MAP1LC3B in complex with Z820676436' 
_struct.pdbx_model_details        ? 
_struct.pdbx_CASP_flag            ? 
_struct.pdbx_model_type_details   ? 
# 
_struct_keywords.entry_id        7GAR 
_struct_keywords.text            'SGC - Diamond I04-1 fragment screening, PanDDA, XChemExplorer, STRUCTURAL PROTEIN' 
_struct_keywords.pdbx_keywords   'STRUCTURAL PROTEIN' 
# 
loop_
_struct_asym.id 
_struct_asym.pdbx_blank_PDB_chainid_flag 
_struct_asym.pdbx_modified 
_struct_asym.entity_id 
_struct_asym.details 
A N N 1 ? 
B N N 2 ? 
C N N 3 ? 
D N N 3 ? 
E N N 3 ? 
F N N 3 ? 
G N N 3 ? 
H N N 3 ? 
I N N 3 ? 
J N N 3 ? 
K N N 4 ? 
L N N 5 ? 
# 
_struct_ref.id                         1 
_struct_ref.db_name                    UNP 
_struct_ref.db_code                    MLP3B_HUMAN 
_struct_ref.pdbx_db_accession          Q9GZQ8 
_struct_ref.pdbx_db_isoform            ? 
_struct_ref.entity_id                  1 
_struct_ref.pdbx_seq_one_letter_code   
;MPSEKTFKQRRTFEQRVEDVRLIREQHPTKIPVIIERYKGEKQLPVLDKTKFLVPDHVNMSELIKIIRRRLQLNANQAFF
LLVNGHSMVSVSTPISEVYESEKDEDGFLYMVYASQETFG
;
_struct_ref.pdbx_align_begin           1 
# 
_struct_ref_seq.align_id                      1 
_struct_ref_seq.ref_id                        1 
_struct_ref_seq.pdbx_PDB_id_code              7GAR 
_struct_ref_seq.pdbx_strand_id                A 
_struct_ref_seq.seq_align_beg                 2 
_struct_ref_seq.pdbx_seq_align_beg_ins_code   ? 
_struct_ref_seq.seq_align_end                 121 
_struct_ref_seq.pdbx_seq_align_end_ins_code   ? 
_struct_ref_seq.pdbx_db_accession             Q9GZQ8 
_struct_ref_seq.db_align_beg                  1 
_struct_ref_seq.pdbx_db_align_beg_ins_code    ? 
_struct_ref_seq.db_align_end                  120 
_struct_ref_seq.pdbx_db_align_end_ins_code    ? 
_struct_ref_seq.pdbx_auth_seq_align_beg       1 
_struct_ref_seq.pdbx_auth_seq_align_end       120 
# 
_struct_ref_seq_dif.align_id                     1 
_struct_ref_seq_dif.pdbx_pdb_id_code             7GAR 
_struct_ref_seq_dif.mon_id                       SER 
_struct_ref_seq_dif.pdbx_pdb_strand_id           A 
_struct_ref_seq_dif.seq_num                      1 
_struct_ref_seq_dif.pdbx_pdb_ins_code            ? 
_struct_ref_seq_dif.pdbx_seq_db_name             UNP 
_struct_ref_seq_dif.pdbx_seq_db_accession_code   Q9GZQ8 
_struct_ref_seq_dif.db_mon_id                    ? 
_struct_ref_seq_dif.pdbx_seq_db_seq_num          ? 
_struct_ref_seq_dif.details                      'expression tag' 
_struct_ref_seq_dif.pdbx_auth_seq_num            0 
_struct_ref_seq_dif.pdbx_ordinal                 1 
# 
_pdbx_struct_assembly.id                   1 
_pdbx_struct_assembly.details              author_and_software_defined_assembly 
_pdbx_struct_assembly.method_details       PISA 
_pdbx_struct_assembly.oligomeric_details   monomeric 
_pdbx_struct_assembly.oligomeric_count     1 
# 
_pdbx_struct_assembly_gen.assembly_id       1 
_pdbx_struct_assembly_gen.oper_expression   1 
_pdbx_struct_assembly_gen.asym_id_list      A,B,C,D,E,F,G,H,I,J,K,L 
# 
_pdbx_struct_oper_list.id                   1 
_pdbx_struct_oper_list.type                 'identity operation' 
_pdbx_struct_oper_list.name                 1_555 
_pdbx_struct_oper_list.symmetry_operation   x,y,z 
_pdbx_struct_oper_list.matrix[1][1]         1.0000000000 
_pdbx_struct_oper_list.matrix[1][2]         0.0000000000 
_pdbx_struct_oper_list.matrix[1][3]         0.0000000000 
_pdbx_struct_oper_list.vector[1]            0.0000000000 
_pdbx_struct_oper_list.matrix[2][1]         0.0000000000 
_pdbx_struct_oper_list.matrix[2][2]         1.0000000000 
_pdbx_struct_oper_list.matrix[2][3]         0.0000000000 
_pdbx_struct_oper_list.vector[2]            0.0000000000 
_pdbx_struct_oper_list.matrix[3][1]         0.0000000000 
_pdbx_struct_oper_list.matrix[3][2]         0.0000000000 
_pdbx_struct_oper_list.matrix[3][3]         1.0000000000 
_pdbx_struct_oper_list.vector[3]            0.0000000000 
# 
loop_
_struct_conf.conf_type_id 
_struct_conf.id 
_struct_conf.pdbx_PDB_helix_id 
_struct_conf.beg_label_comp_id 
_struct_conf.beg_label_asym_id 
_struct_conf.beg_label_seq_id 
_struct_conf.pdbx_beg_PDB_ins_code 
_struct_conf.end_label_comp_id 
_struct_conf.end_label_asym_id 
_struct_conf.end_label_seq_id 
_struct_conf.pdbx_end_PDB_ins_code 
_struct_conf.beg_auth_comp_id 
_struct_conf.beg_auth_asym_id 
_struct_conf.beg_auth_seq_id 
_struct_conf.end_auth_comp_id 
_struct_conf.end_auth_asym_id 
_struct_conf.end_auth_seq_id 
_struct_conf.pdbx_PDB_helix_class 
_struct_conf.details 
_struct_conf.pdbx_PDB_helix_length 
HELX_P HELX_P1 AA1 THR A 7  ? ARG A 12  ? THR A 6  ARG A 11  1 ? 6  
HELX_P HELX_P2 AA2 THR A 13 ? HIS A 28  ? THR A 12 HIS A 27  1 ? 16 
HELX_P HELX_P3 AA3 ASN A 60 ? LEU A 72  ? ASN A 59 LEU A 71  1 ? 13 
HELX_P HELX_P4 AA4 PRO A 95 ? LYS A 104 ? PRO A 94 LYS A 103 1 ? 10 
# 
_struct_conf_type.id          HELX_P 
_struct_conf_type.criteria    ? 
_struct_conf_type.reference   ? 
# 
_struct_sheet.id               AA1 
_struct_sheet.type             ? 
_struct_sheet.number_strands   5 
_struct_sheet.details          ? 
# 
loop_
_struct_sheet_order.sheet_id 
_struct_sheet_order.range_id_1 
_struct_sheet_order.range_id_2 
_struct_sheet_order.offset 
_struct_sheet_order.sense 
AA1 1 2 ? anti-parallel 
AA1 2 3 ? parallel      
AA1 3 4 ? anti-parallel 
AA1 4 5 ? anti-parallel 
# 
loop_
_struct_sheet_range.sheet_id 
_struct_sheet_range.id 
_struct_sheet_range.beg_label_comp_id 
_struct_sheet_range.beg_label_asym_id 
_struct_sheet_range.beg_label_seq_id 
_struct_sheet_range.pdbx_beg_PDB_ins_code 
_struct_sheet_range.end_label_comp_id 
_struct_sheet_range.end_label_asym_id 
_struct_sheet_range.end_label_seq_id 
_struct_sheet_range.pdbx_end_PDB_ins_code 
_struct_sheet_range.beg_auth_comp_id 
_struct_sheet_range.beg_auth_asym_id 
_struct_sheet_range.beg_auth_seq_id 
_struct_sheet_range.end_auth_comp_id 
_struct_sheet_range.end_auth_asym_id 
_struct_sheet_range.end_auth_seq_id 
AA1 1 LYS A 52  ? PRO A 56  ? LYS A 51  PRO A 55  
AA1 2 LYS A 31  ? ARG A 38  ? LYS A 30  ARG A 37  
AA1 3 LEU A 110 ? ALA A 115 ? LEU A 109 ALA A 114 
AA1 4 PHE A 81  ? VAL A 84  ? PHE A 80  VAL A 83  
AA1 5 HIS A 87  ? SER A 88  ? HIS A 86  SER A 87  
# 
loop_
_pdbx_struct_sheet_hbond.sheet_id 
_pdbx_struct_sheet_hbond.range_id_1 
_pdbx_struct_sheet_hbond.range_id_2 
_pdbx_struct_sheet_hbond.range_1_label_atom_id 
_pdbx_struct_sheet_hbond.range_1_label_comp_id 
_pdbx_struct_sheet_hbond.range_1_label_asym_id 
_pdbx_struct_sheet_hbond.range_1_label_seq_id 
_pdbx_struct_sheet_hbond.range_1_PDB_ins_code 
_pdbx_struct_sheet_hbond.range_1_auth_atom_id 
_pdbx_struct_sheet_hbond.range_1_auth_comp_id 
_pdbx_struct_sheet_hbond.range_1_auth_asym_id 
_pdbx_struct_sheet_hbond.range_1_auth_seq_id 
_pdbx_struct_sheet_hbond.range_2_label_atom_id 
_pdbx_struct_sheet_hbond.range_2_label_comp_id 
_pdbx_struct_sheet_hbond.range_2_label_asym_id 
_pdbx_struct_sheet_hbond.range_2_label_seq_id 
_pdbx_struct_sheet_hbond.range_2_PDB_ins_code 
_pdbx_struct_sheet_hbond.range_2_auth_atom_id 
_pdbx_struct_sheet_hbond.range_2_auth_comp_id 
_pdbx_struct_sheet_hbond.range_2_auth_asym_id 
_pdbx_struct_sheet_hbond.range_2_auth_seq_id 
AA1 1 2 O VAL A 55  ? O VAL A 54  N ILE A 32  ? N ILE A 31  
AA1 2 3 N ILE A 35  ? N ILE A 34  O LEU A 110 ? O LEU A 109 
AA1 3 4 O VAL A 113 ? O VAL A 112 N LEU A 83  ? N LEU A 82  
AA1 4 5 N VAL A 84  ? N VAL A 83  O HIS A 87  ? O HIS A 86  
# 
_pdbx_entry_details.entry_id                   7GAR 
_pdbx_entry_details.compound_details           ? 
_pdbx_entry_details.source_details             ? 
_pdbx_entry_details.nonpolymer_details         ? 
_pdbx_entry_details.sequence_details           ? 
_pdbx_entry_details.has_ligand_of_interest     Y 
_pdbx_entry_details.has_protein_modification   ? 
# 
loop_
_pdbx_validate_close_contact.id 
_pdbx_validate_close_contact.PDB_model_num 
_pdbx_validate_close_contact.auth_atom_id_1 
_pdbx_validate_close_contact.auth_asym_id_1 
_pdbx_validate_close_contact.auth_comp_id_1 
_pdbx_validate_close_contact.auth_seq_id_1 
_pdbx_validate_close_contact.PDB_ins_code_1 
_pdbx_validate_close_contact.label_alt_id_1 
_pdbx_validate_close_contact.auth_atom_id_2 
_pdbx_validate_close_contact.auth_asym_id_2 
_pdbx_validate_close_contact.auth_comp_id_2 
_pdbx_validate_close_contact.auth_seq_id_2 
_pdbx_validate_close_contact.PDB_ins_code_2 
_pdbx_validate_close_contact.label_alt_id_2 
_pdbx_validate_close_contact.dist 
1 1 O   A HOH 352 ? ? O  A HOH 354 ? ? 1.67 
2 1 O   A HOH 363 ? ? O  A HOH 382 ? ? 1.68 
3 1 O   A HOH 333 ? ? O  A HOH 348 ? ? 1.96 
4 1 OG1 A THR 6   ? ? O  A HOH 301 ? ? 2.03 
5 1 OD2 A ASP 104 ? ? O2 A EDO 203 ? ? 2.12 
# 
_pdbx_validate_torsion.id              1 
_pdbx_validate_torsion.PDB_model_num   1 
_pdbx_validate_torsion.auth_comp_id    LEU 
_pdbx_validate_torsion.auth_asym_id    A 
_pdbx_validate_torsion.auth_seq_id     73 
_pdbx_validate_torsion.PDB_ins_code    ? 
_pdbx_validate_torsion.label_alt_id    ? 
_pdbx_validate_torsion.phi             -55.13 
_pdbx_validate_torsion.psi             177.79 
# 
_phasing.method   MR 
# 
loop_
_pdbx_unobs_or_zero_occ_residues.id 
_pdbx_unobs_or_zero_occ_residues.PDB_model_num 
_pdbx_unobs_or_zero_occ_residues.polymer_flag 
_pdbx_unobs_or_zero_occ_residues.occupancy_flag 
_pdbx_unobs_or_zero_occ_residues.auth_asym_id 
_pdbx_unobs_or_zero_occ_residues.auth_comp_id 
_pdbx_unobs_or_zero_occ_residues.auth_seq_id 
_pdbx_unobs_or_zero_occ_residues.PDB_ins_code 
_pdbx_unobs_or_zero_occ_residues.label_asym_id 
_pdbx_unobs_or_zero_occ_residues.label_comp_id 
_pdbx_unobs_or_zero_occ_residues.label_seq_id 
1 1 Y 1 A SER 0   ? A SER 1   
2 1 Y 1 A MET 1   ? A MET 2   
3 1 Y 1 A PRO 2   ? A PRO 3   
4 1 Y 1 A SER 3   ? A SER 4   
5 1 Y 1 A GLU 4   ? A GLU 5   
6 1 Y 1 A GLY 120 ? A GLY 121 
# 
loop_
_chem_comp_atom.comp_id 
_chem_comp_atom.atom_id 
_chem_comp_atom.type_symbol 
_chem_comp_atom.pdbx_aromatic_flag 
_chem_comp_atom.pdbx_stereo_config 
_chem_comp_atom.pdbx_ordinal 
2NU C1   C  N N 1   
2NU C2   C  N N 2   
2NU C3   C  N N 3   
2NU C4   C  Y N 4   
2NU C5   C  Y N 5   
2NU C6   C  Y N 6   
2NU C7   C  N N 7   
2NU C8   C  N N 8   
2NU C9   C  N N 9   
2NU N1   N  N N 10  
2NU N2   N  Y N 11  
2NU N3   N  Y N 12  
2NU O1   O  N N 13  
2NU BR1  BR N N 14  
2NU H2   H  N N 15  
2NU H3   H  N N 16  
2NU H1   H  N N 17  
2NU H5   H  N N 18  
2NU H4   H  N N 19  
2NU H6   H  N N 20  
2NU H7   H  N N 21  
2NU H8   H  N N 22  
2NU H10  H  N N 23  
2NU H9   H  N N 24  
2NU H12  H  N N 25  
2NU H11  H  N N 26  
ALA N    N  N N 27  
ALA CA   C  N S 28  
ALA C    C  N N 29  
ALA O    O  N N 30  
ALA CB   C  N N 31  
ALA OXT  O  N N 32  
ALA H    H  N N 33  
ALA H2   H  N N 34  
ALA HA   H  N N 35  
ALA HB1  H  N N 36  
ALA HB2  H  N N 37  
ALA HB3  H  N N 38  
ALA HXT  H  N N 39  
ARG N    N  N N 40  
ARG CA   C  N S 41  
ARG C    C  N N 42  
ARG O    O  N N 43  
ARG CB   C  N N 44  
ARG CG   C  N N 45  
ARG CD   C  N N 46  
ARG NE   N  N N 47  
ARG CZ   C  N N 48  
ARG NH1  N  N N 49  
ARG NH2  N  N N 50  
ARG OXT  O  N N 51  
ARG H    H  N N 52  
ARG H2   H  N N 53  
ARG HA   H  N N 54  
ARG HB2  H  N N 55  
ARG HB3  H  N N 56  
ARG HG2  H  N N 57  
ARG HG3  H  N N 58  
ARG HD2  H  N N 59  
ARG HD3  H  N N 60  
ARG HE   H  N N 61  
ARG HH11 H  N N 62  
ARG HH12 H  N N 63  
ARG HH21 H  N N 64  
ARG HH22 H  N N 65  
ARG HXT  H  N N 66  
ASN N    N  N N 67  
ASN CA   C  N S 68  
ASN C    C  N N 69  
ASN O    O  N N 70  
ASN CB   C  N N 71  
ASN CG   C  N N 72  
ASN OD1  O  N N 73  
ASN ND2  N  N N 74  
ASN OXT  O  N N 75  
ASN H    H  N N 76  
ASN H2   H  N N 77  
ASN HA   H  N N 78  
ASN HB2  H  N N 79  
ASN HB3  H  N N 80  
ASN HD21 H  N N 81  
ASN HD22 H  N N 82  
ASN HXT  H  N N 83  
ASP N    N  N N 84  
ASP CA   C  N S 85  
ASP C    C  N N 86  
ASP O    O  N N 87  
ASP CB   C  N N 88  
ASP CG   C  N N 89  
ASP OD1  O  N N 90  
ASP OD2  O  N N 91  
ASP OXT  O  N N 92  
ASP H    H  N N 93  
ASP H2   H  N N 94  
ASP HA   H  N N 95  
ASP HB2  H  N N 96  
ASP HB3  H  N N 97  
ASP HD2  H  N N 98  
ASP HXT  H  N N 99  
CL  CL   CL N N 100 
EDO C1   C  N N 101 
EDO O1   O  N N 102 
EDO C2   C  N N 103 
EDO O2   O  N N 104 
EDO H11  H  N N 105 
EDO H12  H  N N 106 
EDO HO1  H  N N 107 
EDO H21  H  N N 108 
EDO H22  H  N N 109 
EDO HO2  H  N N 110 
GLN N    N  N N 111 
GLN CA   C  N S 112 
GLN C    C  N N 113 
GLN O    O  N N 114 
GLN CB   C  N N 115 
GLN CG   C  N N 116 
GLN CD   C  N N 117 
GLN OE1  O  N N 118 
GLN NE2  N  N N 119 
GLN OXT  O  N N 120 
GLN H    H  N N 121 
GLN H2   H  N N 122 
GLN HA   H  N N 123 
GLN HB2  H  N N 124 
GLN HB3  H  N N 125 
GLN HG2  H  N N 126 
GLN HG3  H  N N 127 
GLN HE21 H  N N 128 
GLN HE22 H  N N 129 
GLN HXT  H  N N 130 
GLU N    N  N N 131 
GLU CA   C  N S 132 
GLU C    C  N N 133 
GLU O    O  N N 134 
GLU CB   C  N N 135 
GLU CG   C  N N 136 
GLU CD   C  N N 137 
GLU OE1  O  N N 138 
GLU OE2  O  N N 139 
GLU OXT  O  N N 140 
GLU H    H  N N 141 
GLU H2   H  N N 142 
GLU HA   H  N N 143 
GLU HB2  H  N N 144 
GLU HB3  H  N N 145 
GLU HG2  H  N N 146 
GLU HG3  H  N N 147 
GLU HE2  H  N N 148 
GLU HXT  H  N N 149 
GLY N    N  N N 150 
GLY CA   C  N N 151 
GLY C    C  N N 152 
GLY O    O  N N 153 
GLY OXT  O  N N 154 
GLY H    H  N N 155 
GLY H2   H  N N 156 
GLY HA2  H  N N 157 
GLY HA3  H  N N 158 
GLY HXT  H  N N 159 
HIS N    N  N N 160 
HIS CA   C  N S 161 
HIS C    C  N N 162 
HIS O    O  N N 163 
HIS CB   C  N N 164 
HIS CG   C  Y N 165 
HIS ND1  N  Y N 166 
HIS CD2  C  Y N 167 
HIS CE1  C  Y N 168 
HIS NE2  N  Y N 169 
HIS OXT  O  N N 170 
HIS H    H  N N 171 
HIS H2   H  N N 172 
HIS HA   H  N N 173 
HIS HB2  H  N N 174 
HIS HB3  H  N N 175 
HIS HD1  H  N N 176 
HIS HD2  H  N N 177 
HIS HE1  H  N N 178 
HIS HE2  H  N N 179 
HIS HXT  H  N N 180 
HOH O    O  N N 181 
HOH H1   H  N N 182 
HOH H2   H  N N 183 
ILE N    N  N N 184 
ILE CA   C  N S 185 
ILE C    C  N N 186 
ILE O    O  N N 187 
ILE CB   C  N S 188 
ILE CG1  C  N N 189 
ILE CG2  C  N N 190 
ILE CD1  C  N N 191 
ILE OXT  O  N N 192 
ILE H    H  N N 193 
ILE H2   H  N N 194 
ILE HA   H  N N 195 
ILE HB   H  N N 196 
ILE HG12 H  N N 197 
ILE HG13 H  N N 198 
ILE HG21 H  N N 199 
ILE HG22 H  N N 200 
ILE HG23 H  N N 201 
ILE HD11 H  N N 202 
ILE HD12 H  N N 203 
ILE HD13 H  N N 204 
ILE HXT  H  N N 205 
LEU N    N  N N 206 
LEU CA   C  N S 207 
LEU C    C  N N 208 
LEU O    O  N N 209 
LEU CB   C  N N 210 
LEU CG   C  N N 211 
LEU CD1  C  N N 212 
LEU CD2  C  N N 213 
LEU OXT  O  N N 214 
LEU H    H  N N 215 
LEU H2   H  N N 216 
LEU HA   H  N N 217 
LEU HB2  H  N N 218 
LEU HB3  H  N N 219 
LEU HG   H  N N 220 
LEU HD11 H  N N 221 
LEU HD12 H  N N 222 
LEU HD13 H  N N 223 
LEU HD21 H  N N 224 
LEU HD22 H  N N 225 
LEU HD23 H  N N 226 
LEU HXT  H  N N 227 
LYS N    N  N N 228 
LYS CA   C  N S 229 
LYS C    C  N N 230 
LYS O    O  N N 231 
LYS CB   C  N N 232 
LYS CG   C  N N 233 
LYS CD   C  N N 234 
LYS CE   C  N N 235 
LYS NZ   N  N N 236 
LYS OXT  O  N N 237 
LYS H    H  N N 238 
LYS H2   H  N N 239 
LYS HA   H  N N 240 
LYS HB2  H  N N 241 
LYS HB3  H  N N 242 
LYS HG2  H  N N 243 
LYS HG3  H  N N 244 
LYS HD2  H  N N 245 
LYS HD3  H  N N 246 
LYS HE2  H  N N 247 
LYS HE3  H  N N 248 
LYS HZ1  H  N N 249 
LYS HZ2  H  N N 250 
LYS HZ3  H  N N 251 
LYS HXT  H  N N 252 
MET N    N  N N 253 
MET CA   C  N S 254 
MET C    C  N N 255 
MET O    O  N N 256 
MET CB   C  N N 257 
MET CG   C  N N 258 
MET SD   S  N N 259 
MET CE   C  N N 260 
MET OXT  O  N N 261 
MET H    H  N N 262 
MET H2   H  N N 263 
MET HA   H  N N 264 
MET HB2  H  N N 265 
MET HB3  H  N N 266 
MET HG2  H  N N 267 
MET HG3  H  N N 268 
MET HE1  H  N N 269 
MET HE2  H  N N 270 
MET HE3  H  N N 271 
MET HXT  H  N N 272 
PHE N    N  N N 273 
PHE CA   C  N S 274 
PHE C    C  N N 275 
PHE O    O  N N 276 
PHE CB   C  N N 277 
PHE CG   C  Y N 278 
PHE CD1  C  Y N 279 
PHE CD2  C  Y N 280 
PHE CE1  C  Y N 281 
PHE CE2  C  Y N 282 
PHE CZ   C  Y N 283 
PHE OXT  O  N N 284 
PHE H    H  N N 285 
PHE H2   H  N N 286 
PHE HA   H  N N 287 
PHE HB2  H  N N 288 
PHE HB3  H  N N 289 
PHE HD1  H  N N 290 
PHE HD2  H  N N 291 
PHE HE1  H  N N 292 
PHE HE2  H  N N 293 
PHE HZ   H  N N 294 
PHE HXT  H  N N 295 
PRO N    N  N N 296 
PRO CA   C  N S 297 
PRO C    C  N N 298 
PRO O    O  N N 299 
PRO CB   C  N N 300 
PRO CG   C  N N 301 
PRO CD   C  N N 302 
PRO OXT  O  N N 303 
PRO H    H  N N 304 
PRO HA   H  N N 305 
PRO HB2  H  N N 306 
PRO HB3  H  N N 307 
PRO HG2  H  N N 308 
PRO HG3  H  N N 309 
PRO HD2  H  N N 310 
PRO HD3  H  N N 311 
PRO HXT  H  N N 312 
SER N    N  N N 313 
SER CA   C  N S 314 
SER C    C  N N 315 
SER O    O  N N 316 
SER CB   C  N N 317 
SER OG   O  N N 318 
SER OXT  O  N N 319 
SER H    H  N N 320 
SER H2   H  N N 321 
SER HA   H  N N 322 
SER HB2  H  N N 323 
SER HB3  H  N N 324 
SER HG   H  N N 325 
SER HXT  H  N N 326 
THR N    N  N N 327 
THR CA   C  N S 328 
THR C    C  N N 329 
THR O    O  N N 330 
THR CB   C  N R 331 
THR OG1  O  N N 332 
THR CG2  C  N N 333 
THR OXT  O  N N 334 
THR H    H  N N 335 
THR H2   H  N N 336 
THR HA   H  N N 337 
THR HB   H  N N 338 
THR HG1  H  N N 339 
THR HG21 H  N N 340 
THR HG22 H  N N 341 
THR HG23 H  N N 342 
THR HXT  H  N N 343 
TYR N    N  N N 344 
TYR CA   C  N S 345 
TYR C    C  N N 346 
TYR O    O  N N 347 
TYR CB   C  N N 348 
TYR CG   C  Y N 349 
TYR CD1  C  Y N 350 
TYR CD2  C  Y N 351 
TYR CE1  C  Y N 352 
TYR CE2  C  Y N 353 
TYR CZ   C  Y N 354 
TYR OH   O  N N 355 
TYR OXT  O  N N 356 
TYR H    H  N N 357 
TYR H2   H  N N 358 
TYR HA   H  N N 359 
TYR HB2  H  N N 360 
TYR HB3  H  N N 361 
TYR HD1  H  N N 362 
TYR HD2  H  N N 363 
TYR HE1  H  N N 364 
TYR HE2  H  N N 365 
TYR HH   H  N N 366 
TYR HXT  H  N N 367 
VAL N    N  N N 368 
VAL CA   C  N S 369 
VAL C    C  N N 370 
VAL O    O  N N 371 
VAL CB   C  N N 372 
VAL CG1  C  N N 373 
VAL CG2  C  N N 374 
VAL OXT  O  N N 375 
VAL H    H  N N 376 
VAL H2   H  N N 377 
VAL HA   H  N N 378 
VAL HB   H  N N 379 
VAL HG11 H  N N 380 
VAL HG12 H  N N 381 
VAL HG13 H  N N 382 
VAL HG21 H  N N 383 
VAL HG22 H  N N 384 
VAL HG23 H  N N 385 
VAL HXT  H  N N 386 
# 
loop_
_chem_comp_bond.comp_id 
_chem_comp_bond.atom_id_1 
_chem_comp_bond.atom_id_2 
_chem_comp_bond.value_order 
_chem_comp_bond.pdbx_aromatic_flag 
_chem_comp_bond.pdbx_stereo_config 
_chem_comp_bond.pdbx_ordinal 
2NU BR1 C5   sing N N 1   
2NU C5  C6   sing Y N 2   
2NU C5  C4   doub Y N 3   
2NU C6  N3   doub Y N 4   
2NU C4  N2   sing Y N 5   
2NU N3  N2   sing Y N 6   
2NU N2  C3   sing N N 7   
2NU C9  C8   sing N N 8   
2NU C9  C7   sing N N 9   
2NU C8  C7   sing N N 10  
2NU C1  N1   sing N N 11  
2NU C7  N1   sing N N 12  
2NU C3  C2   sing N N 13  
2NU N1  C2   sing N N 14  
2NU C2  O1   doub N N 15  
2NU C1  H2   sing N N 16  
2NU C1  H3   sing N N 17  
2NU C1  H1   sing N N 18  
2NU C3  H5   sing N N 19  
2NU C3  H4   sing N N 20  
2NU C4  H6   sing N N 21  
2NU C6  H7   sing N N 22  
2NU C7  H8   sing N N 23  
2NU C8  H10  sing N N 24  
2NU C8  H9   sing N N 25  
2NU C9  H12  sing N N 26  
2NU C9  H11  sing N N 27  
ALA N   CA   sing N N 28  
ALA N   H    sing N N 29  
ALA N   H2   sing N N 30  
ALA CA  C    sing N N 31  
ALA CA  CB   sing N N 32  
ALA CA  HA   sing N N 33  
ALA C   O    doub N N 34  
ALA C   OXT  sing N N 35  
ALA CB  HB1  sing N N 36  
ALA CB  HB2  sing N N 37  
ALA CB  HB3  sing N N 38  
ALA OXT HXT  sing N N 39  
ARG N   CA   sing N N 40  
ARG N   H    sing N N 41  
ARG N   H2   sing N N 42  
ARG CA  C    sing N N 43  
ARG CA  CB   sing N N 44  
ARG CA  HA   sing N N 45  
ARG C   O    doub N N 46  
ARG C   OXT  sing N N 47  
ARG CB  CG   sing N N 48  
ARG CB  HB2  sing N N 49  
ARG CB  HB3  sing N N 50  
ARG CG  CD   sing N N 51  
ARG CG  HG2  sing N N 52  
ARG CG  HG3  sing N N 53  
ARG CD  NE   sing N N 54  
ARG CD  HD2  sing N N 55  
ARG CD  HD3  sing N N 56  
ARG NE  CZ   sing N N 57  
ARG NE  HE   sing N N 58  
ARG CZ  NH1  sing N N 59  
ARG CZ  NH2  doub N N 60  
ARG NH1 HH11 sing N N 61  
ARG NH1 HH12 sing N N 62  
ARG NH2 HH21 sing N N 63  
ARG NH2 HH22 sing N N 64  
ARG OXT HXT  sing N N 65  
ASN N   CA   sing N N 66  
ASN N   H    sing N N 67  
ASN N   H2   sing N N 68  
ASN CA  C    sing N N 69  
ASN CA  CB   sing N N 70  
ASN CA  HA   sing N N 71  
ASN C   O    doub N N 72  
ASN C   OXT  sing N N 73  
ASN CB  CG   sing N N 74  
ASN CB  HB2  sing N N 75  
ASN CB  HB3  sing N N 76  
ASN CG  OD1  doub N N 77  
ASN CG  ND2  sing N N 78  
ASN ND2 HD21 sing N N 79  
ASN ND2 HD22 sing N N 80  
ASN OXT HXT  sing N N 81  
ASP N   CA   sing N N 82  
ASP N   H    sing N N 83  
ASP N   H2   sing N N 84  
ASP CA  C    sing N N 85  
ASP CA  CB   sing N N 86  
ASP CA  HA   sing N N 87  
ASP C   O    doub N N 88  
ASP C   OXT  sing N N 89  
ASP CB  CG   sing N N 90  
ASP CB  HB2  sing N N 91  
ASP CB  HB3  sing N N 92  
ASP CG  OD1  doub N N 93  
ASP CG  OD2  sing N N 94  
ASP OD2 HD2  sing N N 95  
ASP OXT HXT  sing N N 96  
EDO C1  O1   sing N N 97  
EDO C1  C2   sing N N 98  
EDO C1  H11  sing N N 99  
EDO C1  H12  sing N N 100 
EDO O1  HO1  sing N N 101 
EDO C2  O2   sing N N 102 
EDO C2  H21  sing N N 103 
EDO C2  H22  sing N N 104 
EDO O2  HO2  sing N N 105 
GLN N   CA   sing N N 106 
GLN N   H    sing N N 107 
GLN N   H2   sing N N 108 
GLN CA  C    sing N N 109 
GLN CA  CB   sing N N 110 
GLN CA  HA   sing N N 111 
GLN C   O    doub N N 112 
GLN C   OXT  sing N N 113 
GLN CB  CG   sing N N 114 
GLN CB  HB2  sing N N 115 
GLN CB  HB3  sing N N 116 
GLN CG  CD   sing N N 117 
GLN CG  HG2  sing N N 118 
GLN CG  HG3  sing N N 119 
GLN CD  OE1  doub N N 120 
GLN CD  NE2  sing N N 121 
GLN NE2 HE21 sing N N 122 
GLN NE2 HE22 sing N N 123 
GLN OXT HXT  sing N N 124 
GLU N   CA   sing N N 125 
GLU N   H    sing N N 126 
GLU N   H2   sing N N 127 
GLU CA  C    sing N N 128 
GLU CA  CB   sing N N 129 
GLU CA  HA   sing N N 130 
GLU C   O    doub N N 131 
GLU C   OXT  sing N N 132 
GLU CB  CG   sing N N 133 
GLU CB  HB2  sing N N 134 
GLU CB  HB3  sing N N 135 
GLU CG  CD   sing N N 136 
GLU CG  HG2  sing N N 137 
GLU CG  HG3  sing N N 138 
GLU CD  OE1  doub N N 139 
GLU CD  OE2  sing N N 140 
GLU OE2 HE2  sing N N 141 
GLU OXT HXT  sing N N 142 
GLY N   CA   sing N N 143 
GLY N   H    sing N N 144 
GLY N   H2   sing N N 145 
GLY CA  C    sing N N 146 
GLY CA  HA2  sing N N 147 
GLY CA  HA3  sing N N 148 
GLY C   O    doub N N 149 
GLY C   OXT  sing N N 150 
GLY OXT HXT  sing N N 151 
HIS N   CA   sing N N 152 
HIS N   H    sing N N 153 
HIS N   H2   sing N N 154 
HIS CA  C    sing N N 155 
HIS CA  CB   sing N N 156 
HIS CA  HA   sing N N 157 
HIS C   O    doub N N 158 
HIS C   OXT  sing N N 159 
HIS CB  CG   sing N N 160 
HIS CB  HB2  sing N N 161 
HIS CB  HB3  sing N N 162 
HIS CG  ND1  sing Y N 163 
HIS CG  CD2  doub Y N 164 
HIS ND1 CE1  doub Y N 165 
HIS ND1 HD1  sing N N 166 
HIS CD2 NE2  sing Y N 167 
HIS CD2 HD2  sing N N 168 
HIS CE1 NE2  sing Y N 169 
HIS CE1 HE1  sing N N 170 
HIS NE2 HE2  sing N N 171 
HIS OXT HXT  sing N N 172 
HOH O   H1   sing N N 173 
HOH O   H2   sing N N 174 
ILE N   CA   sing N N 175 
ILE N   H    sing N N 176 
ILE N   H2   sing N N 177 
ILE CA  C    sing N N 178 
ILE CA  CB   sing N N 179 
ILE CA  HA   sing N N 180 
ILE C   O    doub N N 181 
ILE C   OXT  sing N N 182 
ILE CB  CG1  sing N N 183 
ILE CB  CG2  sing N N 184 
ILE CB  HB   sing N N 185 
ILE CG1 CD1  sing N N 186 
ILE CG1 HG12 sing N N 187 
ILE CG1 HG13 sing N N 188 
ILE CG2 HG21 sing N N 189 
ILE CG2 HG22 sing N N 190 
ILE CG2 HG23 sing N N 191 
ILE CD1 HD11 sing N N 192 
ILE CD1 HD12 sing N N 193 
ILE CD1 HD13 sing N N 194 
ILE OXT HXT  sing N N 195 
LEU N   CA   sing N N 196 
LEU N   H    sing N N 197 
LEU N   H2   sing N N 198 
LEU CA  C    sing N N 199 
LEU CA  CB   sing N N 200 
LEU CA  HA   sing N N 201 
LEU C   O    doub N N 202 
LEU C   OXT  sing N N 203 
LEU CB  CG   sing N N 204 
LEU CB  HB2  sing N N 205 
LEU CB  HB3  sing N N 206 
LEU CG  CD1  sing N N 207 
LEU CG  CD2  sing N N 208 
LEU CG  HG   sing N N 209 
LEU CD1 HD11 sing N N 210 
LEU CD1 HD12 sing N N 211 
LEU CD1 HD13 sing N N 212 
LEU CD2 HD21 sing N N 213 
LEU CD2 HD22 sing N N 214 
LEU CD2 HD23 sing N N 215 
LEU OXT HXT  sing N N 216 
LYS N   CA   sing N N 217 
LYS N   H    sing N N 218 
LYS N   H2   sing N N 219 
LYS CA  C    sing N N 220 
LYS CA  CB   sing N N 221 
LYS CA  HA   sing N N 222 
LYS C   O    doub N N 223 
LYS C   OXT  sing N N 224 
LYS CB  CG   sing N N 225 
LYS CB  HB2  sing N N 226 
LYS CB  HB3  sing N N 227 
LYS CG  CD   sing N N 228 
LYS CG  HG2  sing N N 229 
LYS CG  HG3  sing N N 230 
LYS CD  CE   sing N N 231 
LYS CD  HD2  sing N N 232 
LYS CD  HD3  sing N N 233 
LYS CE  NZ   sing N N 234 
LYS CE  HE2  sing N N 235 
LYS CE  HE3  sing N N 236 
LYS NZ  HZ1  sing N N 237 
LYS NZ  HZ2  sing N N 238 
LYS NZ  HZ3  sing N N 239 
LYS OXT HXT  sing N N 240 
MET N   CA   sing N N 241 
MET N   H    sing N N 242 
MET N   H2   sing N N 243 
MET CA  C    sing N N 244 
MET CA  CB   sing N N 245 
MET CA  HA   sing N N 246 
MET C   O    doub N N 247 
MET C   OXT  sing N N 248 
MET CB  CG   sing N N 249 
MET CB  HB2  sing N N 250 
MET CB  HB3  sing N N 251 
MET CG  SD   sing N N 252 
MET CG  HG2  sing N N 253 
MET CG  HG3  sing N N 254 
MET SD  CE   sing N N 255 
MET CE  HE1  sing N N 256 
MET CE  HE2  sing N N 257 
MET CE  HE3  sing N N 258 
MET OXT HXT  sing N N 259 
PHE N   CA   sing N N 260 
PHE N   H    sing N N 261 
PHE N   H2   sing N N 262 
PHE CA  C    sing N N 263 
PHE CA  CB   sing N N 264 
PHE CA  HA   sing N N 265 
PHE C   O    doub N N 266 
PHE C   OXT  sing N N 267 
PHE CB  CG   sing N N 268 
PHE CB  HB2  sing N N 269 
PHE CB  HB3  sing N N 270 
PHE CG  CD1  doub Y N 271 
PHE CG  CD2  sing Y N 272 
PHE CD1 CE1  sing Y N 273 
PHE CD1 HD1  sing N N 274 
PHE CD2 CE2  doub Y N 275 
PHE CD2 HD2  sing N N 276 
PHE CE1 CZ   doub Y N 277 
PHE CE1 HE1  sing N N 278 
PHE CE2 CZ   sing Y N 279 
PHE CE2 HE2  sing N N 280 
PHE CZ  HZ   sing N N 281 
PHE OXT HXT  sing N N 282 
PRO N   CA   sing N N 283 
PRO N   CD   sing N N 284 
PRO N   H    sing N N 285 
PRO CA  C    sing N N 286 
PRO CA  CB   sing N N 287 
PRO CA  HA   sing N N 288 
PRO C   O    doub N N 289 
PRO C   OXT  sing N N 290 
PRO CB  CG   sing N N 291 
PRO CB  HB2  sing N N 292 
PRO CB  HB3  sing N N 293 
PRO CG  CD   sing N N 294 
PRO CG  HG2  sing N N 295 
PRO CG  HG3  sing N N 296 
PRO CD  HD2  sing N N 297 
PRO CD  HD3  sing N N 298 
PRO OXT HXT  sing N N 299 
SER N   CA   sing N N 300 
SER N   H    sing N N 301 
SER N   H2   sing N N 302 
SER CA  C    sing N N 303 
SER CA  CB   sing N N 304 
SER CA  HA   sing N N 305 
SER C   O    doub N N 306 
SER C   OXT  sing N N 307 
SER CB  OG   sing N N 308 
SER CB  HB2  sing N N 309 
SER CB  HB3  sing N N 310 
SER OG  HG   sing N N 311 
SER OXT HXT  sing N N 312 
THR N   CA   sing N N 313 
THR N   H    sing N N 314 
THR N   H2   sing N N 315 
THR CA  C    sing N N 316 
THR CA  CB   sing N N 317 
THR CA  HA   sing N N 318 
THR C   O    doub N N 319 
THR C   OXT  sing N N 320 
THR CB  OG1  sing N N 321 
THR CB  CG2  sing N N 322 
THR CB  HB   sing N N 323 
THR OG1 HG1  sing N N 324 
THR CG2 HG21 sing N N 325 
THR CG2 HG22 sing N N 326 
THR CG2 HG23 sing N N 327 
THR OXT HXT  sing N N 328 
TYR N   CA   sing N N 329 
TYR N   H    sing N N 330 
TYR N   H2   sing N N 331 
TYR CA  C    sing N N 332 
TYR CA  CB   sing N N 333 
TYR CA  HA   sing N N 334 
TYR C   O    doub N N 335 
TYR C   OXT  sing N N 336 
TYR CB  CG   sing N N 337 
TYR CB  HB2  sing N N 338 
TYR CB  HB3  sing N N 339 
TYR CG  CD1  doub Y N 340 
TYR CG  CD2  sing Y N 341 
TYR CD1 CE1  sing Y N 342 
TYR CD1 HD1  sing N N 343 
TYR CD2 CE2  doub Y N 344 
TYR CD2 HD2  sing N N 345 
TYR CE1 CZ   doub Y N 346 
TYR CE1 HE1  sing N N 347 
TYR CE2 CZ   sing Y N 348 
TYR CE2 HE2  sing N N 349 
TYR CZ  OH   sing N N 350 
TYR OH  HH   sing N N 351 
TYR OXT HXT  sing N N 352 
VAL N   CA   sing N N 353 
VAL N   H    sing N N 354 
VAL N   H2   sing N N 355 
VAL CA  C    sing N N 356 
VAL CA  CB   sing N N 357 
VAL CA  HA   sing N N 358 
VAL C   O    doub N N 359 
VAL C   OXT  sing N N 360 
VAL CB  CG1  sing N N 361 
VAL CB  CG2  sing N N 362 
VAL CB  HB   sing N N 363 
VAL CG1 HG11 sing N N 364 
VAL CG1 HG12 sing N N 365 
VAL CG1 HG13 sing N N 366 
VAL CG2 HG21 sing N N 367 
VAL CG2 HG22 sing N N 368 
VAL CG2 HG23 sing N N 369 
VAL OXT HXT  sing N N 370 
# 
_pdbx_audit_support.ordinal                1 
_pdbx_audit_support.funding_organization   'European Union (EU)' 
_pdbx_audit_support.grant_number           875510 
_pdbx_audit_support.country                'European Union' 
# 
_pdbx_deposit_group.group_id            G_1002273 
_pdbx_deposit_group.group_description   
;MAP1LC3B screened against the DSi-poised Fragment Library by X-ray Crystallography at the XChem facility of Diamond Light Source beamline I04-1
;
_pdbx_deposit_group.group_title         'PanDDA analysis group deposition' 
_pdbx_deposit_group.group_type          'changed state' 
# 
_atom_sites.entry_id                    7GAR 
_atom_sites.fract_transf_matrix[1][1]   -0.00133004 
_atom_sites.fract_transf_matrix[1][2]   -0.01622286 
_atom_sites.fract_transf_matrix[1][3]   -0.00188437 
_atom_sites.fract_transf_matrix[2][1]   0.00873662 
_atom_sites.fract_transf_matrix[2][2]   0.00089061 
_atom_sites.fract_transf_matrix[2][3]   -0.01383399 
_atom_sites.fract_transf_matrix[3][1]   0.02386515 
_atom_sites.fract_transf_matrix[3][2]   -0.00367973 
_atom_sites.fract_transf_matrix[3][3]   0.01483474 
_atom_sites.fract_transf_vector[1]      0.186023 
_atom_sites.fract_transf_vector[2]      -0.379354 
_atom_sites.fract_transf_vector[3]      0.022271 
# 
loop_
_atom_type.symbol 
BR 
C  
CL 
N  
O  
S  
# 
loop_
_atom_site.group_PDB 
_atom_site.id 
_atom_site.type_symbol 
_atom_site.label_atom_id 
_atom_site.label_alt_id 
_atom_site.label_comp_id 
_atom_site.label_asym_id 
_atom_site.label_entity_id 
_atom_site.label_seq_id 
_atom_site.pdbx_PDB_ins_code 
_atom_site.Cartn_x 
_atom_site.Cartn_y 
_atom_site.Cartn_z 
_atom_site.occupancy 
_atom_site.B_iso_or_equiv 
_atom_site.pdbx_formal_charge 
_atom_site.auth_seq_id 
_atom_site.auth_comp_id 
_atom_site.auth_asym_id 
_atom_site.auth_atom_id 
_atom_site.pdbx_PDB_model_num 
ATOM   1    N  N   . LYS A 1 6   ? -4.376  11.987  -11.592 1.00 100.46 ? 5   LYS A N   1 
ATOM   2    C  CA  . LYS A 1 6   ? -3.319  10.929  -11.709 1.00 110.11 ? 5   LYS A CA  1 
ATOM   3    C  C   . LYS A 1 6   ? -3.315  10.005  -10.474 1.00 107.94 ? 5   LYS A C   1 
ATOM   4    O  O   . LYS A 1 6   ? -3.540  8.797   -10.680 1.00 106.65 ? 5   LYS A O   1 
ATOM   5    C  CB  . LYS A 1 6   ? -1.944  11.566  -11.949 1.00 111.03 ? 5   LYS A CB  1 
ATOM   6    C  CG  . LYS A 1 6   ? -1.518  11.630  -13.410 1.00 112.02 ? 5   LYS A CG  1 
ATOM   7    C  CD  . LYS A 1 6   ? -1.421  10.269  -14.064 1.00 118.78 ? 5   LYS A CD  1 
ATOM   8    C  CE  . LYS A 1 6   ? -0.481  10.254  -15.248 1.00 131.94 ? 5   LYS A CE  1 
ATOM   9    N  NZ  . LYS A 1 6   ? -0.961  11.132  -16.340 1.00 141.42 ? 5   LYS A NZ  1 
ATOM   10   N  N   . THR A 1 7   ? -3.055  10.527  -9.261  1.00 101.38 ? 6   THR A N   1 
ATOM   11   C  CA  . THR A 1 7   ? -3.072  9.765   -7.968  1.00 89.70  ? 6   THR A CA  1 
ATOM   12   C  C   . THR A 1 7   ? -4.511  9.357   -7.627  1.00 79.83  ? 6   THR A C   1 
ATOM   13   O  O   . THR A 1 7   ? -5.445  10.040  -8.088  1.00 74.22  ? 6   THR A O   1 
ATOM   14   C  CB  . THR A 1 7   ? -2.501  10.517  -6.744  1.00 92.29  ? 6   THR A CB  1 
ATOM   15   O  OG1 . THR A 1 7   ? -3.479  11.426  -6.233  1.00 75.63  ? 6   THR A OG1 1 
ATOM   16   C  CG2 . THR A 1 7   ? -1.201  11.257  -7.000  1.00 93.27  ? 6   THR A CG2 1 
ATOM   17   N  N   . PHE A 1 8   ? -4.658  8.310   -6.809  1.00 69.80  ? 7   PHE A N   1 
ATOM   18   C  CA  . PHE A 1 8   ? -5.943  7.654   -6.436  1.00 67.26  ? 7   PHE A CA  1 
ATOM   19   C  C   . PHE A 1 8   ? -6.922  8.641   -5.788  1.00 65.04  ? 7   PHE A C   1 
ATOM   20   O  O   . PHE A 1 8   ? -8.110  8.703   -6.216  1.00 63.34  ? 7   PHE A O   1 
ATOM   21   C  CB  . PHE A 1 8   ? -5.695  6.497   -5.459  1.00 64.90  ? 7   PHE A CB  1 
ATOM   22   C  CG  . PHE A 1 8   ? -6.922  5.677   -5.148  1.00 61.33  ? 7   PHE A CG  1 
ATOM   23   C  CD1 . PHE A 1 8   ? -7.515  4.893   -6.125  1.00 59.56  ? 7   PHE A CD1 1 
ATOM   24   C  CD2 . PHE A 1 8   ? -7.506  5.718   -3.894  1.00 59.29  ? 7   PHE A CD2 1 
ATOM   25   C  CE1 . PHE A 1 8   ? -8.646  4.142   -5.842  1.00 62.35  ? 7   PHE A CE1 1 
ATOM   26   C  CE2 . PHE A 1 8   ? -8.646  4.974   -3.620  1.00 61.23  ? 7   PHE A CE2 1 
ATOM   27   C  CZ  . PHE A 1 8   ? -9.209  4.182   -4.591  1.00 56.25  ? 7   PHE A CZ  1 
ATOM   28   N  N   . LYS A 1 9   ? -6.469  9.344   -4.741  1.00 64.75  ? 8   LYS A N   1 
ATOM   29   C  CA  . LYS A 1 9   ? -7.328  10.282  -3.965  1.00 69.31  ? 8   LYS A CA  1 
ATOM   30   C  C   . LYS A 1 9   ? -7.929  11.321  -4.925  1.00 69.44  ? 8   LYS A C   1 
ATOM   31   O  O   . LYS A 1 9   ? -9.085  11.723  -4.702  1.00 69.90  ? 8   LYS A O   1 
ATOM   32   C  CB  . LYS A 1 9   ? -6.543  10.949  -2.832  1.00 65.26  ? 8   LYS A CB  1 
ATOM   33   C  CG  . LYS A 1 9   ? -6.318  10.087  -1.607  1.00 67.80  ? 8   LYS A CG  1 
ATOM   34   C  CD  . LYS A 1 9   ? -5.995  10.890  -0.374  1.00 66.08  ? 8   LYS A CD  1 
ATOM   35   C  CE  . LYS A 1 9   ? -6.106  10.082  0.900   1.00 70.56  ? 8   LYS A CE  1 
ATOM   36   N  NZ  . LYS A 1 9   ? -5.410  10.720  2.044   1.00 75.65  ? 8   LYS A NZ  1 
ATOM   37   N  N   . GLN A 1 10  ? -7.151  11.717  -5.942  1.00 69.28  ? 9   GLN A N   1 
ATOM   38   C  CA  . GLN A 1 10  ? -7.516  12.641  -7.052  1.00 68.16  ? 9   GLN A CA  1 
ATOM   39   C  C   . GLN A 1 10  ? -8.590  12.049  -7.969  1.00 67.72  ? 9   GLN A C   1 
ATOM   40   O  O   . GLN A 1 10  ? -9.492  12.786  -8.371  1.00 74.69  ? 9   GLN A O   1 
ATOM   41   C  CB  . GLN A 1 10  ? -6.306  12.967  -7.927  1.00 65.45  ? 9   GLN A CB  1 
ATOM   42   C  CG  . GLN A 1 10  ? -5.241  13.779  -7.202  1.00 68.90  ? 9   GLN A CG  1 
ATOM   43   C  CD  . GLN A 1 10  ? -3.974  13.945  -8.010  1.00 73.72  ? 9   GLN A CD  1 
ATOM   44   O  OE1 . GLN A 1 10  ? -3.769  13.328  -9.064  1.00 72.00  ? 9   GLN A OE1 1 
ATOM   45   N  NE2 . GLN A 1 10  ? -3.103  14.810  -7.517  1.00 75.51  ? 9   GLN A NE2 1 
ATOM   46   N  N   A ARG A 1 11  ? -8.478  10.755  -8.290  0.34 65.68  ? 10  ARG A N   1 
ATOM   47   N  N   B ARG A 1 11  ? -8.484  10.756  -8.288  0.17 67.20  ? 10  ARG A N   1 
ATOM   48   C  CA  A ARG A 1 11  ? -9.352  10.040  -9.259  0.34 62.29  ? 10  ARG A CA  1 
ATOM   49   C  CA  B ARG A 1 11  ? -9.363  10.063  -9.269  0.17 65.27  ? 10  ARG A CA  1 
ATOM   50   C  C   A ARG A 1 11  ? -10.735 9.780   -8.649  0.34 62.26  ? 10  ARG A C   1 
ATOM   51   C  C   B ARG A 1 11  ? -10.736 9.768   -8.653  0.17 64.27  ? 10  ARG A C   1 
ATOM   52   O  O   A ARG A 1 11  ? -11.719 9.778   -9.418  0.34 60.92  ? 10  ARG A O   1 
ATOM   53   O  O   B ARG A 1 11  ? -11.718 9.739   -9.422  0.17 63.26  ? 10  ARG A O   1 
ATOM   54   C  CB  A ARG A 1 11  ? -8.712  8.717   -9.687  0.34 64.24  ? 10  ARG A CB  1 
ATOM   55   C  CB  B ARG A 1 11  ? -8.696  8.773   -9.754  0.17 67.27  ? 10  ARG A CB  1 
ATOM   56   C  CG  A ARG A 1 11  ? -7.462  8.881   -10.538 0.34 65.03  ? 10  ARG A CG  1 
ATOM   57   C  CG  B ARG A 1 11  ? -7.528  9.005   -10.700 0.17 68.89  ? 10  ARG A CG  1 
ATOM   58   C  CD  A ARG A 1 11  ? -7.047  7.590   -11.220 0.34 66.25  ? 10  ARG A CD  1 
ATOM   59   C  CD  B ARG A 1 11  ? -6.873  7.702   -11.109 0.17 70.34  ? 10  ARG A CD  1 
ATOM   60   N  NE  A ARG A 1 11  ? -6.036  6.866   -10.464 0.34 67.51  ? 10  ARG A NE  1 
ATOM   61   N  NE  B ARG A 1 11  ? -5.718  7.401   -10.280 0.17 71.90  ? 10  ARG A NE  1 
ATOM   62   C  CZ  A ARG A 1 11  ? -6.186  5.638   -9.987  0.34 66.95  ? 10  ARG A CZ  1 
ATOM   63   C  CZ  B ARG A 1 11  ? -5.131  6.214   -10.206 0.17 71.36  ? 10  ARG A CZ  1 
ATOM   64   N  NH1 A ARG A 1 11  ? -7.308  4.974   -10.199 0.34 64.99  ? 10  ARG A NH1 1 
ATOM   65   N  NH1 B ARG A 1 11  ? -5.598  5.196   -10.911 0.17 73.04  ? 10  ARG A NH1 1 
ATOM   66   N  NH2 A ARG A 1 11  ? -5.200  5.072   -9.314  0.34 68.45  ? 10  ARG A NH2 1 
ATOM   67   N  NH2 B ARG A 1 11  ? -4.080  6.050   -9.425  0.17 71.27  ? 10  ARG A NH2 1 
ATOM   68   N  N   . ARG A 1 12  ? -10.808 9.551   -7.334  1.00 63.28  ? 11  ARG A N   1 
ATOM   69   C  CA  . ARG A 1 12  ? -12.089 9.166   -6.655  1.00 66.25  ? 11  ARG A CA  1 
ATOM   70   C  C   . ARG A 1 12  ? -12.439 10.160  -5.533  1.00 64.75  ? 11  ARG A C   1 
ATOM   71   O  O   . ARG A 1 12  ? -11.535 10.553  -4.757  1.00 63.07  ? 11  ARG A O   1 
ATOM   72   C  CB  . ARG A 1 12  ? -12.020 7.715   -6.147  1.00 68.49  ? 11  ARG A CB  1 
ATOM   73   C  CG  . ARG A 1 12  ? -11.521 6.673   -7.148  1.00 68.38  ? 11  ARG A CG  1 
ATOM   74   C  CD  . ARG A 1 12  ? -12.547 6.182   -8.161  1.00 75.18  ? 11  ARG A CD  1 
ATOM   75   N  NE  . ARG A 1 12  ? -13.691 5.499   -7.557  1.00 89.99  ? 11  ARG A NE  1 
ATOM   76   C  CZ  . ARG A 1 12  ? -14.784 5.091   -8.215  1.00 101.69 ? 11  ARG A CZ  1 
ATOM   77   N  NH1 . ARG A 1 12  ? -14.896 5.284   -9.522  1.00 111.04 ? 11  ARG A NH1 1 
ATOM   78   N  NH2 . ARG A 1 12  ? -15.762 4.484   -7.558  1.00 97.84  ? 11  ARG A NH2 1 
ATOM   79   N  N   . THR A 1 13  ? -13.727 10.519  -5.440  1.00 59.37  ? 12  THR A N   1 
ATOM   80   C  CA  . THR A 1 13  ? -14.299 11.401  -4.394  1.00 59.96  ? 12  THR A CA  1 
ATOM   81   C  C   . THR A 1 13  ? -14.149 10.711  -3.026  1.00 60.73  ? 12  THR A C   1 
ATOM   82   O  O   . THR A 1 13  ? -14.230 9.494   -2.961  1.00 65.43  ? 12  THR A O   1 
ATOM   83   C  CB  . THR A 1 13  ? -15.762 11.765  -4.690  1.00 57.89  ? 12  THR A CB  1 
ATOM   84   O  OG1 . THR A 1 13  ? -16.609 10.638  -4.515  1.00 64.84  ? 12  THR A OG1 1 
ATOM   85   C  CG2 . THR A 1 13  ? -16.001 12.270  -6.092  1.00 64.29  ? 12  THR A CG2 1 
ATOM   86   N  N   . PHE A 1 14  ? -13.950 11.455  -1.951  1.00 57.30  ? 13  PHE A N   1 
ATOM   87   C  CA  . PHE A 1 14  ? -13.976 10.878  -0.592  1.00 61.24  ? 13  PHE A CA  1 
ATOM   88   C  C   . PHE A 1 14  ? -15.213 9.969   -0.485  1.00 60.95  ? 13  PHE A C   1 
ATOM   89   O  O   . PHE A 1 14  ? -15.084 8.897   0.131   1.00 63.77  ? 13  PHE A O   1 
ATOM   90   C  CB  . PHE A 1 14  ? -13.913 11.977  0.477   1.00 57.43  ? 13  PHE A CB  1 
ATOM   91   C  CG  . PHE A 1 14  ? -13.837 11.459  1.893   1.00 49.32  ? 13  PHE A CG  1 
ATOM   92   C  CD1 . PHE A 1 14  ? -12.608 11.244  2.504   1.00 52.18  ? 13  PHE A CD1 1 
ATOM   93   C  CD2 . PHE A 1 14  ? -14.994 11.180  2.608   1.00 48.86  ? 13  PHE A CD2 1 
ATOM   94   C  CE1 . PHE A 1 14  ? -12.540 10.767  3.804   1.00 49.37  ? 13  PHE A CE1 1 
ATOM   95   C  CE2 . PHE A 1 14  ? -14.928 10.684  3.902   1.00 50.17  ? 13  PHE A CE2 1 
ATOM   96   C  CZ  . PHE A 1 14  ? -13.698 10.478  4.496   1.00 50.31  ? 13  PHE A CZ  1 
ATOM   97   N  N   . GLU A 1 15  ? -16.353 10.338  -1.077  1.00 57.36  ? 14  GLU A N   1 
ATOM   98   C  CA  . GLU A 1 15  ? -17.614 9.546   -0.967  1.00 56.39  ? 14  GLU A CA  1 
ATOM   99   C  C   . GLU A 1 15  ? -17.460 8.182   -1.672  1.00 55.18  ? 14  GLU A C   1 
ATOM   100  O  O   . GLU A 1 15  ? -18.022 7.165   -1.204  1.00 49.13  ? 14  GLU A O   1 
ATOM   101  C  CB  . GLU A 1 15  ? -18.782 10.337  -1.553  1.00 63.33  ? 14  GLU A CB  1 
ATOM   102  C  CG  . GLU A 1 15  ? -20.134 9.676   -1.325  1.00 75.03  ? 14  GLU A CG  1 
ATOM   103  C  CD  . GLU A 1 15  ? -21.331 10.520  -1.738  1.00 85.04  ? 14  GLU A CD  1 
ATOM   104  O  OE1 . GLU A 1 15  ? -21.456 11.676  -1.247  1.00 91.99  ? 14  GLU A OE1 1 
ATOM   105  O  OE2 . GLU A 1 15  ? -22.132 10.029  -2.554  1.00 82.76  ? 14  GLU A OE2 1 
ATOM   106  N  N   . GLN A 1 16  ? -16.721 8.152   -2.775  1.00 50.78  ? 15  GLN A N   1 
ATOM   107  C  CA  . GLN A 1 16  ? -16.493 6.939   -3.591  1.00 54.31  ? 15  GLN A CA  1 
ATOM   108  C  C   . GLN A 1 16  ? -15.476 5.996   -2.940  1.00 56.78  ? 15  GLN A C   1 
ATOM   109  O  O   . GLN A 1 16  ? -15.685 4.763   -2.985  1.00 57.79  ? 15  GLN A O   1 
ATOM   110  C  CB  . GLN A 1 16  ? -16.009 7.343   -4.977  1.00 56.78  ? 15  GLN A CB  1 
ATOM   111  C  CG  . GLN A 1 16  ? -17.164 7.667   -5.910  1.00 61.54  ? 15  GLN A CG  1 
ATOM   112  C  CD  . GLN A 1 16  ? -16.646 8.293   -7.171  1.00 58.73  ? 15  GLN A CD  1 
ATOM   113  O  OE1 . GLN A 1 16  ? -15.495 8.713   -7.236  1.00 55.56  ? 15  GLN A OE1 1 
ATOM   114  N  NE2 . GLN A 1 16  ? -17.504 8.363   -8.172  1.00 68.68  ? 15  GLN A NE2 1 
ATOM   115  N  N   A ARG A 1 17  ? -14.399 6.554   -2.376  0.15 56.87  ? 16  ARG A N   1 
ATOM   116  N  N   B ARG A 1 17  ? -14.401 6.552   -2.371  0.35 57.81  ? 16  ARG A N   1 
ATOM   117  C  CA  A ARG A 1 17  ? -13.339 5.795   -1.654  0.15 56.57  ? 16  ARG A CA  1 
ATOM   118  C  CA  B ARG A 1 17  ? -13.342 5.783   -1.659  0.35 57.54  ? 16  ARG A CA  1 
ATOM   119  C  C   A ARG A 1 17  ? -13.959 5.129   -0.420  0.15 55.24  ? 16  ARG A C   1 
ATOM   120  C  C   B ARG A 1 17  ? -13.964 5.127   -0.420  0.35 55.62  ? 16  ARG A C   1 
ATOM   121  O  O   A ARG A 1 17  ? -13.622 3.961   -0.149  0.15 57.61  ? 16  ARG A O   1 
ATOM   122  O  O   B ARG A 1 17  ? -13.653 3.952   -0.161  0.35 60.36  ? 16  ARG A O   1 
ATOM   123  C  CB  A ARG A 1 17  ? -12.174 6.717   -1.279  0.15 57.35  ? 16  ARG A CB  1 
ATOM   124  C  CB  B ARG A 1 17  ? -12.150 6.689   -1.339  0.35 58.47  ? 16  ARG A CB  1 
ATOM   125  C  CG  A ARG A 1 17  ? -11.523 7.404   -2.470  0.15 59.38  ? 16  ARG A CG  1 
ATOM   126  C  CG  B ARG A 1 17  ? -11.373 7.119   -2.575  0.35 62.86  ? 16  ARG A CG  1 
ATOM   127  C  CD  A ARG A 1 17  ? -10.150 7.980   -2.169  0.15 61.90  ? 16  ARG A CD  1 
ATOM   128  C  CD  B ARG A 1 17  ? -10.119 7.928   -2.293  0.35 68.30  ? 16  ARG A CD  1 
ATOM   129  N  NE  A ARG A 1 17  ? -10.135 8.897   -1.036  0.15 64.58  ? 16  ARG A NE  1 
ATOM   130  N  NE  B ARG A 1 17  ? -10.316 9.361   -2.468  0.35 73.66  ? 16  ARG A NE  1 
ATOM   131  C  CZ  A ARG A 1 17  ? -10.078 10.222  -1.130  0.15 66.13  ? 16  ARG A CZ  1 
ATOM   132  C  CZ  B ARG A 1 17  ? -10.377 10.241  -1.475  0.35 79.39  ? 16  ARG A CZ  1 
ATOM   133  N  NH1 A ARG A 1 17  ? -10.033 10.805  -2.316  0.15 66.12  ? 16  ARG A NH1 1 
ATOM   134  N  NH1 B ARG A 1 17  ? -10.253 9.838   -0.222  0.35 82.49  ? 16  ARG A NH1 1 
ATOM   135  N  NH2 A ARG A 1 17  ? -10.067 10.963  -0.035  0.15 67.47  ? 16  ARG A NH2 1 
ATOM   136  N  NH2 B ARG A 1 17  ? -10.561 11.523  -1.735  0.35 80.82  ? 16  ARG A NH2 1 
ATOM   137  N  N   . VAL A 1 18  ? -14.850 5.840   0.279   1.00 53.65  ? 17  VAL A N   1 
ATOM   138  C  CA  . VAL A 1 18  ? -15.542 5.330   1.503   1.00 51.14  ? 17  VAL A CA  1 
ATOM   139  C  C   . VAL A 1 18  ? -16.486 4.164   1.163   1.00 61.42  ? 17  VAL A C   1 
ATOM   140  O  O   . VAL A 1 18  ? -16.517 3.159   1.951   1.00 60.34  ? 17  VAL A O   1 
ATOM   141  C  CB  . VAL A 1 18  ? -16.293 6.473   2.204   1.00 49.33  ? 17  VAL A CB  1 
ATOM   142  C  CG1 . VAL A 1 18  ? -17.452 5.980   3.044   1.00 51.94  ? 17  VAL A CG1 1 
ATOM   143  C  CG2 . VAL A 1 18  ? -15.354 7.315   3.049   1.00 53.56  ? 17  VAL A CG2 1 
ATOM   144  N  N   . GLU A 1 19  ? -17.246 4.294   0.069   1.00 63.42  ? 18  GLU A N   1 
ATOM   145  C  CA  . GLU A 1 19  ? -18.200 3.271   -0.423  1.00 59.78  ? 18  GLU A CA  1 
ATOM   146  C  C   . GLU A 1 19  ? -17.434 2.038   -0.902  1.00 53.20  ? 18  GLU A C   1 
ATOM   147  O  O   . GLU A 1 19  ? -17.893 0.927   -0.625  1.00 54.61  ? 18  GLU A O   1 
ATOM   148  C  CB  . GLU A 1 19  ? -19.087 3.827   -1.541  1.00 70.81  ? 18  GLU A CB  1 
ATOM   149  C  CG  . GLU A 1 19  ? -20.350 4.467   -1.000  1.00 85.09  ? 18  GLU A CG  1 
ATOM   150  C  CD  . GLU A 1 19  ? -21.035 3.689   0.112   1.00 94.48  ? 18  GLU A CD  1 
ATOM   151  O  OE1 . GLU A 1 19  ? -21.329 2.483   -0.110  1.00 102.82 ? 18  GLU A OE1 1 
ATOM   152  O  OE2 . GLU A 1 19  ? -21.270 4.289   1.198   1.00 85.80  ? 18  GLU A OE2 1 
ATOM   153  N  N   . ASP A 1 20  ? -16.316 2.211   -1.598  1.00 54.37  ? 19  ASP A N   1 
ATOM   154  C  CA  . ASP A 1 20  ? -15.446 1.078   -2.024  1.00 57.42  ? 19  ASP A CA  1 
ATOM   155  C  C   . ASP A 1 20  ? -14.979 0.270   -0.800  1.00 54.65  ? 19  ASP A C   1 
ATOM   156  O  O   . ASP A 1 20  ? -15.056 -0.952  -0.847  1.00 56.22  ? 19  ASP A O   1 
ATOM   157  C  CB  . ASP A 1 20  ? -14.267 1.565   -2.861  1.00 65.48  ? 19  ASP A CB  1 
ATOM   158  C  CG  . ASP A 1 20  ? -13.680 0.486   -3.755  1.00 83.70  ? 19  ASP A CG  1 
ATOM   159  O  OD1 . ASP A 1 20  ? -12.578 0.724   -4.287  1.00 99.29  ? 19  ASP A OD1 1 
ATOM   160  O  OD2 . ASP A 1 20  ? -14.333 -0.588  -3.924  1.00 90.47  ? 19  ASP A OD2 1 
ATOM   161  N  N   . VAL A 1 21  ? -14.533 0.934   0.264   1.00 53.93  ? 20  VAL A N   1 
ATOM   162  C  CA  . VAL A 1 21  ? -14.024 0.274   1.496   1.00 51.13  ? 20  VAL A CA  1 
ATOM   163  C  C   . VAL A 1 21  ? -15.181 -0.479  2.162   1.00 53.68  ? 20  VAL A C   1 
ATOM   164  O  O   . VAL A 1 21  ? -14.929 -1.588  2.673   1.00 51.24  ? 20  VAL A O   1 
ATOM   165  C  CB  . VAL A 1 21  ? -13.338 1.280   2.441   1.00 50.16  ? 20  VAL A CB  1 
ATOM   166  C  CG1 . VAL A 1 21  ? -13.262 0.776   3.880   1.00 54.24  ? 20  VAL A CG1 1 
ATOM   167  C  CG2 . VAL A 1 21  ? -11.958 1.656   1.932   1.00 47.13  ? 20  VAL A CG2 1 
ATOM   168  N  N   . ARG A 1 22  ? -16.391 0.091   2.167   1.00 58.92  ? 21  ARG A N   1 
ATOM   169  C  CA  . ARG A 1 22  ? -17.577 -0.523  2.829   1.00 58.76  ? 21  ARG A CA  1 
ATOM   170  C  C   . ARG A 1 22  ? -17.967 -1.837  2.112   1.00 60.37  ? 21  ARG A C   1 
ATOM   171  O  O   . ARG A 1 22  ? -18.481 -2.749  2.813   1.00 55.41  ? 21  ARG A O   1 
ATOM   172  C  CB  . ARG A 1 22  ? -18.772 0.440   2.856   1.00 66.30  ? 21  ARG A CB  1 
ATOM   173  C  CG  . ARG A 1 22  ? -18.739 1.522   3.929   1.00 74.92  ? 21  ARG A CG  1 
ATOM   174  C  CD  . ARG A 1 22  ? -19.896 2.510   3.763   1.00 79.67  ? 21  ARG A CD  1 
ATOM   175  N  NE  . ARG A 1 22  ? -19.823 3.680   4.637   1.00 87.44  ? 21  ARG A NE  1 
ATOM   176  C  CZ  . ARG A 1 22  ? -20.680 4.707   4.630   1.00 96.76  ? 21  ARG A CZ  1 
ATOM   177  N  NH1 . ARG A 1 22  ? -21.702 4.731   3.789   1.00 107.08 ? 21  ARG A NH1 1 
ATOM   178  N  NH2 . ARG A 1 22  ? -20.518 5.710   5.477   1.00 93.14  ? 21  ARG A NH2 1 
ATOM   179  N  N   . LEU A 1 23  ? -17.764 -1.917  0.784   1.00 54.24  ? 22  LEU A N   1 
ATOM   180  C  CA  . LEU A 1 23  ? -18.071 -3.083  -0.097  1.00 59.30  ? 22  LEU A CA  1 
ATOM   181  C  C   . LEU A 1 23  ? -17.017 -4.198  0.094   1.00 54.65  ? 22  LEU A C   1 
ATOM   182  O  O   . LEU A 1 23  ? -17.418 -5.384  0.144   1.00 55.69  ? 22  LEU A O   1 
ATOM   183  C  CB  . LEU A 1 23  ? -18.118 -2.599  -1.559  1.00 63.32  ? 22  LEU A CB  1 
ATOM   184  C  CG  . LEU A 1 23  ? -18.381 -3.665  -2.635  1.00 70.32  ? 22  LEU A CG  1 
ATOM   185  C  CD1 . LEU A 1 23  ? -19.764 -4.295  -2.473  1.00 68.85  ? 22  LEU A CD1 1 
ATOM   186  C  CD2 . LEU A 1 23  ? -18.214 -3.097  -4.040  1.00 70.69  ? 22  LEU A CD2 1 
ATOM   187  N  N   . ILE A 1 24  ? -15.724 -3.851  0.143   1.00 51.45  ? 23  ILE A N   1 
ATOM   188  C  CA  . ILE A 1 24  ? -14.599 -4.792  0.452   1.00 50.29  ? 23  ILE A CA  1 
ATOM   189  C  C   . ILE A 1 24  ? -14.872 -5.446  1.816   1.00 47.51  ? 23  ILE A C   1 
ATOM   190  O  O   . ILE A 1 24  ? -14.632 -6.643  1.974   1.00 53.19  ? 23  ILE A O   1 
ATOM   191  C  CB  . ILE A 1 24  ? -13.252 -4.050  0.403   1.00 48.08  ? 23  ILE A CB  1 
ATOM   192  C  CG1 . ILE A 1 24  ? -13.044 -3.378  -0.961  1.00 45.16  ? 23  ILE A CG1 1 
ATOM   193  C  CG2 . ILE A 1 24  ? -12.115 -4.997  0.761   1.00 49.61  ? 23  ILE A CG2 1 
ATOM   194  C  CD1 . ILE A 1 24  ? -11.784 -2.535  -1.073  1.00 47.47  ? 23  ILE A CD1 1 
ATOM   195  N  N   . ARG A 1 25  ? -15.434 -4.698  2.755   1.00 49.43  ? 24  ARG A N   1 
ATOM   196  C  CA  . ARG A 1 25  ? -15.795 -5.212  4.098   1.00 55.63  ? 24  ARG A CA  1 
ATOM   197  C  C   . ARG A 1 25  ? -16.846 -6.307  3.986   1.00 51.73  ? 24  ARG A C   1 
ATOM   198  O  O   . ARG A 1 25  ? -16.782 -7.231  4.789   1.00 58.99  ? 24  ARG A O   1 
ATOM   199  C  CB  . ARG A 1 25  ? -16.315 -4.100  5.016   1.00 58.85  ? 24  ARG A CB  1 
ATOM   200  C  CG  . ARG A 1 25  ? -15.218 -3.502  5.881   1.00 64.50  ? 24  ARG A CG  1 
ATOM   201  C  CD  . ARG A 1 25  ? -15.718 -2.640  7.020   1.00 69.40  ? 24  ARG A CD  1 
ATOM   202  N  NE  . ARG A 1 25  ? -14.840 -1.481  7.075   1.00 78.72  ? 24  ARG A NE  1 
ATOM   203  C  CZ  . ARG A 1 25  ? -15.242 -0.238  7.279   1.00 81.35  ? 24  ARG A CZ  1 
ATOM   204  N  NH1 . ARG A 1 25  ? -16.521 0.024   7.499   1.00 82.26  ? 24  ARG A NH1 1 
ATOM   205  N  NH2 . ARG A 1 25  ? -14.357 0.741   7.252   1.00 87.66  ? 24  ARG A NH2 1 
ATOM   206  N  N   . GLU A 1 26  ? -17.811 -6.139  3.087   1.00 58.16  ? 25  GLU A N   1 
ATOM   207  C  CA  . GLU A 1 26  ? -18.996 -7.024  2.909   1.00 58.30  ? 25  GLU A CA  1 
ATOM   208  C  C   . GLU A 1 26  ? -18.552 -8.234  2.068   1.00 49.19  ? 25  GLU A C   1 
ATOM   209  O  O   . GLU A 1 26  ? -18.883 -9.357  2.458   1.00 58.11  ? 25  GLU A O   1 
ATOM   210  C  CB  . GLU A 1 26  ? -20.170 -6.211  2.327   1.00 69.00  ? 25  GLU A CB  1 
ATOM   211  C  CG  . GLU A 1 26  ? -21.516 -6.948  2.251   1.00 87.05  ? 25  GLU A CG  1 
ATOM   212  C  CD  . GLU A 1 26  ? -22.518 -6.743  3.387   1.00 95.89  ? 25  GLU A CD  1 
ATOM   213  O  OE1 . GLU A 1 26  ? -22.150 -6.122  4.415   1.00 86.56  ? 25  GLU A OE1 1 
ATOM   214  O  OE2 . GLU A 1 26  ? -23.679 -7.220  3.246   1.00 106.20 ? 25  GLU A OE2 1 
ATOM   215  N  N   . GLN A 1 27  ? -17.764 -8.013  1.007   1.00 46.85  ? 26  GLN A N   1 
ATOM   216  C  CA  . GLN A 1 27  ? -17.394 -9.020  -0.014  1.00 44.66  ? 26  GLN A CA  1 
ATOM   217  C  C   . GLN A 1 27  ? -16.048 -9.681  0.310   1.00 50.88  ? 26  GLN A C   1 
ATOM   218  O  O   . GLN A 1 27  ? -15.841 -10.813 -0.149  1.00 50.14  ? 26  GLN A O   1 
ATOM   219  C  CB  . GLN A 1 27  ? -17.421 -8.357  -1.394  1.00 52.58  ? 26  GLN A CB  1 
ATOM   220  C  CG  . GLN A 1 27  ? -18.855 -8.117  -1.866  1.00 67.45  ? 26  GLN A CG  1 
ATOM   221  C  CD  . GLN A 1 27  ? -18.993 -7.496  -3.237  1.00 76.72  ? 26  GLN A CD  1 
ATOM   222  O  OE1 . GLN A 1 27  ? -18.024 -7.037  -3.844  1.00 81.29  ? 26  GLN A OE1 1 
ATOM   223  N  NE2 . GLN A 1 27  ? -20.224 -7.463  -3.724  1.00 76.36  ? 26  GLN A NE2 1 
ATOM   224  N  N   . HIS A 1 28  ? -15.143 -9.009  1.024   1.00 46.21  ? 27  HIS A N   1 
ATOM   225  C  CA  . HIS A 1 28  ? -13.801 -9.547  1.361   1.00 45.05  ? 27  HIS A CA  1 
ATOM   226  C  C   . HIS A 1 28  ? -13.502 -9.194  2.794   1.00 37.98  ? 27  HIS A C   1 
ATOM   227  O  O   . HIS A 1 28  ? -12.608 -8.414  3.056   1.00 44.35  ? 27  HIS A O   1 
ATOM   228  C  CB  . HIS A 1 28  ? -12.758 -8.965  0.418   1.00 53.21  ? 27  HIS A CB  1 
ATOM   229  C  CG  . HIS A 1 28  ? -13.072 -9.256  -1.009  1.00 61.37  ? 27  HIS A CG  1 
ATOM   230  N  ND1 . HIS A 1 28  ? -12.671 -10.428 -1.626  1.00 59.41  ? 27  HIS A ND1 1 
ATOM   231  C  CD2 . HIS A 1 28  ? -13.751 -8.540  -1.934  1.00 60.06  ? 27  HIS A CD2 1 
ATOM   232  C  CE1 . HIS A 1 28  ? -13.081 -10.410 -2.880  1.00 59.63  ? 27  HIS A CE1 1 
ATOM   233  N  NE2 . HIS A 1 28  ? -13.738 -9.263  -3.095  1.00 55.47  ? 27  HIS A NE2 1 
ATOM   234  N  N   . PRO A 1 29  ? -14.313 -9.693  3.738   1.00 40.29  ? 28  PRO A N   1 
ATOM   235  C  CA  . PRO A 1 29  ? -14.226 -9.272  5.127   1.00 40.85  ? 28  PRO A CA  1 
ATOM   236  C  C   . PRO A 1 29  ? -12.864 -9.583  5.783   1.00 43.86  ? 28  PRO A C   1 
ATOM   237  O  O   . PRO A 1 29  ? -12.543 -8.879  6.725   1.00 44.89  ? 28  PRO A O   1 
ATOM   238  C  CB  . PRO A 1 29  ? -15.362 -10.028 5.821   1.00 40.76  ? 28  PRO A CB  1 
ATOM   239  C  CG  . PRO A 1 29  ? -15.583 -11.242 4.931   1.00 44.61  ? 28  PRO A CG  1 
ATOM   240  C  CD  . PRO A 1 29  ? -15.306 -10.750 3.531   1.00 42.89  ? 28  PRO A CD  1 
ATOM   241  N  N   . THR A 1 30  ? -12.066 -10.537 5.282   1.00 43.47  ? 29  THR A N   1 
ATOM   242  C  CA  . THR A 1 30  ? -10.751 -10.897 5.920   1.00 43.82  ? 29  THR A CA  1 
ATOM   243  C  C   . THR A 1 30  ? -9.563  -10.190 5.255   1.00 42.66  ? 29  THR A C   1 
ATOM   244  O  O   . THR A 1 30  ? -8.390  -10.526 5.621   1.00 46.10  ? 29  THR A O   1 
ATOM   245  C  CB  . THR A 1 30  ? -10.450 -12.406 5.941   1.00 41.85  ? 29  THR A CB  1 
ATOM   246  O  OG1 . THR A 1 30  ? -9.999  -12.799 4.650   1.00 40.24  ? 29  THR A OG1 1 
ATOM   247  C  CG2 . THR A 1 30  ? -11.616 -13.266 6.373   1.00 42.23  ? 29  THR A CG2 1 
ATOM   248  N  N   . LYS A 1 31  ? -9.834  -9.233  4.358   1.00 45.37  ? 30  LYS A N   1 
ATOM   249  C  CA  . LYS A 1 31  ? -8.798  -8.536  3.547   1.00 43.40  ? 30  LYS A CA  1 
ATOM   250  C  C   . LYS A 1 31  ? -8.627  -7.100  4.029   1.00 42.22  ? 30  LYS A C   1 
ATOM   251  O  O   . LYS A 1 31  ? -9.647  -6.468  4.366   1.00 38.11  ? 30  LYS A O   1 
ATOM   252  C  CB  . LYS A 1 31  ? -9.201  -8.528  2.075   1.00 44.46  ? 30  LYS A CB  1 
ATOM   253  C  CG  . LYS A 1 31  ? -9.391  -9.905  1.458   1.00 45.66  ? 30  LYS A CG  1 
ATOM   254  C  CD  . LYS A 1 31  ? -8.145  -10.764 1.553   1.00 50.33  ? 30  LYS A CD  1 
ATOM   255  C  CE  . LYS A 1 31  ? -8.401  -12.209 1.189   1.00 49.84  ? 30  LYS A CE  1 
ATOM   256  N  NZ  . LYS A 1 31  ? -9.270  -12.291 -0.010  1.00 55.90  ? 30  LYS A NZ  1 
ATOM   257  N  N   . ILE A 1 32  ? -7.383  -6.603  4.009   1.00 43.94  ? 31  ILE A N   1 
ATOM   258  C  CA  . ILE A 1 32  ? -7.070  -5.172  4.286   1.00 44.42  ? 31  ILE A CA  1 
ATOM   259  C  C   . ILE A 1 32  ? -7.054  -4.451  2.940   1.00 43.67  ? 31  ILE A C   1 
ATOM   260  O  O   . ILE A 1 32  ? -6.368  -4.883  2.005   1.00 43.31  ? 31  ILE A O   1 
ATOM   261  C  CB  . ILE A 1 32  ? -5.731  -5.025  5.037   1.00 45.74  ? 31  ILE A CB  1 
ATOM   262  C  CG1 . ILE A 1 32  ? -5.684  -5.775  6.379   1.00 45.91  ? 31  ILE A CG1 1 
ATOM   263  C  CG2 . ILE A 1 32  ? -5.405  -3.546  5.181   1.00 44.57  ? 31  ILE A CG2 1 
ATOM   264  C  CD1 . ILE A 1 32  ? -6.873  -5.551  7.306   1.00 46.07  ? 31  ILE A CD1 1 
ATOM   265  N  N   . PRO A 1 33  ? -7.828  -3.357  2.771   1.00 41.91  ? 32  PRO A N   1 
ATOM   266  C  CA  . PRO A 1 33  ? -7.818  -2.600  1.521   1.00 43.05  ? 32  PRO A CA  1 
ATOM   267  C  C   . PRO A 1 33  ? -6.643  -1.620  1.486   1.00 44.45  ? 32  PRO A C   1 
ATOM   268  O  O   . PRO A 1 33  ? -6.647  -0.641  2.259   1.00 45.46  ? 32  PRO A O   1 
ATOM   269  C  CB  . PRO A 1 33  ? -9.167  -1.870  1.534   1.00 41.48  ? 32  PRO A CB  1 
ATOM   270  C  CG  . PRO A 1 33  ? -9.476  -1.672  3.000   1.00 41.52  ? 32  PRO A CG  1 
ATOM   271  C  CD  . PRO A 1 33  ? -8.799  -2.818  3.734   1.00 45.13  ? 32  PRO A CD  1 
ATOM   272  N  N   . VAL A 1 34  ? -5.673  -1.904  0.618   1.00 42.03  ? 33  VAL A N   1 
ATOM   273  C  CA  . VAL A 1 34  ? -4.386  -1.156  0.540   1.00 45.52  ? 33  VAL A CA  1 
ATOM   274  C  C   . VAL A 1 34  ? -4.304  -0.466  -0.831  1.00 50.24  ? 33  VAL A C   1 
ATOM   275  O  O   . VAL A 1 34  ? -4.600  -1.124  -1.857  1.00 48.27  ? 33  VAL A O   1 
ATOM   276  C  CB  . VAL A 1 34  ? -3.205  -2.100  0.799   1.00 40.82  ? 33  VAL A CB  1 
ATOM   277  C  CG1 . VAL A 1 34  ? -1.881  -1.364  0.843   1.00 48.99  ? 33  VAL A CG1 1 
ATOM   278  C  CG2 . VAL A 1 34  ? -3.418  -2.886  2.068   1.00 40.79  ? 33  VAL A CG2 1 
ATOM   279  N  N   . ILE A 1 35  ? -3.960  0.825   -0.830  1.00 52.05  ? 34  ILE A N   1 
ATOM   280  C  CA  . ILE A 1 35  ? -3.539  1.600   -2.032  1.00 49.78  ? 34  ILE A CA  1 
ATOM   281  C  C   . ILE A 1 35  ? -2.020  1.627   -2.055  1.00 46.36  ? 34  ILE A C   1 
ATOM   282  O  O   . ILE A 1 35  ? -1.449  2.170   -1.091  1.00 48.91  ? 34  ILE A O   1 
ATOM   283  C  CB  . ILE A 1 35  ? -4.122  3.024   -1.987  1.00 53.85  ? 34  ILE A CB  1 
ATOM   284  C  CG1 . ILE A 1 35  ? -5.649  3.025   -1.851  1.00 53.62  ? 34  ILE A CG1 1 
ATOM   285  C  CG2 . ILE A 1 35  ? -3.678  3.810   -3.205  1.00 53.45  ? 34  ILE A CG2 1 
ATOM   286  C  CD1 . ILE A 1 35  ? -6.360  2.316   -2.968  1.00 55.26  ? 34  ILE A CD1 1 
ATOM   287  N  N   . ILE A 1 36  ? -1.390  1.038   -3.076  1.00 52.36  ? 35  ILE A N   1 
ATOM   288  C  CA  . ILE A 1 36  ? 0.102   1.076   -3.233  1.00 60.97  ? 35  ILE A CA  1 
ATOM   289  C  C   . ILE A 1 36  ? 0.438   1.864   -4.508  1.00 65.62  ? 35  ILE A C   1 
ATOM   290  O  O   . ILE A 1 36  ? -0.120  1.558   -5.566  1.00 60.49  ? 35  ILE A O   1 
ATOM   291  C  CB  . ILE A 1 36  ? 0.750   -0.323  -3.206  1.00 55.77  ? 35  ILE A CB  1 
ATOM   292  C  CG1 . ILE A 1 36  ? 0.213   -1.151  -2.035  1.00 57.44  ? 35  ILE A CG1 1 
ATOM   293  C  CG2 . ILE A 1 36  ? 2.273   -0.197  -3.179  1.00 55.39  ? 35  ILE A CG2 1 
ATOM   294  C  CD1 . ILE A 1 36  ? 0.582   -2.621  -2.070  1.00 61.06  ? 35  ILE A CD1 1 
ATOM   295  N  N   . GLU A 1 37  ? 1.294   2.880   -4.367  1.00 71.94  ? 36  GLU A N   1 
ATOM   296  C  CA  . GLU A 1 37  ? 1.528   3.950   -5.368  1.00 66.52  ? 36  GLU A CA  1 
ATOM   297  C  C   . GLU A 1 37  ? 3.028   4.210   -5.486  1.00 62.52  ? 36  GLU A C   1 
ATOM   298  O  O   . GLU A 1 37  ? 3.732   4.237   -4.473  1.00 52.00  ? 36  GLU A O   1 
ATOM   299  C  CB  . GLU A 1 37  ? 0.777   5.229   -4.981  1.00 66.53  ? 36  GLU A CB  1 
ATOM   300  C  CG  . GLU A 1 37  ? -0.665  5.223   -5.452  1.00 67.07  ? 36  GLU A CG  1 
ATOM   301  C  CD  . GLU A 1 37  ? -1.485  6.468   -5.157  1.00 75.04  ? 36  GLU A CD  1 
ATOM   302  O  OE1 . GLU A 1 37  ? -1.299  7.069   -4.072  1.00 79.85  ? 36  GLU A OE1 1 
ATOM   303  O  OE2 . GLU A 1 37  ? -2.331  6.823   -6.008  1.00 78.29  ? 36  GLU A OE2 1 
ATOM   304  N  N   . ARG A 1 38  ? 3.511   4.375   -6.707  1.00 69.85  ? 37  ARG A N   1 
ATOM   305  C  CA  . ARG A 1 38  ? 4.913   4.795   -6.899  1.00 75.58  ? 37  ARG A CA  1 
ATOM   306  C  C   . ARG A 1 38  ? 5.008   6.264   -6.493  1.00 76.31  ? 37  ARG A C   1 
ATOM   307  O  O   . ARG A 1 38  ? 4.054   7.032   -6.780  1.00 75.27  ? 37  ARG A O   1 
ATOM   308  C  CB  . ARG A 1 38  ? 5.385   4.571   -8.332  1.00 79.42  ? 37  ARG A CB  1 
ATOM   309  C  CG  . ARG A 1 38  ? 6.895   4.705   -8.447  1.00 88.53  ? 37  ARG A CG  1 
ATOM   310  C  CD  . ARG A 1 38  ? 7.442   4.309   -9.798  1.00 96.82  ? 37  ARG A CD  1 
ATOM   311  N  NE  . ARG A 1 38  ? 6.903   5.117   -10.881 1.00 104.71 ? 37  ARG A NE  1 
ATOM   312  C  CZ  . ARG A 1 38  ? 7.492   5.291   -12.060 1.00 107.57 ? 37  ARG A CZ  1 
ATOM   313  N  NH1 . ARG A 1 38  ? 8.665   4.731   -12.322 1.00 99.49  ? 37  ARG A NH1 1 
ATOM   314  N  NH2 . ARG A 1 38  ? 6.898   6.039   -12.975 1.00 107.67 ? 37  ARG A NH2 1 
ATOM   315  N  N   . TYR A 1 39  ? 6.093   6.615   -5.806  1.00 79.72  ? 38  TYR A N   1 
ATOM   316  C  CA  . TYR A 1 39  ? 6.470   8.006   -5.457  1.00 82.48  ? 38  TYR A CA  1 
ATOM   317  C  C   . TYR A 1 39  ? 6.488   8.854   -6.734  1.00 88.93  ? 38  TYR A C   1 
ATOM   318  O  O   . TYR A 1 39  ? 7.065   8.395   -7.745  1.00 76.01  ? 38  TYR A O   1 
ATOM   319  C  CB  . TYR A 1 39  ? 7.832   8.007   -4.775  1.00 90.24  ? 38  TYR A CB  1 
ATOM   320  C  CG  . TYR A 1 39  ? 8.340   9.381   -4.448  1.00 99.92  ? 38  TYR A CG  1 
ATOM   321  C  CD1 . TYR A 1 39  ? 7.600   10.238  -3.651  1.00 100.51 ? 38  TYR A CD1 1 
ATOM   322  C  CD2 . TYR A 1 39  ? 9.565   9.813   -4.929  1.00 105.25 ? 38  TYR A CD2 1 
ATOM   323  C  CE1 . TYR A 1 39  ? 8.068   11.500  -3.339  1.00 114.30 ? 38  TYR A CE1 1 
ATOM   324  C  CE2 . TYR A 1 39  ? 10.050  11.071  -4.623  1.00 111.57 ? 38  TYR A CE2 1 
ATOM   325  C  CZ  . TYR A 1 39  ? 9.295   11.916  -3.830  1.00 120.68 ? 38  TYR A CZ  1 
ATOM   326  O  OH  . TYR A 1 39  ? 9.768   13.159  -3.531  1.00 142.10 ? 38  TYR A OH  1 
ATOM   327  N  N   . LYS A 1 40  ? 5.870   10.041  -6.714  1.00 98.19  ? 39  LYS A N   1 
ATOM   328  C  CA  . LYS A 1 40  ? 5.608   10.822  -7.955  1.00 93.14  ? 39  LYS A CA  1 
ATOM   329  C  C   . LYS A 1 40  ? 6.961   11.209  -8.568  1.00 86.14  ? 39  LYS A C   1 
ATOM   330  O  O   . LYS A 1 40  ? 7.004   11.377  -9.797  1.00 81.01  ? 39  LYS A O   1 
ATOM   331  C  CB  . LYS A 1 40  ? 4.677   12.012  -7.692  1.00 101.66 ? 39  LYS A CB  1 
ATOM   332  C  CG  . LYS A 1 40  ? 5.286   13.186  -6.931  1.00 115.44 ? 39  LYS A CG  1 
ATOM   333  C  CD  . LYS A 1 40  ? 4.318   14.337  -6.663  1.00 118.31 ? 39  LYS A CD  1 
ATOM   334  C  CE  . LYS A 1 40  ? 3.807   15.037  -7.909  1.00 121.94 ? 39  LYS A CE  1 
ATOM   335  N  NZ  . LYS A 1 40  ? 4.870   15.793  -8.615  1.00 122.68 ? 39  LYS A NZ  1 
ATOM   336  N  N   . GLY A 1 41  ? 8.024   11.273  -7.753  1.00 82.80  ? 40  GLY A N   1 
ATOM   337  C  CA  . GLY A 1 41  ? 9.420   11.479  -8.192  1.00 85.01  ? 40  GLY A CA  1 
ATOM   338  C  C   . GLY A 1 41  ? 10.031  10.288  -8.929  1.00 90.23  ? 40  GLY A C   1 
ATOM   339  O  O   . GLY A 1 41  ? 10.743  10.518  -9.923  1.00 93.10  ? 40  GLY A O   1 
ATOM   340  N  N   . GLU A 1 42  ? 9.765   9.055   -8.481  1.00 102.35 ? 41  GLU A N   1 
ATOM   341  C  CA  . GLU A 1 42  ? 10.540  7.814   -8.805  1.00 104.92 ? 41  GLU A CA  1 
ATOM   342  C  C   . GLU A 1 42  ? 10.987  7.748   -10.280 1.00 101.93 ? 41  GLU A C   1 
ATOM   343  O  O   . GLU A 1 42  ? 10.126  7.888   -11.188 1.00 89.25  ? 41  GLU A O   1 
ATOM   344  C  CB  . GLU A 1 42  ? 9.716   6.572   -8.445  1.00 98.41  ? 41  GLU A CB  1 
ATOM   345  C  CG  . GLU A 1 42  ? 10.461  5.262   -8.626  1.00 86.09  ? 41  GLU A CG  1 
ATOM   346  C  CD  . GLU A 1 42  ? 11.757  5.181   -7.849  1.00 79.23  ? 41  GLU A CD  1 
ATOM   347  O  OE1 . GLU A 1 42  ? 11.833  5.808   -6.781  1.00 77.84  ? 41  GLU A OE1 1 
ATOM   348  O  OE2 . GLU A 1 42  ? 12.683  4.481   -8.313  1.00 77.55  ? 41  GLU A OE2 1 
ATOM   349  N  N   . LYS A 1 43  ? 12.284  7.475   -10.493 1.00 103.48 ? 42  LYS A N   1 
ATOM   350  C  CA  . LYS A 1 43  ? 12.932  7.328   -11.827 1.00 117.04 ? 42  LYS A CA  1 
ATOM   351  C  C   . LYS A 1 43  ? 13.187  5.848   -12.145 1.00 114.23 ? 42  LYS A C   1 
ATOM   352  O  O   . LYS A 1 43  ? 12.883  5.440   -13.288 1.00 117.33 ? 42  LYS A O   1 
ATOM   353  C  CB  . LYS A 1 43  ? 14.231  8.143   -11.877 1.00 122.62 ? 42  LYS A CB  1 
ATOM   354  C  CG  . LYS A 1 43  ? 14.036  9.654   -11.932 1.00 136.80 ? 42  LYS A CG  1 
ATOM   355  C  CD  . LYS A 1 43  ? 12.819  10.068  -12.746 1.00 147.99 ? 42  LYS A CD  1 
ATOM   356  C  CE  . LYS A 1 43  ? 12.731  11.552  -13.027 1.00 156.28 ? 42  LYS A CE  1 
ATOM   357  N  NZ  . LYS A 1 43  ? 11.530  11.868  -13.838 1.00 163.75 ? 42  LYS A NZ  1 
ATOM   358  N  N   . GLN A 1 44  ? 13.687  5.072   -11.176 1.00 103.00 ? 43  GLN A N   1 
ATOM   359  C  CA  . GLN A 1 44  ? 14.221  3.697   -11.390 1.00 102.76 ? 43  GLN A CA  1 
ATOM   360  C  C   . GLN A 1 44  ? 13.084  2.657   -11.476 1.00 95.26  ? 43  GLN A C   1 
ATOM   361  O  O   . GLN A 1 44  ? 12.937  2.048   -12.553 1.00 103.02 ? 43  GLN A O   1 
ATOM   362  C  CB  . GLN A 1 44  ? 15.231  3.354   -10.290 1.00 115.52 ? 43  GLN A CB  1 
ATOM   363  C  CG  . GLN A 1 44  ? 16.266  4.448   -10.038 1.00 129.76 ? 43  GLN A CG  1 
ATOM   364  C  CD  . GLN A 1 44  ? 16.788  5.087   -11.304 1.00 145.93 ? 43  GLN A CD  1 
ATOM   365  O  OE1 . GLN A 1 44  ? 17.105  4.414   -12.283 1.00 170.05 ? 43  GLN A OE1 1 
ATOM   366  N  NE2 . GLN A 1 44  ? 16.881  6.406   -11.298 1.00 156.96 ? 43  GLN A NE2 1 
ATOM   367  N  N   . LEU A 1 45  ? 12.314  2.449   -10.401 1.00 81.19  ? 44  LEU A N   1 
ATOM   368  C  CA  . LEU A 1 45  ? 11.365  1.309   -10.263 1.00 67.78  ? 44  LEU A CA  1 
ATOM   369  C  C   . LEU A 1 45  ? 10.209  1.484   -11.243 1.00 66.76  ? 44  LEU A C   1 
ATOM   370  O  O   . LEU A 1 45  ? 9.772   2.603   -11.509 1.00 70.60  ? 44  LEU A O   1 
ATOM   371  C  CB  . LEU A 1 45  ? 10.838  1.256   -8.826  1.00 71.84  ? 44  LEU A CB  1 
ATOM   372  C  CG  . LEU A 1 45  ? 11.872  0.992   -7.736  1.00 71.24  ? 44  LEU A CG  1 
ATOM   373  C  CD1 . LEU A 1 45  ? 11.274  1.254   -6.363  1.00 72.40  ? 44  LEU A CD1 1 
ATOM   374  C  CD2 . LEU A 1 45  ? 12.408  -0.428  -7.827  1.00 74.35  ? 44  LEU A CD2 1 
ATOM   375  N  N   . PRO A 1 46  ? 9.649   0.383   -11.791 1.00 65.29  ? 45  PRO A N   1 
ATOM   376  C  CA  . PRO A 1 46  ? 8.484   0.488   -12.660 1.00 61.01  ? 45  PRO A CA  1 
ATOM   377  C  C   . PRO A 1 46  ? 7.237   0.799   -11.830 1.00 68.18  ? 45  PRO A C   1 
ATOM   378  O  O   . PRO A 1 46  ? 7.290   0.695   -10.618 1.00 74.40  ? 45  PRO A O   1 
ATOM   379  C  CB  . PRO A 1 46  ? 8.366   -0.884  -13.331 1.00 64.27  ? 45  PRO A CB  1 
ATOM   380  C  CG  . PRO A 1 46  ? 9.149   -1.839  -12.439 1.00 66.40  ? 45  PRO A CG  1 
ATOM   381  C  CD  . PRO A 1 46  ? 10.094  -1.004  -11.595 1.00 67.00  ? 45  PRO A CD  1 
ATOM   382  N  N   . VAL A 1 47  ? 6.155   1.175   -12.502 1.00 69.08  ? 46  VAL A N   1 
ATOM   383  C  CA  . VAL A 1 47  ? 4.812   1.296   -11.871 1.00 72.99  ? 46  VAL A CA  1 
ATOM   384  C  C   . VAL A 1 47  ? 4.198   -0.104  -11.791 1.00 73.92  ? 46  VAL A C   1 
ATOM   385  O  O   . VAL A 1 47  ? 4.574   -0.954  -12.619 1.00 69.56  ? 46  VAL A O   1 
ATOM   386  C  CB  . VAL A 1 47  ? 3.895   2.279   -12.620 1.00 72.26  ? 46  VAL A CB  1 
ATOM   387  C  CG1 . VAL A 1 47  ? 4.524   3.656   -12.666 1.00 75.26  ? 46  VAL A CG1 1 
ATOM   388  C  CG2 . VAL A 1 47  ? 3.499   1.791   -14.009 1.00 70.99  ? 46  VAL A CG2 1 
ATOM   389  N  N   . LEU A 1 48  ? 3.316   -0.315  -10.803 1.00 77.05  ? 47  LEU A N   1 
ATOM   390  C  CA  . LEU A 1 48  ? 2.527   -1.561  -10.597 1.00 71.45  ? 47  LEU A CA  1 
ATOM   391  C  C   . LEU A 1 48  ? 1.436   -1.612  -11.669 1.00 65.01  ? 47  LEU A C   1 
ATOM   392  O  O   . LEU A 1 48  ? 1.049   -0.543  -12.196 1.00 62.28  ? 47  LEU A O   1 
ATOM   393  C  CB  . LEU A 1 48  ? 1.891   -1.584  -9.198  1.00 75.35  ? 47  LEU A CB  1 
ATOM   394  C  CG  . LEU A 1 48  ? 2.831   -1.597  -7.989  1.00 72.70  ? 47  LEU A CG  1 
ATOM   395  C  CD1 . LEU A 1 48  ? 2.050   -1.256  -6.735  1.00 75.60  ? 47  LEU A CD1 1 
ATOM   396  C  CD2 . LEU A 1 48  ? 3.529   -2.940  -7.825  1.00 71.96  ? 47  LEU A CD2 1 
ATOM   397  N  N   . ASP A 1 49  ? 0.959   -2.818  -11.958 1.00 64.30  ? 48  ASP A N   1 
ATOM   398  C  CA  . ASP A 1 49  ? -0.159  -3.086  -12.896 1.00 64.10  ? 48  ASP A CA  1 
ATOM   399  C  C   . ASP A 1 49  ? -1.466  -2.512  -12.332 1.00 66.53  ? 48  ASP A C   1 
ATOM   400  O  O   . ASP A 1 49  ? -2.356  -2.193  -13.131 1.00 68.78  ? 48  ASP A O   1 
ATOM   401  C  CB  . ASP A 1 49  ? -0.255  -4.584  -13.189 1.00 68.15  ? 48  ASP A CB  1 
ATOM   402  C  CG  . ASP A 1 49  ? -0.136  -5.463  -11.952 1.00 80.13  ? 48  ASP A CG  1 
ATOM   403  O  OD1 . ASP A 1 49  ? -1.136  -6.144  -11.631 1.00 82.55  ? 48  ASP A OD1 1 
ATOM   404  O  OD2 . ASP A 1 49  ? 0.961   -5.471  -11.319 1.00 72.50  ? 48  ASP A OD2 1 
ATOM   405  N  N   . LYS A 1 50  ? -1.600  -2.398  -11.008 1.00 64.94  ? 49  LYS A N   1 
ATOM   406  C  CA  . LYS A 1 50  ? -2.843  -1.889  -10.368 1.00 59.82  ? 49  LYS A CA  1 
ATOM   407  C  C   . LYS A 1 50  ? -2.466  -1.024  -9.165  1.00 57.39  ? 49  LYS A C   1 
ATOM   408  O  O   . LYS A 1 50  ? -1.254  -0.908  -8.841  1.00 54.97  ? 49  LYS A O   1 
ATOM   409  C  CB  . LYS A 1 50  ? -3.821  -3.033  -10.053 1.00 66.45  ? 49  LYS A CB  1 
ATOM   410  C  CG  . LYS A 1 50  ? -3.473  -4.004  -8.923  1.00 72.48  ? 49  LYS A CG  1 
ATOM   411  C  CD  . LYS A 1 50  ? -4.459  -5.178  -8.847  1.00 75.93  ? 49  LYS A CD  1 
ATOM   412  C  CE  . LYS A 1 50  ? -4.393  -6.007  -7.575  1.00 77.02  ? 49  LYS A CE  1 
ATOM   413  N  NZ  . LYS A 1 50  ? -5.708  -6.624  -7.263  1.00 76.79  ? 49  LYS A NZ  1 
ATOM   414  N  N   A THR A 1 51  ? -3.460  -0.419  -8.511  0.06 56.39  ? 50  THR A N   1 
ATOM   415  N  N   B THR A 1 51  ? -3.491  -0.413  -8.559  0.45 55.14  ? 50  THR A N   1 
ATOM   416  C  CA  A THR A 1 51  ? -3.268  0.479   -7.339  0.06 56.53  ? 50  THR A CA  1 
ATOM   417  C  CA  B THR A 1 51  ? -3.420  0.548   -7.423  0.45 58.48  ? 50  THR A CA  1 
ATOM   418  C  C   A THR A 1 51  ? -3.949  -0.106  -6.094  0.06 54.99  ? 50  THR A C   1 
ATOM   419  C  C   B THR A 1 51  ? -3.948  -0.108  -6.139  0.45 54.33  ? 50  THR A C   1 
ATOM   420  O  O   A THR A 1 51  ? -3.409  0.112   -4.992  0.06 54.35  ? 50  THR A O   1 
ATOM   421  O  O   B THR A 1 51  ? -3.318  0.065   -5.081  0.45 52.91  ? 50  THR A O   1 
ATOM   422  C  CB  A THR A 1 51  ? -3.742  1.902   -7.667  0.06 56.76  ? 50  THR A CB  1 
ATOM   423  C  CB  B THR A 1 51  ? -4.246  1.802   -7.741  0.45 57.89  ? 50  THR A CB  1 
ATOM   424  O  OG1 A THR A 1 51  ? -3.462  2.737   -6.543  0.06 57.31  ? 50  THR A OG1 1 
ATOM   425  O  OG1 B THR A 1 51  ? -3.785  2.352   -8.974  0.45 61.92  ? 50  THR A OG1 1 
ATOM   426  C  CG2 A THR A 1 51  ? -5.212  1.973   -8.009  0.06 56.84  ? 50  THR A CG2 1 
ATOM   427  C  CG2 B THR A 1 51  ? -4.170  2.863   -6.666  0.45 57.49  ? 50  THR A CG2 1 
ATOM   428  N  N   . LYS A 1 52  ? -5.068  -0.824  -6.254  1.00 53.16  ? 51  LYS A N   1 
ATOM   429  C  CA  . LYS A 1 52  ? -5.858  -1.357  -5.122  1.00 56.03  ? 51  LYS A CA  1 
ATOM   430  C  C   . LYS A 1 52  ? -5.654  -2.870  -4.919  1.00 55.02  ? 51  LYS A C   1 
ATOM   431  O  O   . LYS A 1 52  ? -6.054  -3.665  -5.811  1.00 55.55  ? 51  LYS A O   1 
ATOM   432  C  CB  . LYS A 1 52  ? -7.305  -1.022  -5.433  1.00 54.12  ? 51  LYS A CB  1 
ATOM   433  C  CG  . LYS A 1 52  ? -8.238  -1.172  -4.256  1.00 64.99  ? 51  LYS A CG  1 
ATOM   434  C  CD  . LYS A 1 52  ? -9.596  -0.707  -4.637  1.00 71.79  ? 51  LYS A CD  1 
ATOM   435  C  CE  . LYS A 1 52  ? -10.164 -1.517  -5.781  1.00 72.79  ? 51  LYS A CE  1 
ATOM   436  N  NZ  . LYS A 1 52  ? -11.592 -1.823  -5.540  1.00 74.72  ? 51  LYS A NZ  1 
ATOM   437  N  N   . PHE A 1 53  ? -5.071  -3.229  -3.763  1.00 51.46  ? 52  PHE A N   1 
ATOM   438  C  CA  . PHE A 1 53  ? -4.717  -4.605  -3.314  1.00 50.34  ? 52  PHE A CA  1 
ATOM   439  C  C   . PHE A 1 53  ? -5.612  -5.006  -2.141  1.00 47.71  ? 52  PHE A C   1 
ATOM   440  O  O   . PHE A 1 53  ? -5.842  -4.162  -1.234  1.00 46.76  ? 52  PHE A O   1 
ATOM   441  C  CB  . PHE A 1 53  ? -3.249  -4.642  -2.906  1.00 52.92  ? 52  PHE A CB  1 
ATOM   442  C  CG  . PHE A 1 53  ? -2.353  -4.357  -4.073  1.00 57.29  ? 52  PHE A CG  1 
ATOM   443  C  CD1 . PHE A 1 53  ? -2.121  -3.055  -4.480  1.00 58.46  ? 52  PHE A CD1 1 
ATOM   444  C  CD2 . PHE A 1 53  ? -1.812  -5.397  -4.812  1.00 66.21  ? 52  PHE A CD2 1 
ATOM   445  C  CE1 . PHE A 1 53  ? -1.337  -2.791  -5.593  1.00 62.63  ? 52  PHE A CE1 1 
ATOM   446  C  CE2 . PHE A 1 53  ? -1.024  -5.131  -5.921  1.00 67.66  ? 52  PHE A CE2 1 
ATOM   447  C  CZ  . PHE A 1 53  ? -0.793  -3.827  -6.313  1.00 64.07  ? 52  PHE A CZ  1 
ATOM   448  N  N   . LEU A 1 54  ? -6.144  -6.225  -2.162  1.00 46.76  ? 53  LEU A N   1 
ATOM   449  C  CA  . LEU A 1 54  ? -6.765  -6.837  -0.957  1.00 50.16  ? 53  LEU A CA  1 
ATOM   450  C  C   . LEU A 1 54  ? -5.745  -7.773  -0.271  1.00 47.02  ? 53  LEU A C   1 
ATOM   451  O  O   . LEU A 1 54  ? -5.662  -8.960  -0.624  1.00 50.47  ? 53  LEU A O   1 
ATOM   452  C  CB  . LEU A 1 54  ? -8.075  -7.535  -1.343  1.00 46.66  ? 53  LEU A CB  1 
ATOM   453  C  CG  . LEU A 1 54  ? -9.032  -6.699  -2.192  1.00 49.91  ? 53  LEU A CG  1 
ATOM   454  C  CD1 . LEU A 1 54  ? -10.277 -7.494  -2.490  1.00 54.32  ? 53  LEU A CD1 1 
ATOM   455  C  CD2 . LEU A 1 54  ? -9.382  -5.387  -1.518  1.00 48.67  ? 53  LEU A CD2 1 
ATOM   456  N  N   . VAL A 1 55  ? -5.069  -7.286  0.767   1.00 48.06  ? 54  VAL A N   1 
ATOM   457  C  CA  . VAL A 1 55  ? -4.015  -8.054  1.502   1.00 45.52  ? 54  VAL A CA  1 
ATOM   458  C  C   . VAL A 1 55  ? -4.671  -8.909  2.596   1.00 42.74  ? 54  VAL A C   1 
ATOM   459  O  O   . VAL A 1 55  ? -5.397  -8.398  3.449   1.00 44.22  ? 54  VAL A O   1 
ATOM   460  C  CB  . VAL A 1 55  ? -2.921  -7.106  2.040   1.00 45.55  ? 54  VAL A CB  1 
ATOM   461  C  CG1 . VAL A 1 55  ? -1.746  -7.858  2.635   1.00 40.58  ? 54  VAL A CG1 1 
ATOM   462  C  CG2 . VAL A 1 55  ? -2.446  -6.146  0.951   1.00 49.61  ? 54  VAL A CG2 1 
ATOM   463  N  N   . PRO A 1 56  ? -4.447  -10.249 2.587   1.00 47.75  ? 55  PRO A N   1 
ATOM   464  C  CA  . PRO A 1 56  ? -4.827  -11.119 3.700   1.00 47.63  ? 55  PRO A CA  1 
ATOM   465  C  C   . PRO A 1 56  ? -4.337  -10.524 5.025   1.00 43.91  ? 55  PRO A C   1 
ATOM   466  O  O   . PRO A 1 56  ? -3.198  -10.169 5.085   1.00 44.55  ? 55  PRO A O   1 
ATOM   467  C  CB  . PRO A 1 56  ? -4.076  -12.438 3.489   1.00 47.10  ? 55  PRO A CB  1 
ATOM   468  C  CG  . PRO A 1 56  ? -3.562  -12.397 2.055   1.00 53.44  ? 55  PRO A CG  1 
ATOM   469  C  CD  . PRO A 1 56  ? -3.695  -10.980 1.549   1.00 51.54  ? 55  PRO A CD  1 
ATOM   470  N  N   . ASP A 1 57  ? -5.206  -10.426 6.031   1.00 47.40  ? 56  ASP A N   1 
ATOM   471  C  CA  . ASP A 1 57  ? -4.999  -9.550  7.213   1.00 44.10  ? 56  ASP A CA  1 
ATOM   472  C  C   . ASP A 1 57  ? -4.012  -10.168 8.221   1.00 44.02  ? 56  ASP A C   1 
ATOM   473  O  O   . ASP A 1 57  ? -3.730  -9.479  9.210   1.00 42.17  ? 56  ASP A O   1 
ATOM   474  C  CB  . ASP A 1 57  ? -6.328  -9.183  7.865   1.00 44.39  ? 56  ASP A CB  1 
ATOM   475  C  CG  . ASP A 1 57  ? -6.900  -10.217 8.819   1.00 48.47  ? 56  ASP A CG  1 
ATOM   476  O  OD1 . ASP A 1 57  ? -6.586  -11.397 8.634   1.00 45.65  ? 56  ASP A OD1 1 
ATOM   477  O  OD2 . ASP A 1 57  ? -7.679  -9.818  9.740   1.00 47.18  ? 56  ASP A OD2 1 
ATOM   478  N  N   . HIS A 1 58  ? -3.430  -11.334 7.928   1.00 42.26  ? 57  HIS A N   1 
ATOM   479  C  CA  . HIS A 1 58  ? -2.468  -12.066 8.802   1.00 49.97  ? 57  HIS A CA  1 
ATOM   480  C  C   . HIS A 1 58  ? -1.023  -11.874 8.352   1.00 50.81  ? 57  HIS A C   1 
ATOM   481  O  O   . HIS A 1 58  ? -0.124  -12.273 9.132   1.00 55.45  ? 57  HIS A O   1 
ATOM   482  C  CB  . HIS A 1 58  ? -2.726  -13.588 8.838   1.00 50.36  ? 57  HIS A CB  1 
ATOM   483  C  CG  . HIS A 1 58  ? -2.806  -14.231 7.495   1.00 50.02  ? 57  HIS A CG  1 
ATOM   484  N  ND1 . HIS A 1 58  ? -1.722  -14.831 6.896   1.00 54.96  ? 57  HIS A ND1 1 
ATOM   485  C  CD2 . HIS A 1 58  ? -3.845  -14.367 6.641   1.00 55.59  ? 57  HIS A CD2 1 
ATOM   486  C  CE1 . HIS A 1 58  ? -2.080  -15.296 5.712   1.00 63.47  ? 57  HIS A CE1 1 
ATOM   487  N  NE2 . HIS A 1 58  ? -3.388  -15.027 5.536   1.00 69.13  ? 57  HIS A NE2 1 
ATOM   488  N  N   . VAL A 1 59  ? -0.798  -11.361 7.138   1.00 48.42  ? 58  VAL A N   1 
ATOM   489  C  CA  . VAL A 1 59  ? 0.590   -11.153 6.632   1.00 52.03  ? 58  VAL A CA  1 
ATOM   490  C  C   . VAL A 1 59  ? 1.189   -9.956  7.401   1.00 49.16  ? 58  VAL A C   1 
ATOM   491  O  O   . VAL A 1 59  ? 0.476   -8.977  7.696   1.00 47.89  ? 58  VAL A O   1 
ATOM   492  C  CB  . VAL A 1 59  ? 0.678   -11.014 5.092   1.00 52.19  ? 58  VAL A CB  1 
ATOM   493  C  CG1 . VAL A 1 59  ? -0.209  -12.007 4.359   1.00 53.56  ? 58  VAL A CG1 1 
ATOM   494  C  CG2 . VAL A 1 59  ? 0.384   -9.611  4.610   1.00 56.43  ? 58  VAL A CG2 1 
ATOM   495  N  N   . ASN A 1 60  ? 2.465   -10.039 7.752   1.00 47.53  ? 59  ASN A N   1 
ATOM   496  C  CA  . ASN A 1 60  ? 3.188   -8.919  8.394   1.00 44.79  ? 59  ASN A CA  1 
ATOM   497  C  C   . ASN A 1 60  ? 3.836   -8.076  7.288   1.00 45.67  ? 59  ASN A C   1 
ATOM   498  O  O   . ASN A 1 60  ? 3.852   -8.515  6.136   1.00 43.52  ? 59  ASN A O   1 
ATOM   499  C  CB  . ASN A 1 60  ? 4.142   -9.467  9.447   1.00 48.49  ? 59  ASN A CB  1 
ATOM   500  C  CG  . ASN A 1 60  ? 5.334   -10.157 8.831   1.00 48.78  ? 59  ASN A CG  1 
ATOM   501  O  OD1 . ASN A 1 60  ? 5.619   -9.994  7.652   1.00 56.52  ? 59  ASN A OD1 1 
ATOM   502  N  ND2 . ASN A 1 60  ? 6.061   -10.900 9.637   1.00 56.56  ? 59  ASN A ND2 1 
ATOM   503  N  N   . MET A 1 61  ? 4.309   -6.875  7.619   1.00 48.98  ? 60  MET A N   1 
ATOM   504  C  CA  . MET A 1 61  ? 4.797   -5.880  6.634   1.00 51.90  ? 60  MET A CA  1 
ATOM   505  C  C   . MET A 1 61  ? 6.001   -6.412  5.836   1.00 50.89  ? 60  MET A C   1 
ATOM   506  O  O   . MET A 1 61  ? 6.195   -5.996  4.678   1.00 51.90  ? 60  MET A O   1 
ATOM   507  C  CB  . MET A 1 61  ? 5.185   -4.583  7.349   1.00 56.63  ? 60  MET A CB  1 
ATOM   508  C  CG  . MET A 1 61  ? 4.005   -3.838  7.927   1.00 59.44  ? 60  MET A CG  1 
ATOM   509  S  SD  . MET A 1 61  ? 2.728   -3.519  6.698   1.00 58.57  ? 60  MET A SD  1 
ATOM   510  C  CE  . MET A 1 61  ? 3.617   -2.484  5.543   1.00 52.54  ? 60  MET A CE  1 
ATOM   511  N  N   A SER A 1 62  ? 6.797   -7.294  6.443   0.47 50.55  ? 61  SER A N   1 
ATOM   512  N  N   B SER A 1 62  ? 6.803   -7.292  6.448   0.04 50.35  ? 61  SER A N   1 
ATOM   513  C  CA  A SER A 1 62  ? 7.976   -7.934  5.807   0.47 53.76  ? 61  SER A CA  1 
ATOM   514  C  CA  B SER A 1 62  ? 7.983   -7.944  5.819   0.04 50.06  ? 61  SER A CA  1 
ATOM   515  C  C   A SER A 1 62  ? 7.518   -8.791  4.619   0.47 51.32  ? 61  SER A C   1 
ATOM   516  C  C   B SER A 1 62  ? 7.526   -8.797  4.628   0.04 49.71  ? 61  SER A C   1 
ATOM   517  O  O   A SER A 1 62  ? 8.119   -8.683  3.541   0.47 52.23  ? 61  SER A O   1 
ATOM   518  O  O   B SER A 1 62  ? 8.144   -8.685  3.554   0.04 50.03  ? 61  SER A O   1 
ATOM   519  C  CB  A SER A 1 62  ? 8.743   -8.744  6.816   0.47 57.41  ? 61  SER A CB  1 
ATOM   520  C  CB  B SER A 1 62  ? 8.761   -8.760  6.820   0.04 50.02  ? 61  SER A CB  1 
ATOM   521  O  OG  A SER A 1 62  ? 9.771   -9.489  6.188   0.47 64.64  ? 61  SER A OG  1 
ATOM   522  O  OG  B SER A 1 62  ? 8.085   -9.968  7.131   0.04 49.84  ? 61  SER A OG  1 
ATOM   523  N  N   . GLU A 1 63  ? 6.477   -9.606  4.817   1.00 49.61  ? 62  GLU A N   1 
ATOM   524  C  CA  . GLU A 1 63  ? 5.864   -10.413 3.731   1.00 47.62  ? 62  GLU A CA  1 
ATOM   525  C  C   . GLU A 1 63  ? 5.221   -9.476  2.698   1.00 43.97  ? 62  GLU A C   1 
ATOM   526  O  O   . GLU A 1 63  ? 5.347   -9.771  1.535   1.00 46.61  ? 62  GLU A O   1 
ATOM   527  C  CB  . GLU A 1 63  ? 4.911   -11.444 4.334   1.00 48.56  ? 62  GLU A CB  1 
ATOM   528  C  CG  . GLU A 1 63  ? 4.329   -12.436 3.350   1.00 49.03  ? 62  GLU A CG  1 
ATOM   529  C  CD  . GLU A 1 63  ? 5.258   -13.033 2.305   1.00 51.66  ? 62  GLU A CD  1 
ATOM   530  O  OE1 . GLU A 1 63  ? 6.424   -13.315 2.625   1.00 61.70  ? 62  GLU A OE1 1 
ATOM   531  O  OE2 . GLU A 1 63  ? 4.804   -13.234 1.166   1.00 51.04  ? 62  GLU A OE2 1 
ATOM   532  N  N   . LEU A 1 64  ? 4.635   -8.332  3.067   1.00 52.03  ? 63  LEU A N   1 
ATOM   533  C  CA  . LEU A 1 64  ? 4.018   -7.430  2.051   1.00 44.92  ? 63  LEU A CA  1 
ATOM   534  C  C   . LEU A 1 64  ? 5.087   -6.812  1.151   1.00 46.26  ? 63  LEU A C   1 
ATOM   535  O  O   . LEU A 1 64  ? 4.805   -6.616  -0.050  1.00 50.35  ? 63  LEU A O   1 
ATOM   536  C  CB  . LEU A 1 64  ? 3.157   -6.339  2.681   1.00 44.14  ? 63  LEU A CB  1 
ATOM   537  C  CG  . LEU A 1 64  ? 2.392   -5.483  1.666   1.00 47.48  ? 63  LEU A CG  1 
ATOM   538  C  CD1 . LEU A 1 64  ? 1.636   -6.323  0.631   1.00 46.57  ? 63  LEU A CD1 1 
ATOM   539  C  CD2 . LEU A 1 64  ? 1.445   -4.529  2.361   1.00 48.32  ? 63  LEU A CD2 1 
ATOM   540  N  N   . ILE A 1 65  ? 6.274   -6.515  1.677   1.00 53.00  ? 64  ILE A N   1 
ATOM   541  C  CA  . ILE A 1 65  ? 7.398   -5.938  0.868   1.00 52.06  ? 64  ILE A CA  1 
ATOM   542  C  C   . ILE A 1 65  ? 7.834   -6.979  -0.164  1.00 48.16  ? 64  ILE A C   1 
ATOM   543  O  O   . ILE A 1 65  ? 7.966   -6.620  -1.345  1.00 51.75  ? 64  ILE A O   1 
ATOM   544  C  CB  . ILE A 1 65  ? 8.585   -5.493  1.757   1.00 57.23  ? 64  ILE A CB  1 
ATOM   545  C  CG1 . ILE A 1 65  ? 8.228   -4.301  2.649   1.00 56.34  ? 64  ILE A CG1 1 
ATOM   546  C  CG2 . ILE A 1 65  ? 9.824   -5.187  0.917   1.00 58.17  ? 64  ILE A CG2 1 
ATOM   547  C  CD1 . ILE A 1 65  ? 8.992   -4.278  3.949   1.00 59.61  ? 64  ILE A CD1 1 
ATOM   548  N  N   . LYS A 1 66  ? 8.045   -8.223  0.278   1.00 49.81  ? 65  LYS A N   1 
ATOM   549  C  CA  . LYS A 1 66  ? 8.376   -9.385  -0.592  1.00 48.74  ? 65  LYS A CA  1 
ATOM   550  C  C   . LYS A 1 66  ? 7.342   -9.573  -1.704  1.00 48.30  ? 65  LYS A C   1 
ATOM   551  O  O   . LYS A 1 66  ? 7.736   -9.857  -2.828  1.00 44.25  ? 65  LYS A O   1 
ATOM   552  C  CB  . LYS A 1 66  ? 8.431   -10.628 0.278   1.00 50.78  ? 65  LYS A CB  1 
ATOM   553  C  CG  . LYS A 1 66  ? 9.633   -10.618 1.188   1.00 49.81  ? 65  LYS A CG  1 
ATOM   554  C  CD  . LYS A 1 66  ? 9.882   -11.913 1.865   1.00 56.97  ? 65  LYS A CD  1 
ATOM   555  C  CE  . LYS A 1 66  ? 10.915  -11.769 2.961   1.00 67.58  ? 65  LYS A CE  1 
ATOM   556  N  NZ  . LYS A 1 66  ? 11.108  -13.056 3.664   1.00 85.67  ? 65  LYS A NZ  1 
ATOM   557  N  N   . ILE A 1 67  ? 6.060   -9.431  -1.391  1.00 51.40  ? 66  ILE A N   1 
ATOM   558  C  CA  . ILE A 1 67  ? 4.950   -9.599  -2.371  1.00 47.85  ? 66  ILE A CA  1 
ATOM   559  C  C   . ILE A 1 67  ? 5.099   -8.566  -3.478  1.00 51.15  ? 66  ILE A C   1 
ATOM   560  O  O   . ILE A 1 67  ? 5.000   -8.938  -4.671  1.00 48.90  ? 66  ILE A O   1 
ATOM   561  C  CB  . ILE A 1 67  ? 3.589   -9.471  -1.677  1.00 45.73  ? 66  ILE A CB  1 
ATOM   562  C  CG1 . ILE A 1 67  ? 3.326   -10.705 -0.806  1.00 48.41  ? 66  ILE A CG1 1 
ATOM   563  C  CG2 . ILE A 1 67  ? 2.456   -9.194  -2.682  1.00 44.81  ? 66  ILE A CG2 1 
ATOM   564  C  CD1 . ILE A 1 67  ? 2.214   -10.523 0.210   1.00 48.81  ? 66  ILE A CD1 1 
ATOM   565  N  N   A ILE A 1 68  ? 5.317   -7.301  -3.105  0.17 51.45  ? 67  ILE A N   1 
ATOM   566  N  N   B ILE A 1 68  ? 5.304   -7.301  -3.087  0.34 53.60  ? 67  ILE A N   1 
ATOM   567  C  CA  A ILE A 1 68  ? 5.338   -6.148  -4.058  0.17 51.59  ? 67  ILE A CA  1 
ATOM   568  C  CA  B ILE A 1 68  ? 5.357   -6.127  -4.012  0.34 54.59  ? 67  ILE A CA  1 
ATOM   569  C  C   A ILE A 1 68  ? 6.665   -6.133  -4.830  0.17 51.16  ? 67  ILE A C   1 
ATOM   570  C  C   B ILE A 1 68  ? 6.650   -6.178  -4.833  0.34 53.30  ? 67  ILE A C   1 
ATOM   571  O  O   A ILE A 1 68  ? 6.642   -5.699  -5.996  0.17 50.23  ? 67  ILE A O   1 
ATOM   572  O  O   B ILE A 1 68  ? 6.590   -5.836  -6.025  0.34 51.71  ? 67  ILE A O   1 
ATOM   573  C  CB  A ILE A 1 68  ? 5.074   -4.813  -3.337  0.17 52.08  ? 67  ILE A CB  1 
ATOM   574  C  CB  B ILE A 1 68  ? 5.238   -4.791  -3.256  0.34 56.62  ? 67  ILE A CB  1 
ATOM   575  C  CG1 A ILE A 1 68  ? 3.655   -4.755  -2.759  0.17 51.81  ? 67  ILE A CG1 1 
ATOM   576  C  CG1 B ILE A 1 68  ? 3.898   -4.656  -2.524  0.34 58.34  ? 67  ILE A CG1 1 
ATOM   577  C  CG2 A ILE A 1 68  ? 5.354   -3.647  -4.271  0.17 53.41  ? 67  ILE A CG2 1 
ATOM   578  C  CG2 B ILE A 1 68  ? 5.471   -3.640  -4.221  0.34 59.23  ? 67  ILE A CG2 1 
ATOM   579  C  CD1 A ILE A 1 68  ? 2.572   -5.199  -3.719  0.17 50.66  ? 67  ILE A CD1 1 
ATOM   580  C  CD1 B ILE A 1 68  ? 3.914   -3.644  -1.395  0.34 56.90  ? 67  ILE A CD1 1 
ATOM   581  N  N   . ARG A 1 69  ? 7.772   -6.569  -4.214  1.00 50.63  ? 68  ARG A N   1 
ATOM   582  C  CA  . ARG A 1 69  ? 9.057   -6.791  -4.937  1.00 46.89  ? 68  ARG A CA  1 
ATOM   583  C  C   . ARG A 1 69  ? 8.872   -7.936  -5.942  1.00 47.12  ? 68  ARG A C   1 
ATOM   584  O  O   . ARG A 1 69  ? 9.458   -7.857  -7.004  1.00 54.23  ? 68  ARG A O   1 
ATOM   585  C  CB  . ARG A 1 69  ? 10.215  -7.170  -4.009  1.00 43.99  ? 68  ARG A CB  1 
ATOM   586  C  CG  . ARG A 1 69  ? 10.690  -6.051  -3.099  1.00 46.49  ? 68  ARG A CG  1 
ATOM   587  C  CD  . ARG A 1 69  ? 11.706  -6.588  -2.090  1.00 53.21  ? 68  ARG A CD  1 
ATOM   588  N  NE  . ARG A 1 69  ? 12.901  -6.983  -2.830  1.00 60.70  ? 68  ARG A NE  1 
ATOM   589  C  CZ  . ARG A 1 69  ? 13.828  -6.144  -3.321  1.00 70.11  ? 68  ARG A CZ  1 
ATOM   590  N  NH1 . ARG A 1 69  ? 13.778  -4.833  -3.102  1.00 69.28  ? 68  ARG A NH1 1 
ATOM   591  N  NH2 . ARG A 1 69  ? 14.830  -6.640  -4.025  1.00 68.29  ? 68  ARG A NH2 1 
ATOM   592  N  N   . ARG A 1 70  ? 8.093   -8.971  -5.624  1.00 47.42  ? 69  ARG A N   1 
ATOM   593  C  CA  . ARG A 1 70  ? 7.804   -10.070 -6.586  1.00 48.01  ? 69  ARG A CA  1 
ATOM   594  C  C   . ARG A 1 70  ? 6.885   -9.532  -7.682  1.00 51.31  ? 69  ARG A C   1 
ATOM   595  O  O   . ARG A 1 70  ? 7.053   -9.905  -8.841  1.00 55.88  ? 69  ARG A O   1 
ATOM   596  C  CB  . ARG A 1 70  ? 7.225   -11.305 -5.890  1.00 46.57  ? 69  ARG A CB  1 
ATOM   597  C  CG  . ARG A 1 70  ? 8.269   -12.144 -5.160  1.00 47.76  ? 69  ARG A CG  1 
ATOM   598  C  CD  . ARG A 1 70  ? 7.829   -13.541 -4.746  1.00 49.72  ? 69  ARG A CD  1 
ATOM   599  N  NE  . ARG A 1 70  ? 6.763   -13.609 -3.749  1.00 49.28  ? 69  ARG A NE  1 
ATOM   600  C  CZ  . ARG A 1 70  ? 6.902   -13.729 -2.422  1.00 54.74  ? 69  ARG A CZ  1 
ATOM   601  N  NH1 . ARG A 1 70  ? 8.095   -13.781 -1.843  1.00 57.27  ? 69  ARG A NH1 1 
ATOM   602  N  NH2 . ARG A 1 70  ? 5.819   -13.786 -1.662  1.00 47.18  ? 69  ARG A NH2 1 
ATOM   603  N  N   . ARG A 1 71  ? 5.959   -8.662  -7.315  1.00 54.40  ? 70  ARG A N   1 
ATOM   604  C  CA  . ARG A 1 71  ? 4.969   -8.076  -8.240  1.00 52.28  ? 70  ARG A CA  1 
ATOM   605  C  C   . ARG A 1 71  ? 5.657   -7.173  -9.274  1.00 60.84  ? 70  ARG A C   1 
ATOM   606  O  O   . ARG A 1 71  ? 5.267   -7.235  -10.459 1.00 66.09  ? 70  ARG A O   1 
ATOM   607  C  CB  . ARG A 1 71  ? 3.940   -7.304  -7.426  1.00 51.46  ? 70  ARG A CB  1 
ATOM   608  C  CG  . ARG A 1 71  ? 2.797   -6.810  -8.282  1.00 58.21  ? 70  ARG A CG  1 
ATOM   609  C  CD  . ARG A 1 71  ? 1.482   -7.196  -7.691  1.00 68.04  ? 70  ARG A CD  1 
ATOM   610  N  NE  . ARG A 1 71  ? 0.413   -7.154  -8.686  1.00 71.66  ? 70  ARG A NE  1 
ATOM   611  C  CZ  . ARG A 1 71  ? -0.715  -7.861  -8.612  1.00 69.99  ? 70  ARG A CZ  1 
ATOM   612  N  NH1 . ARG A 1 71  ? -0.928  -8.684  -7.591  1.00 66.81  ? 70  ARG A NH1 1 
ATOM   613  N  NH2 . ARG A 1 71  ? -1.627  -7.737  -9.562  1.00 71.46  ? 70  ARG A NH2 1 
ATOM   614  N  N   . LEU A 1 72  ? 6.589   -6.331  -8.829  1.00 62.27  ? 71  LEU A N   1 
ATOM   615  C  CA  . LEU A 1 72  ? 7.453   -5.470  -9.685  1.00 65.54  ? 71  LEU A CA  1 
ATOM   616  C  C   . LEU A 1 72  ? 8.522   -6.312  -10.393 1.00 68.59  ? 71  LEU A C   1 
ATOM   617  O  O   . LEU A 1 72  ? 9.199   -5.758  -11.267 1.00 65.68  ? 71  LEU A O   1 
ATOM   618  C  CB  . LEU A 1 72  ? 8.148   -4.423  -8.809  1.00 65.36  ? 71  LEU A CB  1 
ATOM   619  C  CG  . LEU A 1 72  ? 7.243   -3.358  -8.213  1.00 61.30  ? 71  LEU A CG  1 
ATOM   620  C  CD1 . LEU A 1 72  ? 7.996   -2.524  -7.178  1.00 63.06  ? 71  LEU A CD1 1 
ATOM   621  C  CD2 . LEU A 1 72  ? 6.660   -2.505  -9.313  1.00 65.51  ? 71  LEU A CD2 1 
ATOM   622  N  N   . GLN A 1 73  ? 8.708   -7.570  -9.985  1.00 69.64  ? 72  GLN A N   1 
ATOM   623  C  CA  . GLN A 1 73  ? 9.712   -8.509  -10.554 1.00 70.37  ? 72  GLN A CA  1 
ATOM   624  C  C   . GLN A 1 73  ? 11.128  -7.927  -10.388 1.00 72.64  ? 72  GLN A C   1 
ATOM   625  O  O   . GLN A 1 73  ? 11.990  -8.214  -11.229 1.00 75.63  ? 72  GLN A O   1 
ATOM   626  C  CB  . GLN A 1 73  ? 9.348   -8.843  -12.009 1.00 75.49  ? 72  GLN A CB  1 
ATOM   627  C  CG  . GLN A 1 73  ? 8.269   -9.917  -12.145 1.00 83.06  ? 72  GLN A CG  1 
ATOM   628  C  CD  . GLN A 1 73  ? 8.736   -11.316 -11.779 1.00 89.81  ? 72  GLN A CD  1 
ATOM   629  O  OE1 . GLN A 1 73  ? 9.293   -12.037 -12.606 1.00 82.76  ? 72  GLN A OE1 1 
ATOM   630  N  NE2 . GLN A 1 73  ? 8.488   -11.740 -10.541 1.00 82.98  ? 72  GLN A NE2 1 
ATOM   631  N  N   . LEU A 1 74  ? 11.391  -7.200  -9.296  1.00 75.86  ? 73  LEU A N   1 
ATOM   632  C  CA  . LEU A 1 74  ? 12.752  -6.717  -8.913  1.00 68.31  ? 73  LEU A CA  1 
ATOM   633  C  C   . LEU A 1 74  ? 13.713  -7.907  -8.834  1.00 64.08  ? 73  LEU A C   1 
ATOM   634  O  O   . LEU A 1 74  ? 13.264  -9.033  -9.059  1.00 68.93  ? 73  LEU A O   1 
ATOM   635  C  CB  . LEU A 1 74  ? 12.705  -5.992  -7.561  1.00 61.57  ? 73  LEU A CB  1 
ATOM   636  C  CG  . LEU A 1 74  ? 11.736  -4.810  -7.440  1.00 68.94  ? 73  LEU A CG  1 
ATOM   637  C  CD1 . LEU A 1 74  ? 12.088  -3.955  -6.233  1.00 69.45  ? 73  LEU A CD1 1 
ATOM   638  C  CD2 . LEU A 1 74  ? 11.704  -3.945  -8.692  1.00 65.41  ? 73  LEU A CD2 1 
ATOM   639  N  N   . ASN A 1 75  ? 14.993  -7.638  -8.545  1.00 68.15  ? 74  ASN A N   1 
ATOM   640  C  CA  . ASN A 1 75  ? 16.057  -8.642  -8.244  1.00 76.99  ? 74  ASN A CA  1 
ATOM   641  C  C   . ASN A 1 75  ? 16.859  -8.205  -7.002  1.00 71.19  ? 74  ASN A C   1 
ATOM   642  O  O   . ASN A 1 75  ? 16.641  -7.086  -6.493  1.00 68.52  ? 74  ASN A O   1 
ATOM   643  C  CB  . ASN A 1 75  ? 16.970  -8.910  -9.445  1.00 91.94  ? 74  ASN A CB  1 
ATOM   644  C  CG  . ASN A 1 75  ? 17.568  -7.646  -10.029 1.00 102.22 ? 74  ASN A CG  1 
ATOM   645  O  OD1 . ASN A 1 75  ? 18.298  -6.922  -9.347  1.00 107.55 ? 74  ASN A OD1 1 
ATOM   646  N  ND2 . ASN A 1 75  ? 17.263  -7.371  -11.289 1.00 102.24 ? 74  ASN A ND2 1 
ATOM   647  N  N   . ALA A 1 76  ? 17.763  -9.066  -6.540  1.00 71.43  ? 75  ALA A N   1 
ATOM   648  C  CA  . ALA A 1 76  ? 18.285  -9.102  -5.158  1.00 78.08  ? 75  ALA A CA  1 
ATOM   649  C  C   . ALA A 1 76  ? 18.897  -7.761  -4.737  1.00 83.46  ? 75  ALA A C   1 
ATOM   650  O  O   . ALA A 1 76  ? 18.819  -7.454  -3.543  1.00 99.19  ? 75  ALA A O   1 
ATOM   651  C  CB  . ALA A 1 76  ? 19.284  -10.221 -5.035  1.00 81.94  ? 75  ALA A CB  1 
ATOM   652  N  N   . ASN A 1 77  ? 19.496  -6.990  -5.648  1.00 95.15  ? 76  ASN A N   1 
ATOM   653  C  CA  . ASN A 1 77  ? 20.323  -5.811  -5.263  1.00 104.23 ? 76  ASN A CA  1 
ATOM   654  C  C   . ASN A 1 77  ? 19.714  -4.500  -5.785  1.00 103.18 ? 76  ASN A C   1 
ATOM   655  O  O   . ASN A 1 77  ? 20.410  -3.465  -5.674  1.00 117.07 ? 76  ASN A O   1 
ATOM   656  C  CB  . ASN A 1 77  ? 21.777  -5.984  -5.707  1.00 113.50 ? 76  ASN A CB  1 
ATOM   657  C  CG  . ASN A 1 77  ? 21.903  -6.239  -7.192  1.00 117.93 ? 76  ASN A CG  1 
ATOM   658  O  OD1 . ASN A 1 77  ? 20.921  -6.133  -7.922  1.00 112.21 ? 76  ASN A OD1 1 
ATOM   659  N  ND2 . ASN A 1 77  ? 23.100  -6.587  -7.639  1.00 125.18 ? 76  ASN A ND2 1 
ATOM   660  N  N   . GLN A 1 78  ? 18.478  -4.525  -6.314  1.00 94.20  ? 77  GLN A N   1 
ATOM   661  C  CA  . GLN A 1 78  ? 17.600  -3.323  -6.419  1.00 85.47  ? 77  GLN A CA  1 
ATOM   662  C  C   . GLN A 1 78  ? 17.133  -2.959  -5.003  1.00 82.70  ? 77  GLN A C   1 
ATOM   663  O  O   . GLN A 1 78  ? 16.964  -3.872  -4.172  1.00 79.53  ? 77  GLN A O   1 
ATOM   664  C  CB  . GLN A 1 78  ? 16.409  -3.549  -7.356  1.00 82.13  ? 77  GLN A CB  1 
ATOM   665  C  CG  . GLN A 1 78  ? 16.822  -3.839  -8.791  1.00 84.95  ? 77  GLN A CG  1 
ATOM   666  C  CD  . GLN A 1 78  ? 15.667  -3.977  -9.753  1.00 92.09  ? 77  GLN A CD  1 
ATOM   667  O  OE1 . GLN A 1 78  ? 15.466  -5.020  -10.371 1.00 93.12  ? 77  GLN A OE1 1 
ATOM   668  N  NE2 . GLN A 1 78  ? 14.902  -2.910  -9.907  1.00 105.27 ? 77  GLN A NE2 1 
ATOM   669  N  N   . ALA A 1 79  ? 17.014  -1.667  -4.707  1.00 83.45  ? 78  ALA A N   1 
ATOM   670  C  CA  . ALA A 1 79  ? 16.528  -1.169  -3.402  1.00 80.97  ? 78  ALA A CA  1 
ATOM   671  C  C   . ALA A 1 79  ? 15.071  -0.744  -3.583  1.00 72.75  ? 78  ALA A C   1 
ATOM   672  O  O   . ALA A 1 79  ? 14.659  -0.408  -4.715  1.00 68.28  ? 78  ALA A O   1 
ATOM   673  C  CB  . ALA A 1 79  ? 17.399  -0.050  -2.876  1.00 87.07  ? 78  ALA A CB  1 
ATOM   674  N  N   . PHE A 1 80  ? 14.314  -0.805  -2.494  1.00 68.99  ? 79  PHE A N   1 
ATOM   675  C  CA  . PHE A 1 80  ? 12.851  -0.601  -2.475  1.00 65.30  ? 79  PHE A CA  1 
ATOM   676  C  C   . PHE A 1 80  ? 12.515  -0.135  -1.065  1.00 67.93  ? 79  PHE A C   1 
ATOM   677  O  O   . PHE A 1 80  ? 13.042  -0.719  -0.094  1.00 67.48  ? 79  PHE A O   1 
ATOM   678  C  CB  . PHE A 1 80  ? 12.167  -1.898  -2.910  1.00 63.61  ? 79  PHE A CB  1 
ATOM   679  C  CG  . PHE A 1 80  ? 10.670  -1.903  -2.816  1.00 60.46  ? 79  PHE A CG  1 
ATOM   680  C  CD1 . PHE A 1 80  ? 9.896   -1.569  -3.910  1.00 61.07  ? 79  PHE A CD1 1 
ATOM   681  C  CD2 . PHE A 1 80  ? 10.046  -2.273  -1.637  1.00 60.82  ? 79  PHE A CD2 1 
ATOM   682  C  CE1 . PHE A 1 80  ? 8.515   -1.589  -3.820  1.00 66.36  ? 79  PHE A CE1 1 
ATOM   683  C  CE2 . PHE A 1 80  ? 8.665   -2.297  -1.553  1.00 59.66  ? 79  PHE A CE2 1 
ATOM   684  C  CZ  . PHE A 1 80  ? 7.905   -1.954  -2.642  1.00 60.68  ? 79  PHE A CZ  1 
ATOM   685  N  N   . PHE A 1 81  ? 11.750  0.946   -0.966  1.00 70.51  ? 80  PHE A N   1 
ATOM   686  C  CA  . PHE A 1 81  ? 11.392  1.590   0.318   1.00 70.24  ? 80  PHE A CA  1 
ATOM   687  C  C   . PHE A 1 81  ? 9.886   1.792   0.252   1.00 63.45  ? 80  PHE A C   1 
ATOM   688  O  O   . PHE A 1 81  ? 9.390   2.154   -0.812  1.00 53.49  ? 80  PHE A O   1 
ATOM   689  C  CB  . PHE A 1 81  ? 12.268  2.829   0.557   1.00 74.41  ? 80  PHE A CB  1 
ATOM   690  C  CG  . PHE A 1 81  ? 13.733  2.506   0.749   1.00 76.22  ? 80  PHE A CG  1 
ATOM   691  C  CD1 . PHE A 1 81  ? 14.638  2.661   -0.295  1.00 76.22  ? 80  PHE A CD1 1 
ATOM   692  C  CD2 . PHE A 1 81  ? 14.194  1.976   1.952   1.00 72.34  ? 80  PHE A CD2 1 
ATOM   693  C  CE1 . PHE A 1 81  ? 15.975  2.322   -0.124  1.00 81.47  ? 80  PHE A CE1 1 
ATOM   694  C  CE2 . PHE A 1 81  ? 15.532  1.643   2.123   1.00 75.42  ? 80  PHE A CE2 1 
ATOM   695  C  CZ  . PHE A 1 81  ? 16.420  1.823   1.086   1.00 79.86  ? 80  PHE A CZ  1 
ATOM   696  N  N   . LEU A 1 82  ? 9.206   1.420   1.328   1.00 66.33  ? 81  LEU A N   1 
ATOM   697  C  CA  . LEU A 1 82  ? 7.734   1.456   1.440   1.00 67.28  ? 81  LEU A CA  1 
ATOM   698  C  C   . LEU A 1 82  ? 7.385   2.344   2.632   1.00 69.02  ? 81  LEU A C   1 
ATOM   699  O  O   . LEU A 1 82  ? 7.760   1.994   3.781   1.00 64.11  ? 81  LEU A O   1 
ATOM   700  C  CB  . LEU A 1 82  ? 7.211   0.028   1.618   1.00 67.57  ? 81  LEU A CB  1 
ATOM   701  C  CG  . LEU A 1 82  ? 5.715   -0.157  1.396   1.00 65.24  ? 81  LEU A CG  1 
ATOM   702  C  CD1 . LEU A 1 82  ? 5.348   0.042   -0.070  1.00 60.06  ? 81  LEU A CD1 1 
ATOM   703  C  CD2 . LEU A 1 82  ? 5.283   -1.529  1.896   1.00 65.71  ? 81  LEU A CD2 1 
ATOM   704  N  N   . LEU A 1 83  ? 6.780   3.491   2.333   1.00 60.05  ? 82  LEU A N   1 
ATOM   705  C  CA  . LEU A 1 83  ? 6.133   4.372   3.323   1.00 59.31  ? 82  LEU A CA  1 
ATOM   706  C  C   . LEU A 1 83  ? 4.681   3.941   3.489   1.00 56.17  ? 82  LEU A C   1 
ATOM   707  O  O   . LEU A 1 83  ? 4.033   3.575   2.496   1.00 53.70  ? 82  LEU A O   1 
ATOM   708  C  CB  . LEU A 1 83  ? 6.167   5.811   2.820   1.00 64.98  ? 82  LEU A CB  1 
ATOM   709  C  CG  . LEU A 1 83  ? 7.548   6.400   2.574   1.00 69.64  ? 82  LEU A CG  1 
ATOM   710  C  CD1 . LEU A 1 83  ? 7.400   7.834   2.101   1.00 70.68  ? 82  LEU A CD1 1 
ATOM   711  C  CD2 . LEU A 1 83  ? 8.412   6.326   3.824   1.00 71.10  ? 82  LEU A CD2 1 
ATOM   712  N  N   . VAL A 1 84  ? 4.196   4.038   4.714   1.00 54.65  ? 83  VAL A N   1 
ATOM   713  C  CA  . VAL A 1 84  ? 2.802   3.720   5.102   1.00 59.57  ? 83  VAL A CA  1 
ATOM   714  C  C   . VAL A 1 84  ? 2.244   5.010   5.698   1.00 56.63  ? 83  VAL A C   1 
ATOM   715  O  O   . VAL A 1 84  ? 2.892   5.527   6.635   1.00 51.65  ? 83  VAL A O   1 
ATOM   716  C  CB  . VAL A 1 84  ? 2.772   2.551   6.108   1.00 61.24  ? 83  VAL A CB  1 
ATOM   717  C  CG1 . VAL A 1 84  ? 1.356   2.054   6.354   1.00 66.45  ? 83  VAL A CG1 1 
ATOM   718  C  CG2 . VAL A 1 84  ? 3.678   1.413   5.673   1.00 61.78  ? 83  VAL A CG2 1 
ATOM   719  N  N   . ASN A 1 85  ? 1.116   5.504   5.174   1.00 57.62  ? 84  ASN A N   1 
ATOM   720  C  CA  . ASN A 1 85  ? 0.390   6.689   5.704   1.00 55.54  ? 84  ASN A CA  1 
ATOM   721  C  C   . ASN A 1 85  ? 1.380   7.859   5.781   1.00 54.86  ? 84  ASN A C   1 
ATOM   722  O  O   . ASN A 1 85  ? 1.369   8.591   6.772   1.00 54.61  ? 84  ASN A O   1 
ATOM   723  C  CB  . ASN A 1 85  ? -0.257  6.314   7.042   1.00 57.81  ? 84  ASN A CB  1 
ATOM   724  C  CG  . ASN A 1 85  ? -0.964  7.446   7.758   1.00 53.88  ? 84  ASN A CG  1 
ATOM   725  O  OD1 . ASN A 1 85  ? -1.647  8.258   7.149   1.00 56.66  ? 84  ASN A OD1 1 
ATOM   726  N  ND2 . ASN A 1 85  ? -0.833  7.469   9.068   1.00 56.06  ? 84  ASN A ND2 1 
ATOM   727  N  N   . GLY A 1 86  ? 2.266   7.970   4.798   1.00 57.52  ? 85  GLY A N   1 
ATOM   728  C  CA  . GLY A 1 86  ? 3.199   9.101   4.665   1.00 59.48  ? 85  GLY A CA  1 
ATOM   729  C  C   . GLY A 1 86  ? 4.538   8.919   5.369   1.00 58.12  ? 85  GLY A C   1 
ATOM   730  O  O   . GLY A 1 86  ? 5.413   9.730   5.098   1.00 63.46  ? 85  GLY A O   1 
ATOM   731  N  N   . HIS A 1 87  ? 4.729   7.951   6.264   1.00 53.07  ? 86  HIS A N   1 
ATOM   732  C  CA  . HIS A 1 87  ? 5.999   7.844   7.033   1.00 54.92  ? 86  HIS A CA  1 
ATOM   733  C  C   . HIS A 1 87  ? 6.632   6.457   6.907   1.00 59.83  ? 86  HIS A C   1 
ATOM   734  O  O   . HIS A 1 87  ? 5.985   5.526   6.403   1.00 61.76  ? 86  HIS A O   1 
ATOM   735  C  CB  . HIS A 1 87  ? 5.752   8.160   8.501   1.00 55.55  ? 86  HIS A CB  1 
ATOM   736  C  CG  . HIS A 1 87  ? 4.631   7.386   9.092   1.00 55.59  ? 86  HIS A CG  1 
ATOM   737  N  ND1 . HIS A 1 87  ? 4.813   6.129   9.653   1.00 58.31  ? 86  HIS A ND1 1 
ATOM   738  C  CD2 . HIS A 1 87  ? 3.322   7.687   9.223   1.00 52.75  ? 86  HIS A CD2 1 
ATOM   739  C  CE1 . HIS A 1 87  ? 3.661   5.693   10.118  1.00 58.55  ? 86  HIS A CE1 1 
ATOM   740  N  NE2 . HIS A 1 87  ? 2.724   6.636   9.869   1.00 56.38  ? 86  HIS A NE2 1 
ATOM   741  N  N   A SER A 1 88  ? 7.886   6.331   7.354   0.06 60.30  ? 87  SER A N   1 
ATOM   742  N  N   B SER A 1 88  ? 7.884   6.335   7.359   0.44 61.03  ? 87  SER A N   1 
ATOM   743  C  CA  A SER A 1 88  ? 8.644   5.053   7.386   0.06 61.32  ? 87  SER A CA  1 
ATOM   744  C  CA  B SER A 1 88  ? 8.642   5.061   7.444   0.44 63.95  ? 87  SER A CA  1 
ATOM   745  C  C   A SER A 1 88  ? 7.969   4.098   8.374   0.06 62.96  ? 87  SER A C   1 
ATOM   746  C  C   B SER A 1 88  ? 7.886   4.098   8.350   0.44 62.71  ? 87  SER A C   1 
ATOM   747  O  O   A SER A 1 88  ? 7.426   4.582   9.386   0.06 62.96  ? 87  SER A O   1 
ATOM   748  O  O   B SER A 1 88  ? 7.229   4.581   9.293   0.44 64.75  ? 87  SER A O   1 
ATOM   749  C  CB  A SER A 1 88  ? 10.092  5.275   7.741   0.06 60.89  ? 87  SER A CB  1 
ATOM   750  C  CB  B SER A 1 88  ? 10.035  5.263   7.977   0.44 66.64  ? 87  SER A CB  1 
ATOM   751  O  OG  A SER A 1 88  ? 10.254  5.439   9.142   0.06 59.87  ? 87  SER A OG  1 
ATOM   752  O  OG  B SER A 1 88  ? 10.933  5.599   6.936   0.44 73.62  ? 87  SER A OG  1 
ATOM   753  N  N   . MET A 1 89  ? 8.003   2.796   8.075   1.00 64.31  ? 88  MET A N   1 
ATOM   754  C  CA  . MET A 1 89  ? 7.441   1.742   8.943   1.00 72.42  ? 88  MET A CA  1 
ATOM   755  C  C   . MET A 1 89  ? 8.325   1.646   10.187  1.00 73.64  ? 88  MET A C   1 
ATOM   756  O  O   . MET A 1 89  ? 9.544   1.553   10.033  1.00 80.18  ? 88  MET A O   1 
ATOM   757  C  CB  . MET A 1 89  ? 7.435   0.411   8.193   1.00 79.52  ? 88  MET A CB  1 
ATOM   758  C  CG  . MET A 1 89  ? 6.458   0.414   7.034   1.00 89.36  ? 88  MET A CG  1 
ATOM   759  S  SD  . MET A 1 89  ? 6.862   -0.847  5.818   1.00 92.54  ? 88  MET A SD  1 
ATOM   760  C  CE  . MET A 1 89  ? 7.468   -2.123  6.921   1.00 85.96  ? 88  MET A CE  1 
ATOM   761  N  N   . VAL A 1 90  ? 7.752   1.706   11.380  1.00 78.47  ? 89  VAL A N   1 
ATOM   762  C  CA  . VAL A 1 90  ? 8.578   1.589   12.611  1.00 90.32  ? 89  VAL A CA  1 
ATOM   763  C  C   . VAL A 1 90  ? 9.119   0.148   12.664  1.00 89.88  ? 89  VAL A C   1 
ATOM   764  O  O   . VAL A 1 90  ? 10.330  0.009   12.938  1.00 74.61  ? 89  VAL A O   1 
ATOM   765  C  CB  . VAL A 1 90  ? 7.791   2.026   13.859  1.00 101.49 ? 89  VAL A CB  1 
ATOM   766  C  CG1 . VAL A 1 90  ? 8.647   1.949   15.110  1.00 103.46 ? 89  VAL A CG1 1 
ATOM   767  C  CG2 . VAL A 1 90  ? 7.236   3.433   13.691  1.00 103.97 ? 89  VAL A CG2 1 
ATOM   768  N  N   . SER A 1 91  ? 8.282   -0.857  12.332  1.00 96.53  ? 90  SER A N   1 
ATOM   769  C  CA  . SER A 1 91  ? 8.628   -2.310  12.309  1.00 90.16  ? 90  SER A CA  1 
ATOM   770  C  C   . SER A 1 91  ? 7.898   -3.076  11.191  1.00 86.55  ? 90  SER A C   1 
ATOM   771  O  O   . SER A 1 91  ? 6.700   -2.835  10.952  1.00 79.06  ? 90  SER A O   1 
ATOM   772  C  CB  . SER A 1 91  ? 8.364   -2.968  13.646  1.00 94.31  ? 90  SER A CB  1 
ATOM   773  O  OG  . SER A 1 91  ? 8.911   -4.284  13.693  1.00 91.50  ? 90  SER A OG  1 
ATOM   774  N  N   . VAL A 1 92  ? 8.618   -4.041  10.606  1.00 90.44  ? 91  VAL A N   1 
ATOM   775  C  CA  . VAL A 1 92  ? 8.194   -4.922  9.476   1.00 85.72  ? 91  VAL A CA  1 
ATOM   776  C  C   . VAL A 1 92  ? 7.551   -6.211  10.022  1.00 70.03  ? 91  VAL A C   1 
ATOM   777  O  O   . VAL A 1 92  ? 6.983   -6.974  9.219   1.00 73.29  ? 91  VAL A O   1 
ATOM   778  C  CB  . VAL A 1 92  ? 9.374   -5.252  8.531   1.00 88.47  ? 91  VAL A CB  1 
ATOM   779  C  CG1 . VAL A 1 92  ? 10.001  -4.004  7.917   1.00 85.55  ? 91  VAL A CG1 1 
ATOM   780  C  CG2 . VAL A 1 92  ? 10.439  -6.114  9.202   1.00 95.45  ? 91  VAL A CG2 1 
ATOM   781  N  N   . SER A 1 93  ? 7.617   -6.460  11.323  1.00 55.85  ? 92  SER A N   1 
ATOM   782  C  CA  . SER A 1 93  ? 7.097   -7.715  11.913  1.00 63.12  ? 92  SER A CA  1 
ATOM   783  C  C   . SER A 1 93  ? 5.641   -7.538  12.353  1.00 57.85  ? 92  SER A C   1 
ATOM   784  O  O   . SER A 1 93  ? 5.041   -8.525  12.766  1.00 59.40  ? 92  SER A O   1 
ATOM   785  C  CB  . SER A 1 93  ? 7.974   -8.193  13.047  1.00 77.99  ? 92  SER A CB  1 
ATOM   786  O  OG  . SER A 1 93  ? 7.390   -7.913  14.313  1.00 92.44  ? 92  SER A OG  1 
ATOM   787  N  N   . THR A 1 94  ? 5.071   -6.339  12.278  1.00 60.02  ? 93  THR A N   1 
ATOM   788  C  CA  . THR A 1 94  ? 3.667   -6.102  12.712  1.00 60.72  ? 93  THR A CA  1 
ATOM   789  C  C   . THR A 1 94  ? 2.715   -6.730  11.699  1.00 58.61  ? 93  THR A C   1 
ATOM   790  O  O   . THR A 1 94  ? 2.881   -6.538  10.499  1.00 54.51  ? 93  THR A O   1 
ATOM   791  C  CB  . THR A 1 94  ? 3.316   -4.612  12.776  1.00 67.00  ? 93  THR A CB  1 
ATOM   792  O  OG1 . THR A 1 94  ? 4.524   -3.856  12.891  1.00 76.80  ? 93  THR A OG1 1 
ATOM   793  C  CG2 . THR A 1 94  ? 2.350   -4.312  13.897  1.00 66.51  ? 93  THR A CG2 1 
ATOM   794  N  N   . PRO A 1 95  ? 1.687   -7.471  12.152  1.00 51.48  ? 94  PRO A N   1 
ATOM   795  C  CA  . PRO A 1 95  ? 0.618   -7.944  11.283  1.00 52.10  ? 94  PRO A CA  1 
ATOM   796  C  C   . PRO A 1 95  ? -0.152  -6.764  10.679  1.00 52.59  ? 94  PRO A C   1 
ATOM   797  O  O   . PRO A 1 95  ? -0.368  -5.796  11.386  1.00 57.15  ? 94  PRO A O   1 
ATOM   798  C  CB  . PRO A 1 95  ? -0.317  -8.754  12.189  1.00 55.20  ? 94  PRO A CB  1 
ATOM   799  C  CG  . PRO A 1 95  ? 0.511   -9.031  13.422  1.00 57.17  ? 94  PRO A CG  1 
ATOM   800  C  CD  . PRO A 1 95  ? 1.496   -7.886  13.545  1.00 57.61  ? 94  PRO A CD  1 
ATOM   801  N  N   . ILE A 1 96  ? -0.519  -6.869  9.393   1.00 49.63  ? 95  ILE A N   1 
ATOM   802  C  CA  . ILE A 1 96  ? -1.114  -5.742  8.610   1.00 47.91  ? 95  ILE A CA  1 
ATOM   803  C  C   . ILE A 1 96  ? -2.476  -5.404  9.233   1.00 47.65  ? 95  ILE A C   1 
ATOM   804  O  O   . ILE A 1 96  ? -2.927  -4.266  9.084   1.00 56.23  ? 95  ILE A O   1 
ATOM   805  C  CB  . ILE A 1 96  ? -1.151  -6.013  7.078   1.00 46.39  ? 95  ILE A CB  1 
ATOM   806  C  CG1 . ILE A 1 96  ? -1.347  -4.704  6.309   1.00 46.63  ? 95  ILE A CG1 1 
ATOM   807  C  CG2 . ILE A 1 96  ? -2.190  -7.053  6.673   1.00 42.92  ? 95  ILE A CG2 1 
ATOM   808  C  CD1 . ILE A 1 96  ? -1.680  -4.880  4.856   1.00 51.37  ? 95  ILE A CD1 1 
ATOM   809  N  N   . SER A 1 97  ? -3.114  -6.330  9.943   1.00 51.09  ? 96  SER A N   1 
ATOM   810  C  CA  . SER A 1 97  ? -4.384  -6.034  10.655  1.00 51.43  ? 96  SER A CA  1 
ATOM   811  C  C   . SER A 1 97  ? -4.128  -4.978  11.741  1.00 56.96  ? 96  SER A C   1 
ATOM   812  O  O   . SER A 1 97  ? -5.034  -4.110  11.900  1.00 49.89  ? 96  SER A O   1 
ATOM   813  C  CB  . SER A 1 97  ? -4.982  -7.278  11.244  1.00 52.89  ? 96  SER A CB  1 
ATOM   814  O  OG  . SER A 1 97  ? -3.977  -8.025  11.923  1.00 55.59  ? 96  SER A OG  1 
ATOM   815  N  N   . GLU A 1 98  ? -2.984  -5.073  12.466  1.00 50.68  ? 97  GLU A N   1 
ATOM   816  C  CA  . GLU A 1 98  ? -2.556  -4.143  13.553  1.00 51.36  ? 97  GLU A CA  1 
ATOM   817  C  C   . GLU A 1 98  ? -2.196  -2.798  12.930  1.00 50.51  ? 97  GLU A C   1 
ATOM   818  O  O   . GLU A 1 98  ? -2.637  -1.756  13.455  1.00 52.82  ? 97  GLU A O   1 
ATOM   819  C  CB  . GLU A 1 98  ? -1.302  -4.611  14.301  1.00 58.42  ? 97  GLU A CB  1 
ATOM   820  C  CG  . GLU A 1 98  ? -1.581  -5.362  15.598  1.00 76.77  ? 97  GLU A CG  1 
ATOM   821  C  CD  . GLU A 1 98  ? -0.365  -5.975  16.303  1.00 84.73  ? 97  GLU A CD  1 
ATOM   822  O  OE1 . GLU A 1 98  ? -0.350  -7.228  16.538  1.00 80.74  ? 97  GLU A OE1 1 
ATOM   823  O  OE2 . GLU A 1 98  ? 0.565   -5.209  16.630  1.00 79.19  ? 97  GLU A OE2 1 
ATOM   824  N  N   . VAL A 1 99  ? -1.373  -2.835  11.880  1.00 46.83  ? 98  VAL A N   1 
ATOM   825  C  CA  . VAL A 1 99  ? -0.940  -1.638  11.101  1.00 46.29  ? 98  VAL A CA  1 
ATOM   826  C  C   . VAL A 1 99  ? -2.180  -0.904  10.564  1.00 48.15  ? 98  VAL A C   1 
ATOM   827  O  O   . VAL A 1 99  ? -2.211  0.331   10.635  1.00 50.00  ? 98  VAL A O   1 
ATOM   828  C  CB  . VAL A 1 99  ? 0.013   -2.023  9.956   1.00 46.73  ? 98  VAL A CB  1 
ATOM   829  C  CG1 . VAL A 1 99  ? 0.409   -0.815  9.121   1.00 46.38  ? 98  VAL A CG1 1 
ATOM   830  C  CG2 . VAL A 1 99  ? 1.242   -2.748  10.477  1.00 54.08  ? 98  VAL A CG2 1 
ATOM   831  N  N   . TYR A 1 100 ? -3.174  -1.615  10.028  1.00 42.93  ? 99  TYR A N   1 
ATOM   832  C  CA  . TYR A 1 100 ? -4.377  -0.980  9.435   1.00 42.37  ? 99  TYR A CA  1 
ATOM   833  C  C   . TYR A 1 100 ? -5.063  -0.099  10.485  1.00 44.54  ? 99  TYR A C   1 
ATOM   834  O  O   . TYR A 1 100 ? -5.396  1.047   10.202  1.00 51.26  ? 99  TYR A O   1 
ATOM   835  C  CB  . TYR A 1 100 ? -5.339  -2.036  8.901   1.00 38.71  ? 99  TYR A CB  1 
ATOM   836  C  CG  . TYR A 1 100 ? -6.624  -1.447  8.383   1.00 37.87  ? 99  TYR A CG  1 
ATOM   837  C  CD1 . TYR A 1 100 ? -6.680  -0.806  7.158   1.00 37.84  ? 99  TYR A CD1 1 
ATOM   838  C  CD2 . TYR A 1 100 ? -7.793  -1.550  9.109   1.00 38.40  ? 99  TYR A CD2 1 
ATOM   839  C  CE1 . TYR A 1 100 ? -7.869  -0.287  6.668   1.00 37.01  ? 99  TYR A CE1 1 
ATOM   840  C  CE2 . TYR A 1 100 ? -8.983  -1.010  8.649   1.00 38.55  ? 99  TYR A CE2 1 
ATOM   841  C  CZ  . TYR A 1 100 ? -9.025  -0.382  7.420   1.00 37.98  ? 99  TYR A CZ  1 
ATOM   842  O  OH  . TYR A 1 100 ? -10.212 0.137   6.991   1.00 46.11  ? 99  TYR A OH  1 
ATOM   843  N  N   . GLU A 1 101 ? -5.282  -0.643  11.675  1.00 48.45  ? 100 GLU A N   1 
ATOM   844  C  CA  . GLU A 1 101 ? -6.071  -0.009  12.764  1.00 53.82  ? 100 GLU A CA  1 
ATOM   845  C  C   . GLU A 1 101 ? -5.412  1.286   13.248  1.00 51.68  ? 100 GLU A C   1 
ATOM   846  O  O   . GLU A 1 101 ? -6.158  2.200   13.682  1.00 54.14  ? 100 GLU A O   1 
ATOM   847  C  CB  . GLU A 1 101 ? -6.229  -0.966  13.945  1.00 58.41  ? 100 GLU A CB  1 
ATOM   848  C  CG  . GLU A 1 101 ? -7.248  -2.056  13.686  1.00 73.23  ? 100 GLU A CG  1 
ATOM   849  C  CD  . GLU A 1 101 ? -8.057  -2.487  14.899  1.00 79.05  ? 100 GLU A CD  1 
ATOM   850  O  OE1 . GLU A 1 101 ? -7.693  -2.082  16.028  1.00 65.32  ? 100 GLU A OE1 1 
ATOM   851  O  OE2 . GLU A 1 101 ? -9.060  -3.219  14.697  1.00 93.45  ? 100 GLU A OE2 1 
ATOM   852  N  N   . SER A 1 102 ? -4.082  1.373   13.208  1.00 48.49  ? 101 SER A N   1 
ATOM   853  C  CA  . SER A 1 102 ? -3.350  2.580   13.670  1.00 47.93  ? 101 SER A CA  1 
ATOM   854  C  C   . SER A 1 102 ? -3.026  3.526   12.496  1.00 50.90  ? 101 SER A C   1 
ATOM   855  O  O   . SER A 1 102 ? -2.943  4.714   12.784  1.00 62.79  ? 101 SER A O   1 
ATOM   856  C  CB  . SER A 1 102 ? -2.151  2.207   14.525  1.00 46.95  ? 101 SER A CB  1 
ATOM   857  O  OG  . SER A 1 102 ? -0.986  2.026   13.751  1.00 61.94  ? 101 SER A OG  1 
ATOM   858  N  N   . GLU A 1 103 ? -2.941  3.074   11.229  1.00 45.23  ? 102 GLU A N   1 
ATOM   859  C  CA  . GLU A 1 103 ? -2.416  3.884   10.096  1.00 42.44  ? 102 GLU A CA  1 
ATOM   860  C  C   . GLU A 1 103 ? -3.455  4.102   8.989   1.00 44.59  ? 102 GLU A C   1 
ATOM   861  O  O   . GLU A 1 103 ? -3.126  4.777   7.984   1.00 49.14  ? 102 GLU A O   1 
ATOM   862  C  CB  . GLU A 1 103 ? -1.173  3.230   9.512   1.00 45.45  ? 102 GLU A CB  1 
ATOM   863  C  CG  . GLU A 1 103 ? -0.071  2.982   10.531  1.00 52.52  ? 102 GLU A CG  1 
ATOM   864  C  CD  . GLU A 1 103 ? 0.601   4.191   11.166  1.00 61.30  ? 102 GLU A CD  1 
ATOM   865  O  OE1 . GLU A 1 103 ? 0.510   5.330   10.617  1.00 58.00  ? 102 GLU A OE1 1 
ATOM   866  O  OE2 . GLU A 1 103 ? 1.234   3.983   12.222  1.00 70.64  ? 102 GLU A OE2 1 
ATOM   867  N  N   . LYS A 1 104 ? -4.664  3.584   9.132   1.00 43.84  ? 103 LYS A N   1 
ATOM   868  C  CA  . LYS A 1 104 ? -5.678  3.707   8.050   1.00 49.49  ? 103 LYS A CA  1 
ATOM   869  C  C   . LYS A 1 104 ? -6.032  5.189   7.884   1.00 52.56  ? 103 LYS A C   1 
ATOM   870  O  O   . LYS A 1 104 ? -5.999  5.897   8.882   1.00 55.48  ? 103 LYS A O   1 
ATOM   871  C  CB  . LYS A 1 104 ? -6.934  2.907   8.396   1.00 49.96  ? 103 LYS A CB  1 
ATOM   872  C  CG  . LYS A 1 104 ? -7.625  3.351   9.669   1.00 47.19  ? 103 LYS A CG  1 
ATOM   873  C  CD  . LYS A 1 104 ? -8.724  2.459   10.136  1.00 50.27  ? 103 LYS A CD  1 
ATOM   874  C  CE  . LYS A 1 104 ? -9.421  3.032   11.349  1.00 53.45  ? 103 LYS A CE  1 
ATOM   875  N  NZ  . LYS A 1 104 ? -8.630  2.855   12.594  1.00 57.81  ? 103 LYS A NZ  1 
ATOM   876  N  N   . ASP A 1 105 ? -6.354  5.628   6.664   1.00 54.77  ? 104 ASP A N   1 
ATOM   877  C  CA  . ASP A 1 105 ? -6.892  6.977   6.353   1.00 51.11  ? 104 ASP A CA  1 
ATOM   878  C  C   . ASP A 1 105 ? -8.337  7.081   6.858   1.00 56.28  ? 104 ASP A C   1 
ATOM   879  O  O   . ASP A 1 105 ? -8.914  6.034   7.283   1.00 49.84  ? 104 ASP A O   1 
ATOM   880  C  CB  . ASP A 1 105 ? -6.845  7.197   4.845   1.00 62.29  ? 104 ASP A CB  1 
ATOM   881  C  CG  . ASP A 1 105 ? -6.803  8.644   4.407   1.00 64.50  ? 104 ASP A CG  1 
ATOM   882  O  OD1 . ASP A 1 105 ? -5.673  9.223   4.427   1.00 57.56  ? 104 ASP A OD1 1 
ATOM   883  O  OD2 . ASP A 1 105 ? -7.888  9.156   4.002   1.00 60.23  ? 104 ASP A OD2 1 
ATOM   884  N  N   . GLU A 1 106 ? -8.945  8.267   6.754   1.00 60.17  ? 105 GLU A N   1 
ATOM   885  C  CA  . GLU A 1 106 ? -10.356 8.497   7.183   1.00 58.24  ? 105 GLU A CA  1 
ATOM   886  C  C   . GLU A 1 106 ? -11.354 7.917   6.164   1.00 55.26  ? 105 GLU A C   1 
ATOM   887  O  O   . GLU A 1 106 ? -12.519 7.715   6.579   1.00 52.73  ? 105 GLU A O   1 
ATOM   888  C  CB  . GLU A 1 106 ? -10.665 9.982   7.377   1.00 72.99  ? 105 GLU A CB  1 
ATOM   889  C  CG  . GLU A 1 106 ? -9.700  10.723  8.294   1.00 83.23  ? 105 GLU A CG  1 
ATOM   890  C  CD  . GLU A 1 106 ? -10.310 11.847  9.121   1.00 92.74  ? 105 GLU A CD  1 
ATOM   891  O  OE1 . GLU A 1 106 ? -11.481 12.252  8.851   1.00 85.47  ? 105 GLU A OE1 1 
ATOM   892  O  OE2 . GLU A 1 106 ? -9.622  12.303  10.057  1.00 106.51 ? 105 GLU A OE2 1 
ATOM   893  N  N   . ASP A 1 107 ? -10.952 7.692   4.896   1.00 52.54  ? 106 ASP A N   1 
ATOM   894  C  CA  . ASP A 1 107 ? -11.779 7.008   3.850   1.00 52.90  ? 106 ASP A CA  1 
ATOM   895  C  C   . ASP A 1 107 ? -11.818 5.487   4.093   1.00 53.82  ? 106 ASP A C   1 
ATOM   896  O  O   . ASP A 1 107 ? -12.744 4.836   3.579   1.00 56.82  ? 106 ASP A O   1 
ATOM   897  C  CB  . ASP A 1 107 ? -11.290 7.302   2.432   1.00 51.19  ? 106 ASP A CB  1 
ATOM   898  C  CG  . ASP A 1 107 ? -9.886  6.808   2.158   1.00 51.82  ? 106 ASP A CG  1 
ATOM   899  O  OD1 . ASP A 1 107 ? -9.336  6.139   3.036   1.00 57.22  ? 106 ASP A OD1 1 
ATOM   900  O  OD2 . ASP A 1 107 ? -9.353  7.094   1.060   1.00 50.34  ? 106 ASP A OD2 1 
ATOM   901  N  N   . GLY A 1 108 ? -10.862 4.941   4.856   1.00 54.30  ? 107 GLY A N   1 
ATOM   902  C  CA  . GLY A 1 108 ? -10.820 3.519   5.265   1.00 50.18  ? 107 GLY A CA  1 
ATOM   903  C  C   . GLY A 1 108 ? -9.762  2.702   4.526   1.00 44.50  ? 107 GLY A C   1 
ATOM   904  O  O   . GLY A 1 108 ? -9.593  1.538   4.891   1.00 46.01  ? 107 GLY A O   1 
ATOM   905  N  N   . PHE A 1 109 ? -9.055  3.272   3.545   1.00 40.43  ? 108 PHE A N   1 
ATOM   906  C  CA  . PHE A 1 109 ? -7.905  2.623   2.860   1.00 44.40  ? 108 PHE A CA  1 
ATOM   907  C  C   . PHE A 1 109 ? -6.638  2.798   3.715   1.00 42.02  ? 108 PHE A C   1 
ATOM   908  O  O   . PHE A 1 109 ? -6.594  3.677   4.593   1.00 43.91  ? 108 PHE A O   1 
ATOM   909  C  CB  . PHE A 1 109 ? -7.684  3.180   1.447   1.00 46.20  ? 108 PHE A CB  1 
ATOM   910  C  CG  . PHE A 1 109 ? -8.641  2.674   0.404   1.00 48.40  ? 108 PHE A CG  1 
ATOM   911  C  CD1 . PHE A 1 109 ? -8.552  1.381   -0.070  1.00 42.33  ? 108 PHE A CD1 1 
ATOM   912  C  CD2 . PHE A 1 109 ? -9.661  3.480   -0.069  1.00 49.54  ? 108 PHE A CD2 1 
ATOM   913  C  CE1 . PHE A 1 109 ? -9.459  0.906   -1.005  1.00 45.93  ? 108 PHE A CE1 1 
ATOM   914  C  CE2 . PHE A 1 109 ? -10.556 3.004   -1.020  1.00 49.65  ? 108 PHE A CE2 1 
ATOM   915  C  CZ  . PHE A 1 109 ? -10.452 1.715   -1.481  1.00 43.76  ? 108 PHE A CZ  1 
ATOM   916  N  N   . LEU A 1 110 ? -5.631  1.981   3.439   1.00 42.91  ? 109 LEU A N   1 
ATOM   917  C  CA  . LEU A 1 110 ? -4.260  2.093   4.011   1.00 44.67  ? 109 LEU A CA  1 
ATOM   918  C  C   . LEU A 1 110 ? -3.356  2.500   2.839   1.00 41.55  ? 109 LEU A C   1 
ATOM   919  O  O   . LEU A 1 110 ? -3.348  1.767   1.851   1.00 43.38  ? 109 LEU A O   1 
ATOM   920  C  CB  . LEU A 1 110 ? -3.889  0.737   4.636   1.00 45.34  ? 109 LEU A CB  1 
ATOM   921  C  CG  . LEU A 1 110 ? -2.527  0.631   5.325   1.00 47.78  ? 109 LEU A CG  1 
ATOM   922  C  CD1 . LEU A 1 110 ? -2.429  1.599   6.509   1.00 44.79  ? 109 LEU A CD1 1 
ATOM   923  C  CD2 . LEU A 1 110 ? -2.254  -0.800  5.778   1.00 47.11  ? 109 LEU A CD2 1 
ATOM   924  N  N   . TYR A 1 111 ? -2.713  3.669   2.912   1.00 44.22  ? 110 TYR A N   1 
ATOM   925  C  CA  . TYR A 1 111 ? -1.977  4.305   1.787   1.00 47.54  ? 110 TYR A CA  1 
ATOM   926  C  C   . TYR A 1 111 ? -0.492  4.000   1.946   1.00 49.41  ? 110 TYR A C   1 
ATOM   927  O  O   . TYR A 1 111 ? 0.036   4.056   3.067   1.00 44.11  ? 110 TYR A O   1 
ATOM   928  C  CB  . TYR A 1 111 ? -2.279  5.801   1.688   1.00 46.10  ? 110 TYR A CB  1 
ATOM   929  C  CG  . TYR A 1 111 ? -3.672  6.087   1.173   1.00 44.95  ? 110 TYR A CG  1 
ATOM   930  C  CD1 . TYR A 1 111 ? -4.765  6.093   2.014   1.00 42.75  ? 110 TYR A CD1 1 
ATOM   931  C  CD2 . TYR A 1 111 ? -3.906  6.321   -0.171  1.00 47.42  ? 110 TYR A CD2 1 
ATOM   932  C  CE1 . TYR A 1 111 ? -6.049  6.336   1.535   1.00 41.57  ? 110 TYR A CE1 1 
ATOM   933  C  CE2 . TYR A 1 111 ? -5.182  6.549   -0.669  1.00 44.01  ? 110 TYR A CE2 1 
ATOM   934  C  CZ  . TYR A 1 111 ? -6.254  6.585   0.195   1.00 40.42  ? 110 TYR A CZ  1 
ATOM   935  O  OH  . TYR A 1 111 ? -7.513  6.825   -0.286  1.00 47.04  ? 110 TYR A OH  1 
ATOM   936  N  N   . MET A 1 112 ? 0.103   3.556   0.846   1.00 48.96  ? 111 MET A N   1 
ATOM   937  C  CA  . MET A 1 112 ? 1.523   3.161   0.786   1.00 53.22  ? 111 MET A CA  1 
ATOM   938  C  C   . MET A 1 112 ? 2.105   3.741   -0.492  1.00 50.82  ? 111 MET A C   1 
ATOM   939  O  O   . MET A 1 112 ? 1.419   3.817   -1.504  1.00 48.21  ? 111 MET A O   1 
ATOM   940  C  CB  . MET A 1 112 ? 1.693   1.641   0.782   1.00 54.96  ? 111 MET A CB  1 
ATOM   941  C  CG  . MET A 1 112 ? 0.966   0.979   1.908   1.00 55.04  ? 111 MET A CG  1 
ATOM   942  S  SD  . MET A 1 112 ? 1.692   -0.595  2.326   1.00 56.16  ? 111 MET A SD  1 
ATOM   943  C  CE  . MET A 1 112 ? 0.638   -1.033  3.705   1.00 58.74  ? 111 MET A CE  1 
ATOM   944  N  N   A VAL A 1 113 ? 3.378   4.110   -0.418  0.41 54.93  ? 112 VAL A N   1 
ATOM   945  N  N   B VAL A 1 113 ? 3.354   4.203   -0.416  0.10 52.43  ? 112 VAL A N   1 
ATOM   946  C  CA  A VAL A 1 113 ? 4.154   4.743   -1.518  0.41 58.94  ? 112 VAL A CA  1 
ATOM   947  C  CA  B VAL A 1 113 ? 4.124   4.727   -1.582  0.10 53.73  ? 112 VAL A CA  1 
ATOM   948  C  C   A VAL A 1 113 ? 5.542   4.102   -1.509  0.41 56.19  ? 112 VAL A C   1 
ATOM   949  C  C   B VAL A 1 113 ? 5.536   4.141   -1.521  0.10 54.33  ? 112 VAL A C   1 
ATOM   950  O  O   A VAL A 1 113 ? 6.063   3.869   -0.406  0.41 55.19  ? 112 VAL A O   1 
ATOM   951  O  O   B VAL A 1 113 ? 6.074   4.008   -0.405  0.10 54.42  ? 112 VAL A O   1 
ATOM   952  C  CB  A VAL A 1 113 ? 4.225   6.270   -1.331  0.41 63.17  ? 112 VAL A CB  1 
ATOM   953  C  CB  B VAL A 1 113 ? 4.142   6.268   -1.630  0.10 53.83  ? 112 VAL A CB  1 
ATOM   954  C  CG1 A VAL A 1 113 ? 5.023   6.931   -2.441  0.41 65.57  ? 112 VAL A CG1 1 
ATOM   955  C  CG1 B VAL A 1 113 ? 2.746   6.838   -1.831  0.10 54.02  ? 112 VAL A CG1 1 
ATOM   956  C  CG2 A VAL A 1 113 ? 2.836   6.888   -1.218  0.41 64.38  ? 112 VAL A CG2 1 
ATOM   957  C  CG2 B VAL A 1 113 ? 4.798   6.873   -0.399  0.10 53.12  ? 112 VAL A CG2 1 
ATOM   958  N  N   . TYR A 1 114 ? 6.094   3.801   -2.686  1.00 55.29  ? 113 TYR A N   1 
ATOM   959  C  CA  . TYR A 1 114 ? 7.399   3.111   -2.805  1.00 57.56  ? 113 TYR A CA  1 
ATOM   960  C  C   . TYR A 1 114 ? 8.318   3.902   -3.725  1.00 57.81  ? 113 TYR A C   1 
ATOM   961  O  O   . TYR A 1 114 ? 7.843   4.528   -4.721  1.00 58.70  ? 113 TYR A O   1 
ATOM   962  C  CB  . TYR A 1 114 ? 7.192   1.672   -3.282  1.00 57.09  ? 113 TYR A CB  1 
ATOM   963  C  CG  . TYR A 1 114 ? 6.699   1.520   -4.696  1.00 51.54  ? 113 TYR A CG  1 
ATOM   964  C  CD1 . TYR A 1 114 ? 5.362   1.294   -4.966  1.00 50.60  ? 113 TYR A CD1 1 
ATOM   965  C  CD2 . TYR A 1 114 ? 7.581   1.588   -5.765  1.00 53.41  ? 113 TYR A CD2 1 
ATOM   966  C  CE1 . TYR A 1 114 ? 4.918   1.150   -6.271  1.00 56.83  ? 113 TYR A CE1 1 
ATOM   967  C  CE2 . TYR A 1 114 ? 7.153   1.423   -7.075  1.00 47.18  ? 113 TYR A CE2 1 
ATOM   968  C  CZ  . TYR A 1 114 ? 5.819   1.199   -7.327  1.00 53.59  ? 113 TYR A CZ  1 
ATOM   969  O  OH  . TYR A 1 114 ? 5.412   1.036   -8.622  1.00 56.50  ? 113 TYR A OH  1 
ATOM   970  N  N   . ALA A 1 115 ? 9.603   3.820   -3.392  1.00 58.28  ? 114 ALA A N   1 
ATOM   971  C  CA  . ALA A 1 115 ? 10.719  4.442   -4.127  1.00 70.51  ? 114 ALA A CA  1 
ATOM   972  C  C   . ALA A 1 115 ? 12.020  3.677   -3.861  1.00 71.51  ? 114 ALA A C   1 
ATOM   973  O  O   . ALA A 1 115 ? 12.018  2.808   -2.949  1.00 71.23  ? 114 ALA A O   1 
ATOM   974  C  CB  . ALA A 1 115 ? 10.830  5.885   -3.705  1.00 79.81  ? 114 ALA A CB  1 
ATOM   975  N  N   . SER A 1 116 ? 13.081  4.034   -4.606  1.00 77.87  ? 115 SER A N   1 
ATOM   976  C  CA  . SER A 1 116 ? 14.421  3.378   -4.602  1.00 79.80  ? 115 SER A CA  1 
ATOM   977  C  C   . SER A 1 116 ? 15.357  4.021   -3.568  1.00 90.22  ? 115 SER A C   1 
ATOM   978  O  O   . SER A 1 116 ? 16.188  3.274   -2.991  1.00 90.88  ? 115 SER A O   1 
ATOM   979  C  CB  . SER A 1 116 ? 15.021  3.377   -5.977  1.00 68.44  ? 115 SER A CB  1 
ATOM   980  O  OG  . SER A 1 116 ? 14.421  4.382   -6.764  1.00 68.48  ? 115 SER A OG  1 
ATOM   981  N  N   . GLN A 1 117 ? 15.229  5.330   -3.319  1.00 92.26  ? 116 GLN A N   1 
ATOM   982  C  CA  . GLN A 1 117 ? 16.000  6.027   -2.252  1.00 100.37 ? 116 GLN A CA  1 
ATOM   983  C  C   . GLN A 1 117 ? 15.150  6.027   -0.973  1.00 106.27 ? 116 GLN A C   1 
ATOM   984  O  O   . GLN A 1 117 ? 13.928  5.837   -1.080  1.00 109.08 ? 116 GLN A O   1 
ATOM   985  C  CB  . GLN A 1 117 ? 16.400  7.436   -2.705  1.00 100.75 ? 116 GLN A CB  1 
ATOM   986  N  N   . GLU A 1 118 ? 15.782  6.196   0.192   1.00 112.23 ? 117 GLU A N   1 
ATOM   987  C  CA  . GLU A 1 118 ? 15.090  6.468   1.482   1.00 111.86 ? 117 GLU A CA  1 
ATOM   988  C  C   . GLU A 1 118 ? 14.612  7.925   1.519   1.00 119.97 ? 117 GLU A C   1 
ATOM   989  O  O   . GLU A 1 118 ? 13.581  8.183   2.166   1.00 116.45 ? 117 GLU A O   1 
ATOM   990  C  CB  . GLU A 1 118 ? 16.009  6.203   2.672   1.00 113.42 ? 117 GLU A CB  1 
ATOM   991  C  CG  . GLU A 1 118 ? 15.605  4.982   3.467   1.00 116.46 ? 117 GLU A CG  1 
ATOM   992  C  CD  . GLU A 1 118 ? 16.677  4.465   4.406   1.00 120.86 ? 117 GLU A CD  1 
ATOM   993  O  OE1 . GLU A 1 118 ? 17.811  4.248   3.934   1.00 121.50 ? 117 GLU A OE1 1 
ATOM   994  O  OE2 . GLU A 1 118 ? 16.373  4.286   5.605   1.00 119.71 ? 117 GLU A OE2 1 
ATOM   995  N  N   . THR A 1 119 ? 15.356  8.837   0.881   1.00 130.06 ? 118 THR A N   1 
ATOM   996  C  CA  . THR A 1 119 ? 14.996  10.268  0.699   1.00 130.36 ? 118 THR A CA  1 
ATOM   997  C  C   . THR A 1 119 ? 13.987  10.386  -0.454  1.00 133.50 ? 118 THR A C   1 
ATOM   998  O  O   . THR A 1 119 ? 14.434  10.595  -1.602  1.00 139.67 ? 118 THR A O   1 
ATOM   999  C  CB  . THR A 1 119 ? 16.256  11.111  0.455   1.00 118.70 ? 118 THR A CB  1 
ATOM   1000 N  N   . PHE A 1 120 ? 12.685  10.234  -0.162  1.00 135.31 ? 119 PHE A N   1 
ATOM   1001 C  CA  . PHE A 1 120 ? 11.559  10.390  -1.126  1.00 131.31 ? 119 PHE A CA  1 
ATOM   1002 C  C   . PHE A 1 120 ? 11.482  11.863  -1.533  1.00 130.98 ? 119 PHE A C   1 
ATOM   1003 O  O   . PHE A 1 120 ? 11.514  12.728  -0.656  1.00 127.99 ? 119 PHE A O   1 
ATOM   1004 C  CB  . PHE A 1 120 ? 10.214  9.947   -0.532  1.00 128.36 ? 119 PHE A CB  1 
ATOM   1005 C  CG  . PHE A 1 120 ? 9.980   8.455   -0.453  1.00 132.50 ? 119 PHE A CG  1 
ATOM   1006 C  CD1 . PHE A 1 120 ? 10.816  7.640   0.300   1.00 130.57 ? 119 PHE A CD1 1 
ATOM   1007 C  CD2 . PHE A 1 120 ? 8.892   7.864   -1.086  1.00 130.47 ? 119 PHE A CD2 1 
ATOM   1008 C  CE1 . PHE A 1 120 ? 10.587  6.273   0.395   1.00 127.17 ? 119 PHE A CE1 1 
ATOM   1009 C  CE2 . PHE A 1 120 ? 8.665   6.496   -0.990  1.00 122.13 ? 119 PHE A CE2 1 
ATOM   1010 C  CZ  . PHE A 1 120 ? 9.516   5.702   -0.253  1.00 124.98 ? 119 PHE A CZ  1 
HETATM 1011 C  C1  . 2NU B 2 .   ? -3.789  -10.121 -2.106  0.56 67.28  ? 201 2NU A C1  1 
HETATM 1012 C  C2  . 2NU B 2 .   ? -3.038  -9.296  -4.265  0.56 73.61  ? 201 2NU A C2  1 
HETATM 1013 C  C3  . 2NU B 2 .   ? -4.081  -8.211  -4.519  0.56 75.54  ? 201 2NU A C3  1 
HETATM 1014 C  C4  . 2NU B 2 .   ? -6.002  -9.880  -4.372  0.56 81.50  ? 201 2NU A C4  1 
HETATM 1015 C  C5  . 2NU B 2 .   ? -7.348  -9.767  -4.637  0.56 85.52  ? 201 2NU A C5  1 
HETATM 1016 C  C6  . 2NU B 2 .   ? -7.553  -8.463  -5.059  0.56 81.41  ? 201 2NU A C6  1 
HETATM 1017 C  C7  . 2NU B 2 .   ? -1.363  -9.490  -2.481  0.56 67.08  ? 201 2NU A C7  1 
HETATM 1018 C  C8  . 2NU B 2 .   ? -1.098  -9.386  -1.017  0.56 63.54  ? 201 2NU A C8  1 
HETATM 1019 C  C9  . 2NU B 2 .   ? -0.971  -8.183  -1.879  0.56 65.33  ? 201 2NU A C9  1 
HETATM 1020 N  N1  . 2NU B 2 .   ? -2.741  -9.630  -2.978  0.56 69.28  ? 201 2NU A N1  1 
HETATM 1021 N  N2  . 2NU B 2 .   ? -5.451  -8.680  -4.635  0.56 77.51  ? 201 2NU A N2  1 
HETATM 1022 N  N3  . 2NU B 2 .   ? -6.400  -7.801  -5.052  0.56 80.79  ? 201 2NU A N3  1 
HETATM 1023 O  O1  . 2NU B 2 .   ? -2.364  -9.749  -5.186  0.56 76.97  ? 201 2NU A O1  1 
HETATM 1024 BR BR1 . 2NU B 2 .   ? -8.633  -11.114 -4.446  0.56 103.21 ? 201 2NU A BR1 1 
HETATM 1025 C  C1  . EDO C 3 .   ? 8.394   6.182   12.212  1.00 106.53 ? 202 EDO A C1  1 
HETATM 1026 O  O1  . EDO C 3 .   ? 8.034   7.243   11.329  1.00 104.11 ? 202 EDO A O1  1 
HETATM 1027 C  C2  . EDO C 3 .   ? 9.854   6.078   12.487  1.00 102.31 ? 202 EDO A C2  1 
HETATM 1028 O  O2  . EDO C 3 .   ? 10.259  6.689   13.697  1.00 91.66  ? 202 EDO A O2  1 
HETATM 1029 C  C1  . EDO D 3 .   ? -8.357  12.852  4.098   1.00 79.17  ? 203 EDO A C1  1 
HETATM 1030 O  O1  . EDO D 3 .   ? -7.314  13.178  3.203   1.00 83.70  ? 203 EDO A O1  1 
HETATM 1031 C  C2  . EDO D 3 .   ? -9.365  11.908  3.541   1.00 80.81  ? 203 EDO A C2  1 
HETATM 1032 O  O2  . EDO D 3 .   ? -8.819  10.736  2.937   1.00 72.24  ? 203 EDO A O2  1 
HETATM 1033 C  C1  . EDO E 3 .   ? 14.454  -11.413 -0.820  1.00 99.27  ? 204 EDO A C1  1 
HETATM 1034 O  O1  . EDO E 3 .   ? 14.739  -12.032 0.417   1.00 99.52  ? 204 EDO A O1  1 
HETATM 1035 C  C2  . EDO E 3 .   ? 13.093  -10.820 -0.871  1.00 95.15  ? 204 EDO A C2  1 
HETATM 1036 O  O2  . EDO E 3 .   ? 13.063  -9.449  -0.518  1.00 99.40  ? 204 EDO A O2  1 
HETATM 1037 C  C1  . EDO F 3 .   ? 12.188  -7.367  4.565   1.00 100.97 ? 205 EDO A C1  1 
HETATM 1038 O  O1  . EDO F 3 .   ? 12.116  -6.004  4.933   1.00 93.51  ? 205 EDO A O1  1 
HETATM 1039 C  C2  . EDO F 3 .   ? 11.115  -7.759  3.613   1.00 97.35  ? 205 EDO A C2  1 
HETATM 1040 O  O2  . EDO F 3 .   ? 11.512  -7.725  2.253   1.00 101.33 ? 205 EDO A O2  1 
HETATM 1041 C  C1  . EDO G 3 .   ? 1.979   9.646   -4.783  1.00 102.36 ? 206 EDO A C1  1 
HETATM 1042 O  O1  . EDO G 3 .   ? 1.031   9.661   -3.738  1.00 94.27  ? 206 EDO A O1  1 
HETATM 1043 C  C2  . EDO G 3 .   ? 3.371   9.602   -4.287  1.00 104.18 ? 206 EDO A C2  1 
HETATM 1044 O  O2  . EDO G 3 .   ? 3.623   10.467  -3.192  1.00 104.15 ? 206 EDO A O2  1 
HETATM 1045 C  C1  . EDO H 3 .   ? -12.516 3.234   -5.511  1.00 108.11 ? 207 EDO A C1  1 
HETATM 1046 O  O1  . EDO H 3 .   ? -13.639 3.796   -4.862  1.00 92.45  ? 207 EDO A O1  1 
HETATM 1047 C  C2  . EDO H 3 .   ? -12.833 2.378   -6.706  1.00 113.03 ? 207 EDO A C2  1 
HETATM 1048 O  O2  . EDO H 3 .   ? -11.681 1.840   -7.369  1.00 113.37 ? 207 EDO A O2  1 
HETATM 1049 C  C1  . EDO I 3 .   ? -0.626  13.254  2.740   1.00 114.73 ? 208 EDO A C1  1 
HETATM 1050 O  O1  . EDO I 3 .   ? -0.663  13.981  1.524   1.00 99.41  ? 208 EDO A O1  1 
HETATM 1051 C  C2  . EDO I 3 .   ? 0.757   12.992  3.216   1.00 114.46 ? 208 EDO A C2  1 
HETATM 1052 O  O2  . EDO I 3 .   ? 1.030   13.501  4.516   1.00 96.71  ? 208 EDO A O2  1 
HETATM 1053 C  C1  . EDO J 3 .   ? 3.588   1.190   10.158  1.00 98.96  ? 209 EDO A C1  1 
HETATM 1054 O  O1  . EDO J 3 .   ? 4.282   2.315   10.667  1.00 103.48 ? 209 EDO A O1  1 
HETATM 1055 C  C2  . EDO J 3 .   ? 4.468   0.020   9.883   1.00 105.55 ? 209 EDO A C2  1 
HETATM 1056 O  O2  . EDO J 3 .   ? 4.583   -0.919  10.943  1.00 103.95 ? 209 EDO A O2  1 
HETATM 1057 CL CL  . CL  K 4 .   ? -12.573 -12.604 2.727   1.00 55.40  ? 210 CL  A CL  1 
HETATM 1058 O  O   . HOH L 5 .   ? -3.690  12.100  -4.334  1.00 81.53  ? 301 HOH A O   1 
HETATM 1059 O  O   . HOH L 5 .   ? -9.113  4.028   -9.146  1.00 71.81  ? 302 HOH A O   1 
HETATM 1060 O  O   . HOH L 5 .   ? -2.718  12.964  1.071   1.00 69.19  ? 303 HOH A O   1 
HETATM 1061 O  O   . HOH L 5 .   ? 9.464   2.135   5.539   1.00 62.66  ? 304 HOH A O   1 
HETATM 1062 O  O   . HOH L 5 .   ? -2.383  4.718   -8.212  1.00 98.31  ? 305 HOH A O   1 
HETATM 1063 O  O   . HOH L 5 .   ? 12.274  -1.197  13.895  1.00 62.06  ? 306 HOH A O   1 
HETATM 1064 O  O   . HOH L 5 .   ? 2.926   1.483   -9.108  1.00 69.73  ? 307 HOH A O   1 
HETATM 1065 O  O   . HOH L 5 .   ? -2.962  10.279  1.740   1.00 65.89  ? 308 HOH A O   1 
HETATM 1066 O  O   . HOH L 5 .   ? -2.524  10.587  7.466   1.00 63.89  ? 309 HOH A O   1 
HETATM 1067 O  O   . HOH L 5 .   ? -19.953 13.194  -2.586  1.00 104.84 ? 310 HOH A O   1 
HETATM 1068 O  O   . HOH L 5 .   ? 11.184  -12.940 -14.011 1.00 67.84  ? 311 HOH A O   1 
HETATM 1069 O  O   . HOH L 5 .   ? 7.795   8.309   -10.261 1.00 127.45 ? 312 HOH A O   1 
HETATM 1070 O  O   . HOH L 5 .   ? -0.279  5.694   -1.766  1.00 61.98  ? 313 HOH A O   1 
HETATM 1071 O  O   . HOH L 5 .   ? 11.311  -4.200  12.821  1.00 70.45  ? 314 HOH A O   1 
HETATM 1072 O  O   . HOH L 5 .   ? 3.476   13.861  3.848   1.00 73.70  ? 315 HOH A O   1 
HETATM 1073 O  O   . HOH L 5 .   ? 1.793   -3.011  17.150  1.00 93.46  ? 316 HOH A O   1 
HETATM 1074 O  O   . HOH L 5 .   ? -8.770  -5.278  13.175  1.00 54.81  ? 317 HOH A O   1 
HETATM 1075 O  O   . HOH L 5 .   ? 13.362  5.738   7.845   1.00 91.63  ? 318 HOH A O   1 
HETATM 1076 O  O   . HOH L 5 .   ? -0.034  1.433   -8.182  1.00 70.84  ? 319 HOH A O   1 
HETATM 1077 O  O   . HOH L 5 .   ? 13.793  4.125   6.077   1.00 72.06  ? 320 HOH A O   1 
HETATM 1078 O  O   . HOH L 5 .   ? -11.982 -12.540 -0.204  1.00 52.73  ? 321 HOH A O   1 
HETATM 1079 O  O   . HOH L 5 .   ? 15.901  -0.254  -7.071  1.00 92.34  ? 322 HOH A O   1 
HETATM 1080 O  O   . HOH L 5 .   ? 3.571   -4.864  -11.216 1.00 78.35  ? 323 HOH A O   1 
HETATM 1081 O  O   . HOH L 5 .   ? -13.764 10.835  8.866   1.00 72.82  ? 324 HOH A O   1 
HETATM 1082 O  O   . HOH L 5 .   ? 6.989   1.178   -15.064 1.00 90.22  ? 325 HOH A O   1 
HETATM 1083 O  O   . HOH L 5 .   ? -7.554  -4.919  11.308  1.00 45.23  ? 326 HOH A O   1 
HETATM 1084 O  O   . HOH L 5 .   ? 3.316   -10.798 -5.702  1.00 45.36  ? 327 HOH A O   1 
HETATM 1085 O  O   . HOH L 5 .   ? -12.309 -5.809  4.285   1.00 44.80  ? 328 HOH A O   1 
HETATM 1086 O  O   . HOH L 5 .   ? 18.249  5.107   0.699   1.00 90.36  ? 329 HOH A O   1 
HETATM 1087 O  O   . HOH L 5 .   ? -12.180 -1.850  6.483   1.00 55.46  ? 330 HOH A O   1 
HETATM 1088 O  O   . HOH L 5 .   ? -2.961  8.195   4.729   1.00 51.93  ? 331 HOH A O   1 
HETATM 1089 O  O   . HOH L 5 .   ? -2.573  -8.808  16.142  1.00 98.44  ? 332 HOH A O   1 
HETATM 1090 O  O   . HOH L 5 .   ? -6.432  -13.418 6.758   1.00 63.65  ? 333 HOH A O   1 
HETATM 1091 O  O   . HOH L 5 .   ? -5.933  -12.195 11.207  1.00 60.13  ? 334 HOH A O   1 
HETATM 1092 O  O   . HOH L 5 .   ? -3.189  5.414   5.284   1.00 42.87  ? 335 HOH A O   1 
HETATM 1093 O  O   . HOH L 5 .   ? -2.716  -1.337  16.200  1.00 78.54  ? 336 HOH A O   1 
HETATM 1094 O  O   . HOH L 5 .   ? -18.088 3.758   -8.894  1.00 69.76  ? 337 HOH A O   1 
HETATM 1095 O  O   . HOH L 5 .   ? -0.249  -12.328 11.909  1.00 66.40  ? 338 HOH A O   1 
HETATM 1096 O  O   . HOH L 5 .   ? -12.952 -6.138  6.960   1.00 43.24  ? 339 HOH A O   1 
HETATM 1097 O  O   . HOH L 5 .   ? 8.450   -12.302 5.661   1.00 64.16  ? 340 HOH A O   1 
HETATM 1098 O  O   . HOH L 5 .   ? -7.235  -13.059 4.364   1.00 53.94  ? 341 HOH A O   1 
HETATM 1099 O  O   . HOH L 5 .   ? -4.979  6.515   11.443  1.00 76.73  ? 342 HOH A O   1 
HETATM 1100 O  O   . HOH L 5 .   ? 5.343   7.653   -9.874  1.00 103.47 ? 343 HOH A O   1 
HETATM 1101 O  O   . HOH L 5 .   ? 5.474   -3.640  -12.346 1.00 78.54  ? 344 HOH A O   1 
HETATM 1102 O  O   . HOH L 5 .   ? 13.244  -4.139  -0.373  1.00 53.61  ? 345 HOH A O   1 
HETATM 1103 O  O   . HOH L 5 .   ? -3.618  8.657   -3.494  1.00 59.41  ? 346 HOH A O   1 
HETATM 1104 O  O   . HOH L 5 .   ? 1.005   -9.992  -5.889  0.56 55.14  ? 347 HOH A O   1 
HETATM 1105 O  O   . HOH L 5 .   ? -7.325  -14.195 8.318   1.00 58.32  ? 348 HOH A O   1 
HETATM 1106 O  O   . HOH L 5 .   ? -4.194  0.958   -11.533 1.00 91.75  ? 349 HOH A O   1 
HETATM 1107 O  O   . HOH L 5 .   ? 1.425   3.940   -8.765  1.00 76.37  ? 350 HOH A O   1 
HETATM 1108 O  O   . HOH L 5 .   ? 1.963   -8.201  -11.892 1.00 70.99  ? 351 HOH A O   1 
HETATM 1109 O  O   . HOH L 5 .   ? -14.725 3.721   6.948   1.00 65.19  ? 352 HOH A O   1 
HETATM 1110 O  O   . HOH L 5 .   ? -7.516  5.667   12.723  1.00 71.47  ? 353 HOH A O   1 
HETATM 1111 O  O   . HOH L 5 .   ? -14.657 3.115   5.390   1.00 68.68  ? 354 HOH A O   1 
HETATM 1112 O  O   . HOH L 5 .   ? 2.383   6.553   2.117   1.00 56.64  ? 355 HOH A O   1 
HETATM 1113 O  O   . HOH L 5 .   ? -6.787  10.358  7.247   1.00 76.25  ? 356 HOH A O   1 
HETATM 1114 O  O   . HOH L 5 .   ? -12.450 -2.886  3.879   1.00 46.08  ? 357 HOH A O   1 
HETATM 1115 O  O   . HOH L 5 .   ? 14.862  7.884   -4.967  1.00 110.11 ? 358 HOH A O   1 
HETATM 1116 O  O   . HOH L 5 .   ? -0.521  10.924  5.137   1.00 65.95  ? 359 HOH A O   1 
HETATM 1117 O  O   . HOH L 5 .   ? 15.983  -1.492  0.427   1.00 65.19  ? 360 HOH A O   1 
HETATM 1118 O  O   . HOH L 5 .   ? 0.707   -16.216 5.530   1.00 86.55  ? 361 HOH A O   1 
HETATM 1119 O  O   . HOH L 5 .   ? -6.575  -1.101  -9.002  1.00 60.00  ? 362 HOH A O   1 
HETATM 1120 O  O   . HOH L 5 .   ? 10.966  -0.931  2.500   1.00 78.99  ? 363 HOH A O   1 
HETATM 1121 O  O   . HOH L 5 .   ? -18.543 -1.834  5.925   1.00 84.56  ? 364 HOH A O   1 
HETATM 1122 O  O   . HOH L 5 .   ? 3.525   -12.963 7.103   1.00 52.82  ? 365 HOH A O   1 
HETATM 1123 O  O   . HOH L 5 .   ? 11.154  -10.742 -7.404  1.00 67.11  ? 366 HOH A O   1 
HETATM 1124 O  O   . HOH L 5 .   ? 14.637  7.404   -7.791  1.00 79.06  ? 367 HOH A O   1 
HETATM 1125 O  O   . HOH L 5 .   ? 13.726  -8.869  -13.903 1.00 72.57  ? 368 HOH A O   1 
HETATM 1126 O  O   . HOH L 5 .   ? -1.615  1.373   -12.474 1.00 73.06  ? 369 HOH A O   1 
HETATM 1127 O  O   . HOH L 5 .   ? -3.253  8.940   10.759  1.00 59.93  ? 370 HOH A O   1 
HETATM 1128 O  O   . HOH L 5 .   ? -16.610 2.519   -10.271 1.00 86.30  ? 371 HOH A O   1 
HETATM 1129 O  O   . HOH L 5 .   ? -8.429  1.818   -8.334  1.00 81.87  ? 372 HOH A O   1 
HETATM 1130 O  O   . HOH L 5 .   ? 0.635   8.538   1.866   1.00 65.31  ? 373 HOH A O   1 
HETATM 1131 O  O   . HOH L 5 .   ? -16.700 -13.848 1.379   1.00 60.69  ? 374 HOH A O   1 
HETATM 1132 O  O   . HOH L 5 .   ? -17.376 1.323   -7.765  1.00 86.24  ? 375 HOH A O   1 
HETATM 1133 O  O   . HOH L 5 .   ? -20.300 -6.451  -7.150  1.00 56.94  ? 376 HOH A O   1 
HETATM 1134 O  O   . HOH L 5 .   ? -1.972  9.353   -1.378  1.00 81.67  ? 377 HOH A O   1 
HETATM 1135 O  O   . HOH L 5 .   ? -4.253  -2.694  17.072  1.00 89.27  ? 378 HOH A O   1 
HETATM 1136 O  O   . HOH L 5 .   ? -4.822  9.357   8.867   1.00 62.13  ? 379 HOH A O   1 
HETATM 1137 O  O   . HOH L 5 .   ? -3.188  -15.554 1.924   1.00 65.19  ? 380 HOH A O   1 
HETATM 1138 O  O   . HOH L 5 .   ? 17.811  7.748   5.073   1.00 94.96  ? 381 HOH A O   1 
HETATM 1139 O  O   . HOH L 5 .   ? 10.803  -0.483  4.114   1.00 57.25  ? 382 HOH A O   1 
HETATM 1140 O  O   . HOH L 5 .   ? 18.901  1.269   -6.355  1.00 76.63  ? 383 HOH A O   1 
HETATM 1141 O  O   . HOH L 5 .   ? -0.060  7.877   -0.443  1.00 81.81  ? 384 HOH A O   1 
HETATM 1142 O  O   . HOH L 5 .   ? -7.237  0.721   -10.033 1.00 86.95  ? 385 HOH A O   1 
HETATM 1143 O  O   . HOH L 5 .   ? -1.176  9.280   3.061   1.00 59.87  ? 386 HOH A O   1 
HETATM 1144 O  O   . HOH L 5 .   ? 2.057   10.946  0.997   1.00 83.62  ? 387 HOH A O   1 
HETATM 1145 O  O   . HOH L 5 .   ? -17.055 7.852   7.111   1.00 68.36  ? 388 HOH A O   1 
HETATM 1146 O  O   . HOH L 5 .   ? 14.722  -4.321  8.240   1.00 97.77  ? 389 HOH A O   1 
HETATM 1147 O  O   . HOH L 5 .   ? 12.625  -7.861  10.539  1.00 97.92  ? 390 HOH A O   1 
# 
